data_1SC6
#
_entry.id   1SC6
#
_cell.length_a   74.487
_cell.length_b   70.842
_cell.length_c   149.468
_cell.angle_alpha   90.00
_cell.angle_beta   95.39
_cell.angle_gamma   90.00
#
_symmetry.space_group_name_H-M   'P 1 21 1'
#
loop_
_entity.id
_entity.type
_entity.pdbx_description
1 polymer 'D-3-phosphoglycerate dehydrogenase'
2 non-polymer NICOTINAMIDE-ADENINE-DINUCLEOTIDE
3 water water
#
_entity_poly.entity_id   1
_entity_poly.type   'polypeptide(L)'
_entity_poly.pdbx_seq_one_letter_code
;EKDKIKFLLVEGVHQKALESLRAAGYTNIEFHKGALDDEQLKESIRDAHFIGLRSRTHLTEDVINAAEKLVAIGAFAIGT
NQVDLDAAAKRGIPVFNAPFSNTRSVAELVIGELLLLLRGVPEANAKAHRGVGNKLAAGSFEARGKKLGIIGYGHIGTQL
GILAESLG(MSE)YVYFYDIENKLPLGNATQVQHLSDLLN(MSE)SDVVSLHVPENPSTKN(MSE)(MSE)GAKEISL
(MSE)KPGSLLINASRGTVVDIPALADALASKHLAGAAIDVFPTEPATNSDPFTSPLAEFDNVLLTPHIGGSTQEAQENI
GLEVAGKLIKYSDNGSTLSAVNFPEVSLPLHGGRRL(MSE)HIHENRPGVLTALNKIFAEQGVNIAAQYLQTSAQ(MSE)
GYVVIDIEADEDVAEKALQA(MSE)KAIPGTIRARLLY
;
_entity_poly.pdbx_strand_id   A,B,C,D
#
loop_
_chem_comp.id
_chem_comp.type
_chem_comp.name
_chem_comp.formula
NAD non-polymer NICOTINAMIDE-ADENINE-DINUCLEOTIDE 'C21 H27 N7 O14 P2'
#
# COMPACT_ATOMS: atom_id res chain seq x y z
N GLU A 1 -23.84 9.78 -32.25
CA GLU A 1 -22.92 10.80 -31.66
C GLU A 1 -22.84 11.99 -32.60
N LYS A 2 -23.65 12.43 -33.52
CA LYS A 2 -24.02 13.49 -34.46
C LYS A 2 -23.55 14.86 -34.01
N ASP A 3 -23.53 15.77 -34.91
CA ASP A 3 -23.01 17.04 -34.47
C ASP A 3 -24.11 17.99 -34.03
N LYS A 4 -25.34 17.64 -34.34
CA LYS A 4 -26.48 18.48 -34.02
C LYS A 4 -26.89 18.35 -32.55
N ILE A 5 -26.05 17.68 -31.77
CA ILE A 5 -26.28 17.48 -30.36
C ILE A 5 -25.50 18.55 -29.61
N LYS A 6 -26.17 19.53 -29.03
CA LYS A 6 -25.49 20.60 -28.31
C LYS A 6 -25.38 20.38 -26.81
N PHE A 7 -24.20 20.69 -26.27
CA PHE A 7 -23.93 20.56 -24.86
C PHE A 7 -23.66 21.92 -24.25
N LEU A 8 -24.50 22.32 -23.29
CA LEU A 8 -24.32 23.58 -22.62
C LEU A 8 -23.72 23.28 -21.26
N LEU A 9 -22.56 23.85 -20.99
CA LEU A 9 -21.88 23.62 -19.71
C LEU A 9 -21.59 24.96 -19.05
N VAL A 10 -22.08 25.13 -17.82
CA VAL A 10 -21.89 26.37 -17.09
C VAL A 10 -21.21 26.18 -15.73
N GLU A 11 -20.69 27.27 -15.19
CA GLU A 11 -20.00 27.24 -13.91
C GLU A 11 -18.69 26.48 -14.00
N GLY A 12 -18.17 26.38 -15.22
CA GLY A 12 -16.91 25.72 -15.47
C GLY A 12 -16.74 24.30 -14.95
N VAL A 13 -17.25 23.32 -15.69
CA VAL A 13 -17.10 21.93 -15.28
C VAL A 13 -15.66 21.58 -15.64
N HIS A 14 -15.11 20.55 -14.99
CA HIS A 14 -13.73 20.14 -15.24
C HIS A 14 -13.46 19.76 -16.69
N GLN A 15 -12.29 20.14 -17.20
CA GLN A 15 -11.91 19.83 -18.57
C GLN A 15 -12.01 18.36 -18.91
N LYS A 16 -11.82 17.50 -17.91
CA LYS A 16 -11.89 16.06 -18.12
C LYS A 16 -13.27 15.73 -18.70
N ALA A 17 -14.30 16.43 -18.23
CA ALA A 17 -15.65 16.23 -18.72
C ALA A 17 -15.72 16.49 -20.22
N LEU A 18 -15.10 17.57 -20.67
CA LEU A 18 -15.11 17.90 -22.09
C LEU A 18 -14.29 16.87 -22.88
N GLU A 19 -13.12 16.52 -22.35
CA GLU A 19 -12.27 15.52 -23.00
C GLU A 19 -13.06 14.23 -23.20
N SER A 20 -13.90 13.92 -22.22
CA SER A 20 -14.73 12.73 -22.26
C SER A 20 -15.80 12.84 -23.34
N LEU A 21 -16.47 13.99 -23.39
CA LEU A 21 -17.51 14.23 -24.39
C LEU A 21 -16.92 14.14 -25.80
N ARG A 22 -15.82 14.87 -26.04
CA ARG A 22 -15.19 14.87 -27.35
C ARG A 22 -14.78 13.45 -27.76
N ALA A 23 -14.11 12.75 -26.87
CA ALA A 23 -13.67 11.39 -27.14
C ALA A 23 -14.86 10.52 -27.54
N ALA A 24 -16.02 10.87 -27.02
CA ALA A 24 -17.24 10.12 -27.32
C ALA A 24 -17.87 10.62 -28.61
N GLY A 25 -17.24 11.63 -29.22
CA GLY A 25 -17.76 12.17 -30.47
C GLY A 25 -18.71 13.34 -30.33
N TYR A 26 -18.81 13.90 -29.14
CA TYR A 26 -19.69 15.04 -28.90
C TYR A 26 -18.86 16.32 -28.77
N THR A 27 -18.64 17.00 -29.89
CA THR A 27 -17.84 18.22 -29.91
C THR A 27 -18.62 19.52 -29.79
N ASN A 28 -19.90 19.48 -30.19
CA ASN A 28 -20.76 20.65 -30.12
C ASN A 28 -20.90 21.08 -28.65
N ILE A 29 -19.91 21.81 -28.16
CA ILE A 29 -19.91 22.22 -26.76
C ILE A 29 -19.81 23.73 -26.51
N GLU A 30 -20.66 24.25 -25.64
CA GLU A 30 -20.63 25.66 -25.29
C GLU A 30 -20.18 25.70 -23.83
N PHE A 31 -18.92 26.04 -23.62
CA PHE A 31 -18.38 26.09 -22.28
C PHE A 31 -18.43 27.48 -21.67
N HIS A 32 -18.56 27.53 -20.35
CA HIS A 32 -18.61 28.78 -19.61
C HIS A 32 -17.91 28.62 -18.27
N LYS A 33 -16.93 29.48 -18.00
CA LYS A 33 -16.17 29.43 -16.76
C LYS A 33 -17.07 29.55 -15.53
N GLY A 34 -18.14 30.32 -15.65
CA GLY A 34 -19.04 30.50 -14.52
C GLY A 34 -20.51 30.50 -14.88
N ALA A 35 -21.35 30.74 -13.88
CA ALA A 35 -22.80 30.77 -14.07
C ALA A 35 -23.25 31.93 -14.95
N LEU A 36 -24.45 31.82 -15.50
CA LEU A 36 -25.00 32.86 -16.37
C LEU A 36 -26.24 33.48 -15.75
N ASP A 37 -26.52 34.74 -16.13
CA ASP A 37 -27.70 35.43 -15.62
C ASP A 37 -28.95 34.83 -16.25
N ASP A 38 -30.10 35.06 -15.62
CA ASP A 38 -31.37 34.52 -16.13
C ASP A 38 -31.58 34.77 -17.62
N GLU A 39 -31.13 35.92 -18.11
CA GLU A 39 -31.29 36.26 -19.51
C GLU A 39 -30.38 35.41 -20.39
N GLN A 40 -29.11 35.29 -20.01
CA GLN A 40 -28.17 34.51 -20.79
C GLN A 40 -28.49 33.02 -20.78
N LEU A 41 -28.85 32.50 -19.61
CA LEU A 41 -29.18 31.09 -19.46
C LEU A 41 -30.29 30.66 -20.41
N LYS A 42 -31.42 31.36 -20.37
CA LYS A 42 -32.55 31.03 -21.23
C LYS A 42 -32.16 31.10 -22.70
N GLU A 43 -31.29 32.06 -23.03
CA GLU A 43 -30.83 32.25 -24.39
C GLU A 43 -29.97 31.08 -24.86
N SER A 44 -29.07 30.63 -24.00
CA SER A 44 -28.17 29.53 -24.33
C SER A 44 -28.82 28.15 -24.30
N ILE A 45 -29.59 27.89 -23.26
CA ILE A 45 -30.26 26.59 -23.10
C ILE A 45 -31.43 26.43 -24.07
N ARG A 46 -31.57 27.38 -25.00
CA ARG A 46 -32.65 27.35 -25.96
C ARG A 46 -32.61 26.16 -26.91
N ASP A 47 -31.48 25.97 -27.59
CA ASP A 47 -31.36 24.84 -28.52
C ASP A 47 -30.38 23.79 -28.01
N ALA A 48 -30.25 23.70 -26.69
CA ALA A 48 -29.35 22.73 -26.08
C ALA A 48 -30.00 21.39 -25.80
N HIS A 49 -29.37 20.31 -26.27
CA HIS A 49 -29.89 18.97 -26.02
C HIS A 49 -29.52 18.53 -24.60
N PHE A 50 -28.34 18.93 -24.15
CA PHE A 50 -27.88 18.60 -22.82
C PHE A 50 -27.32 19.83 -22.13
N ILE A 51 -27.48 19.89 -20.81
CA ILE A 51 -26.92 20.98 -20.03
C ILE A 51 -26.25 20.39 -18.79
N GLY A 52 -25.06 20.92 -18.48
CA GLY A 52 -24.33 20.48 -17.31
C GLY A 52 -24.11 21.70 -16.44
N LEU A 53 -24.51 21.61 -15.18
CA LEU A 53 -24.37 22.75 -14.29
C LEU A 53 -23.83 22.33 -12.95
N ARG A 54 -23.68 23.31 -12.05
CA ARG A 54 -23.18 23.03 -10.72
C ARG A 54 -24.18 23.57 -9.69
N SER A 55 -23.68 24.25 -8.66
CA SER A 55 -24.58 24.77 -7.63
C SER A 55 -25.12 26.16 -7.90
N ARG A 56 -24.32 27.00 -8.57
CA ARG A 56 -24.72 28.37 -8.85
C ARG A 56 -25.58 28.52 -10.12
N THR A 57 -26.51 27.59 -10.31
CA THR A 57 -27.41 27.66 -11.47
C THR A 57 -28.76 27.13 -11.05
N HIS A 58 -29.78 27.99 -11.18
CA HIS A 58 -31.14 27.62 -10.81
C HIS A 58 -31.98 27.22 -12.00
N LEU A 59 -32.11 25.91 -12.20
CA LEU A 59 -32.90 25.41 -13.32
C LEU A 59 -34.34 25.27 -12.88
N THR A 60 -35.09 26.37 -13.01
CA THR A 60 -36.49 26.42 -12.62
C THR A 60 -37.39 25.88 -13.72
N GLU A 61 -38.65 25.65 -13.39
CA GLU A 61 -39.62 25.14 -14.35
C GLU A 61 -39.69 26.06 -15.56
N ASP A 62 -39.64 27.37 -15.31
CA ASP A 62 -39.69 28.35 -16.38
C ASP A 62 -38.52 28.14 -17.33
N VAL A 63 -37.32 28.07 -16.77
CA VAL A 63 -36.12 27.86 -17.57
C VAL A 63 -36.22 26.55 -18.35
N ILE A 64 -36.58 25.48 -17.65
CA ILE A 64 -36.71 24.17 -18.27
C ILE A 64 -37.70 24.16 -19.45
N ASN A 65 -38.94 24.59 -19.22
CA ASN A 65 -39.93 24.61 -20.27
C ASN A 65 -39.52 25.52 -21.42
N ALA A 66 -38.78 26.58 -21.09
CA ALA A 66 -38.31 27.52 -22.10
C ALA A 66 -37.43 26.76 -23.10
N ALA A 67 -36.71 25.75 -22.61
CA ALA A 67 -35.83 24.93 -23.44
C ALA A 67 -36.67 23.93 -24.24
N GLU A 68 -36.56 23.99 -25.56
CA GLU A 68 -37.34 23.09 -26.43
C GLU A 68 -36.57 21.90 -27.00
N LYS A 69 -35.32 21.71 -26.59
CA LYS A 69 -34.52 20.60 -27.11
C LYS A 69 -33.83 19.79 -26.02
N LEU A 70 -34.11 20.14 -24.77
CA LEU A 70 -33.49 19.48 -23.62
C LEU A 70 -33.90 18.01 -23.45
N VAL A 71 -32.91 17.10 -23.47
CA VAL A 71 -33.20 15.68 -23.28
C VAL A 71 -32.72 15.20 -21.92
N ALA A 72 -31.67 15.82 -21.39
CA ALA A 72 -31.15 15.44 -20.08
C ALA A 72 -30.33 16.54 -19.43
N ILE A 73 -30.31 16.50 -18.10
CA ILE A 73 -29.59 17.48 -17.30
C ILE A 73 -28.46 16.82 -16.50
N GLY A 74 -27.29 17.43 -16.55
CA GLY A 74 -26.16 16.92 -15.81
C GLY A 74 -25.82 17.81 -14.63
N ALA A 75 -26.05 17.32 -13.41
CA ALA A 75 -25.71 18.10 -12.24
C ALA A 75 -24.34 17.63 -11.80
N PHE A 76 -23.32 18.36 -12.21
CA PHE A 76 -21.94 18.04 -11.87
C PHE A 76 -21.66 18.35 -10.41
N ALA A 77 -22.25 17.54 -9.54
CA ALA A 77 -22.11 17.66 -8.09
C ALA A 77 -22.93 16.55 -7.44
N ILE A 78 -22.93 16.54 -6.10
CA ILE A 78 -23.70 15.54 -5.37
C ILE A 78 -25.15 16.01 -5.23
N GLY A 79 -25.31 17.27 -4.82
CA GLY A 79 -26.64 17.82 -4.65
C GLY A 79 -27.29 18.25 -5.94
N THR A 80 -28.61 18.42 -5.88
CA THR A 80 -29.41 18.85 -7.03
C THR A 80 -30.52 19.76 -6.53
N ASN A 81 -30.26 20.47 -5.44
CA ASN A 81 -31.23 21.39 -4.85
C ASN A 81 -31.59 22.49 -5.85
N GLN A 82 -30.62 22.87 -6.66
CA GLN A 82 -30.76 23.94 -7.65
C GLN A 82 -31.59 23.63 -8.90
N VAL A 83 -31.98 22.38 -9.08
CA VAL A 83 -32.75 22.00 -10.26
C VAL A 83 -34.16 21.55 -9.90
N ASP A 84 -35.14 21.99 -10.68
CA ASP A 84 -36.52 21.59 -10.41
C ASP A 84 -36.73 20.18 -10.93
N LEU A 85 -36.46 19.20 -10.07
CA LEU A 85 -36.57 17.79 -10.40
C LEU A 85 -37.91 17.39 -11.04
N ASP A 86 -39.02 17.77 -10.41
CA ASP A 86 -40.34 17.45 -10.91
C ASP A 86 -40.61 18.08 -12.28
N ALA A 87 -40.17 19.32 -12.46
CA ALA A 87 -40.38 20.02 -13.72
C ALA A 87 -39.67 19.30 -14.86
N ALA A 88 -38.46 18.81 -14.59
CA ALA A 88 -37.69 18.10 -15.59
C ALA A 88 -38.35 16.77 -15.92
N ALA A 89 -38.76 16.05 -14.87
CA ALA A 89 -39.41 14.75 -15.02
C ALA A 89 -40.69 14.83 -15.85
N LYS A 90 -41.48 15.88 -15.61
CA LYS A 90 -42.73 16.06 -16.35
C LYS A 90 -42.48 16.27 -17.84
N ARG A 91 -41.28 16.75 -18.17
CA ARG A 91 -40.90 16.97 -19.55
C ARG A 91 -40.15 15.75 -20.11
N GLY A 92 -40.01 14.71 -19.29
CA GLY A 92 -39.29 13.52 -19.72
C GLY A 92 -37.80 13.81 -19.83
N ILE A 93 -37.30 14.60 -18.88
CA ILE A 93 -35.90 15.00 -18.82
C ILE A 93 -35.24 14.46 -17.56
N PRO A 94 -34.40 13.43 -17.70
CA PRO A 94 -33.75 12.88 -16.51
C PRO A 94 -32.63 13.78 -15.99
N VAL A 95 -32.45 13.77 -14.67
CA VAL A 95 -31.40 14.54 -14.02
C VAL A 95 -30.36 13.60 -13.41
N PHE A 96 -29.11 13.74 -13.85
CA PHE A 96 -28.01 12.90 -13.36
C PHE A 96 -27.03 13.68 -12.47
N ASN A 97 -26.65 13.12 -11.33
CA ASN A 97 -25.71 13.77 -10.43
C ASN A 97 -24.46 12.87 -10.32
N ALA A 98 -23.55 13.19 -9.41
CA ALA A 98 -22.33 12.40 -9.24
C ALA A 98 -22.44 11.63 -7.93
N PRO A 99 -23.15 10.49 -7.95
CA PRO A 99 -23.36 9.64 -6.78
C PRO A 99 -22.12 9.08 -6.09
N PHE A 100 -21.11 8.67 -6.85
CA PHE A 100 -19.95 8.06 -6.23
C PHE A 100 -18.59 8.74 -6.37
N SER A 101 -18.59 10.00 -6.79
CA SER A 101 -17.31 10.68 -6.95
C SER A 101 -16.58 10.95 -5.65
N ASN A 102 -17.31 11.08 -4.55
CA ASN A 102 -16.67 11.34 -3.26
C ASN A 102 -16.31 10.09 -2.47
N THR A 103 -16.41 8.92 -3.11
CA THR A 103 -16.13 7.66 -2.43
C THR A 103 -14.77 7.64 -1.73
N ARG A 104 -13.71 7.90 -2.49
CA ARG A 104 -12.36 7.90 -1.95
C ARG A 104 -12.17 8.88 -0.82
N SER A 105 -12.76 10.06 -0.98
CA SER A 105 -12.65 11.10 0.03
C SER A 105 -13.24 10.67 1.37
N VAL A 106 -14.38 9.99 1.35
CA VAL A 106 -14.99 9.55 2.60
C VAL A 106 -14.11 8.47 3.25
N ALA A 107 -13.63 7.53 2.45
CA ALA A 107 -12.78 6.46 2.97
C ALA A 107 -11.54 7.06 3.64
N GLU A 108 -10.95 8.07 2.99
CA GLU A 108 -9.78 8.75 3.56
C GLU A 108 -10.13 9.40 4.88
N LEU A 109 -11.29 10.04 4.93
CA LEU A 109 -11.74 10.72 6.14
C LEU A 109 -11.88 9.75 7.32
N VAL A 110 -12.45 8.57 7.06
CA VAL A 110 -12.62 7.57 8.11
C VAL A 110 -11.27 7.18 8.68
N ILE A 111 -10.30 6.95 7.80
CA ILE A 111 -8.96 6.58 8.26
C ILE A 111 -8.39 7.68 9.18
N GLY A 112 -8.51 8.94 8.75
CA GLY A 112 -7.99 10.04 9.57
C GLY A 112 -8.66 10.12 10.94
N GLU A 113 -9.97 9.94 10.95
CA GLU A 113 -10.75 9.99 12.19
C GLU A 113 -10.37 8.89 13.17
N LEU A 114 -10.36 7.64 12.70
CA LEU A 114 -10.03 6.54 13.58
C LEU A 114 -8.59 6.65 14.11
N LEU A 115 -7.65 7.12 13.29
CA LEU A 115 -6.27 7.27 13.73
C LEU A 115 -6.19 8.24 14.90
N LEU A 116 -6.83 9.40 14.76
CA LEU A 116 -6.78 10.38 15.85
C LEU A 116 -7.63 9.98 17.06
N LEU A 117 -8.80 9.39 16.81
CA LEU A 117 -9.66 8.99 17.93
C LEU A 117 -9.00 7.90 18.75
N LEU A 118 -8.35 6.96 18.05
CA LEU A 118 -7.66 5.85 18.69
C LEU A 118 -6.58 6.34 19.65
N ARG A 119 -5.99 7.48 19.35
CA ARG A 119 -4.93 8.03 20.20
C ARG A 119 -5.44 9.07 21.20
N GLY A 120 -6.73 9.40 21.13
CA GLY A 120 -7.29 10.38 22.03
C GLY A 120 -6.94 11.82 21.65
N VAL A 121 -6.51 12.03 20.41
CA VAL A 121 -6.13 13.37 19.97
C VAL A 121 -7.24 14.44 20.03
N PRO A 122 -8.47 14.11 19.59
CA PRO A 122 -9.51 15.13 19.64
C PRO A 122 -9.68 15.72 21.05
N GLU A 123 -9.72 14.85 22.05
CA GLU A 123 -9.87 15.30 23.42
C GLU A 123 -8.66 16.13 23.90
N ALA A 124 -7.46 15.60 23.72
CA ALA A 124 -6.26 16.33 24.13
C ALA A 124 -6.19 17.68 23.40
N ASN A 125 -6.62 17.70 22.14
CA ASN A 125 -6.59 18.94 21.38
C ASN A 125 -7.58 19.97 21.95
N ALA A 126 -8.79 19.53 22.26
CA ALA A 126 -9.81 20.41 22.83
C ALA A 126 -9.36 20.98 24.17
N LYS A 127 -8.75 20.14 25.01
CA LYS A 127 -8.29 20.61 26.30
C LYS A 127 -7.14 21.62 26.13
N ALA A 128 -6.22 21.30 25.21
CA ALA A 128 -5.08 22.16 24.93
C ALA A 128 -5.49 23.58 24.53
N HIS A 129 -6.49 23.69 23.65
CA HIS A 129 -6.93 25.02 23.24
C HIS A 129 -7.68 25.75 24.35
N ARG A 130 -8.02 25.03 25.41
CA ARG A 130 -8.73 25.64 26.54
C ARG A 130 -7.80 26.00 27.69
N GLY A 131 -6.59 25.49 27.66
CA GLY A 131 -5.64 25.76 28.73
C GLY A 131 -5.54 24.58 29.66
N VAL A 132 -6.64 23.83 29.77
CA VAL A 132 -6.69 22.65 30.64
C VAL A 132 -5.59 21.69 30.19
N GLY A 133 -5.00 20.99 31.17
CA GLY A 133 -3.94 20.04 30.84
C GLY A 133 -4.45 18.63 30.60
N ASN A 134 -3.57 17.75 30.17
CA ASN A 134 -3.92 16.35 29.91
C ASN A 134 -3.71 15.52 31.17
N SER A 140 -4.59 5.33 24.51
CA SER A 140 -3.80 5.52 23.31
C SER A 140 -3.38 4.15 22.75
N PHE A 141 -3.79 3.87 21.52
CA PHE A 141 -3.46 2.60 20.88
C PHE A 141 -3.20 2.73 19.38
N GLU A 142 -2.19 2.00 18.90
CA GLU A 142 -1.84 2.00 17.48
C GLU A 142 -2.98 1.36 16.70
N ALA A 143 -3.13 1.73 15.43
CA ALA A 143 -4.19 1.15 14.61
C ALA A 143 -3.74 -0.20 14.08
N ARG A 144 -2.43 -0.32 13.86
CA ARG A 144 -1.85 -1.56 13.36
C ARG A 144 -2.23 -2.70 14.30
N GLY A 145 -2.74 -3.79 13.75
CA GLY A 145 -3.14 -4.92 14.57
C GLY A 145 -4.56 -4.86 15.10
N LYS A 146 -5.27 -3.76 14.89
CA LYS A 146 -6.64 -3.66 15.39
C LYS A 146 -7.62 -4.20 14.34
N LYS A 147 -8.85 -4.50 14.76
CA LYS A 147 -9.85 -5.00 13.84
C LYS A 147 -10.83 -3.88 13.46
N LEU A 148 -11.08 -3.71 12.16
CA LEU A 148 -12.00 -2.68 11.68
C LEU A 148 -13.25 -3.42 11.24
N GLY A 149 -14.40 -3.01 11.78
CA GLY A 149 -15.66 -3.62 11.42
C GLY A 149 -16.39 -2.69 10.47
N ILE A 150 -16.55 -3.12 9.23
CA ILE A 150 -17.24 -2.28 8.26
C ILE A 150 -18.68 -2.72 7.99
N ILE A 151 -19.63 -1.85 8.30
CA ILE A 151 -21.04 -2.15 8.06
C ILE A 151 -21.41 -1.50 6.74
N GLY A 152 -21.59 -2.32 5.71
CA GLY A 152 -21.90 -1.80 4.40
C GLY A 152 -20.64 -1.86 3.56
N TYR A 153 -20.45 -2.97 2.85
CA TYR A 153 -19.28 -3.16 2.03
C TYR A 153 -19.52 -2.83 0.55
N GLY A 154 -19.82 -1.56 0.29
CA GLY A 154 -20.07 -1.11 -1.07
C GLY A 154 -18.92 -0.26 -1.58
N HIS A 155 -19.23 0.82 -2.28
CA HIS A 155 -18.19 1.68 -2.83
C HIS A 155 -17.19 2.17 -1.79
N ILE A 156 -17.70 2.84 -0.76
CA ILE A 156 -16.85 3.35 0.31
C ILE A 156 -16.29 2.22 1.16
N GLY A 157 -17.16 1.32 1.61
CA GLY A 157 -16.71 0.20 2.43
C GLY A 157 -15.48 -0.50 1.86
N THR A 158 -15.53 -0.82 0.57
CA THR A 158 -14.43 -1.49 -0.11
C THR A 158 -13.14 -0.66 -0.13
N GLN A 159 -13.20 0.61 -0.54
N GLN A 159 -13.20 0.61 -0.54
CA GLN A 159 -12.00 1.44 -0.57
CA GLN A 159 -12.00 1.44 -0.57
C GLN A 159 -11.45 1.63 0.84
C GLN A 159 -11.45 1.63 0.84
N LEU A 160 -12.34 1.75 1.81
CA LEU A 160 -11.93 1.91 3.21
C LEU A 160 -11.13 0.69 3.66
N GLY A 161 -11.65 -0.49 3.34
CA GLY A 161 -10.98 -1.73 3.71
C GLY A 161 -9.57 -1.83 3.14
N ILE A 162 -9.40 -1.39 1.91
CA ILE A 162 -8.09 -1.42 1.28
C ILE A 162 -7.13 -0.50 2.04
N LEU A 163 -7.58 0.69 2.38
CA LEU A 163 -6.73 1.63 3.11
C LEU A 163 -6.41 1.10 4.52
N ALA A 164 -7.38 0.48 5.17
CA ALA A 164 -7.17 -0.04 6.52
C ALA A 164 -6.14 -1.17 6.52
N GLU A 165 -6.23 -2.07 5.56
CA GLU A 165 -5.26 -3.16 5.50
C GLU A 165 -3.87 -2.58 5.24
N SER A 166 -3.76 -1.52 4.45
CA SER A 166 -2.44 -0.96 4.19
C SER A 166 -1.90 -0.35 5.49
N LEU A 167 -2.80 -0.01 6.42
CA LEU A 167 -2.38 0.53 7.71
C LEU A 167 -2.16 -0.60 8.72
N GLY A 168 -2.21 -1.84 8.24
CA GLY A 168 -2.00 -2.97 9.14
C GLY A 168 -3.17 -3.39 10.00
N MSE A 169 -4.37 -2.96 9.63
CA MSE A 169 -5.55 -3.34 10.41
C MSE A 169 -6.13 -4.60 9.79
O MSE A 169 -5.88 -4.91 8.63
CB MSE A 169 -6.63 -2.25 10.36
CG MSE A 169 -6.21 -0.91 10.98
SE MSE A 169 -7.70 0.35 11.02
CE MSE A 169 -8.43 -0.11 12.75
N TYR A 170 -6.92 -5.34 10.58
CA TYR A 170 -7.57 -6.55 10.09
C TYR A 170 -9.00 -6.13 9.78
N VAL A 171 -9.44 -6.38 8.55
CA VAL A 171 -10.75 -5.96 8.12
C VAL A 171 -11.83 -7.02 8.03
N TYR A 172 -12.95 -6.75 8.68
CA TYR A 172 -14.11 -7.64 8.70
C TYR A 172 -15.30 -6.78 8.31
N PHE A 173 -16.26 -7.34 7.58
CA PHE A 173 -17.41 -6.56 7.17
C PHE A 173 -18.74 -7.32 7.20
N TYR A 174 -19.81 -6.56 7.47
CA TYR A 174 -21.15 -7.10 7.52
C TYR A 174 -21.92 -6.42 6.41
N ASP A 175 -22.64 -7.20 5.63
CA ASP A 175 -23.43 -6.67 4.53
C ASP A 175 -24.62 -7.63 4.33
N ILE A 176 -25.78 -7.09 3.99
CA ILE A 176 -26.96 -7.92 3.80
C ILE A 176 -26.88 -8.79 2.55
N GLU A 177 -25.98 -8.44 1.64
CA GLU A 177 -25.80 -9.21 0.42
C GLU A 177 -24.39 -9.79 0.45
N ASN A 178 -24.20 -10.95 -0.18
CA ASN A 178 -22.88 -11.57 -0.20
C ASN A 178 -21.95 -10.74 -1.07
N LYS A 179 -20.72 -10.53 -0.59
CA LYS A 179 -19.77 -9.74 -1.34
C LYS A 179 -18.47 -10.49 -1.57
N LEU A 180 -17.79 -10.16 -2.67
CA LEU A 180 -16.50 -10.76 -2.97
C LEU A 180 -15.52 -9.85 -2.23
N PRO A 181 -14.94 -10.34 -1.13
CA PRO A 181 -14.01 -9.50 -0.38
C PRO A 181 -12.70 -9.22 -1.14
N LEU A 182 -12.15 -8.03 -0.93
CA LEU A 182 -10.90 -7.64 -1.56
C LEU A 182 -9.79 -7.76 -0.51
N GLY A 183 -8.57 -8.07 -0.96
CA GLY A 183 -7.48 -8.21 -0.01
C GLY A 183 -7.81 -9.29 1.01
N ASN A 184 -7.44 -9.08 2.27
CA ASN A 184 -7.70 -10.06 3.31
C ASN A 184 -9.02 -9.78 4.03
N ALA A 185 -9.90 -8.99 3.43
CA ALA A 185 -11.17 -8.68 4.08
C ALA A 185 -12.00 -9.94 4.33
N THR A 186 -12.71 -9.99 5.46
CA THR A 186 -13.52 -11.14 5.82
C THR A 186 -15.00 -10.77 6.04
N GLN A 187 -15.91 -11.46 5.36
CA GLN A 187 -17.33 -11.18 5.55
C GLN A 187 -17.82 -11.90 6.81
N VAL A 188 -18.52 -11.18 7.67
CA VAL A 188 -19.06 -11.73 8.90
C VAL A 188 -20.58 -11.81 8.76
N GLN A 189 -21.12 -13.02 8.91
CA GLN A 189 -22.56 -13.22 8.75
C GLN A 189 -23.45 -12.53 9.77
N HIS A 190 -23.09 -12.56 11.04
CA HIS A 190 -23.92 -11.93 12.05
C HIS A 190 -23.38 -10.62 12.60
N LEU A 191 -24.21 -9.58 12.50
CA LEU A 191 -23.85 -8.24 12.96
C LEU A 191 -23.30 -8.29 14.38
N SER A 192 -23.99 -9.00 15.27
CA SER A 192 -23.56 -9.10 16.65
C SER A 192 -22.11 -9.57 16.75
N ASP A 193 -21.71 -10.46 15.85
CA ASP A 193 -20.34 -10.98 15.85
C ASP A 193 -19.35 -9.89 15.42
N LEU A 194 -19.64 -9.22 14.31
CA LEU A 194 -18.74 -8.15 13.84
C LEU A 194 -18.64 -7.09 14.95
N LEU A 195 -19.79 -6.80 15.56
CA LEU A 195 -19.86 -5.82 16.63
C LEU A 195 -19.03 -6.20 17.86
N ASN A 196 -19.01 -7.48 18.21
CA ASN A 196 -18.26 -7.91 19.38
C ASN A 196 -16.74 -7.94 19.19
N MSE A 197 -16.29 -8.21 17.97
CA MSE A 197 -14.86 -8.29 17.68
C MSE A 197 -14.16 -6.99 17.29
O MSE A 197 -12.95 -6.87 17.46
CB MSE A 197 -14.63 -9.29 16.55
CG MSE A 197 -15.27 -8.85 15.24
SE MSE A 197 -14.78 -9.96 13.74
CE MSE A 197 -15.59 -11.60 14.35
N SER A 198 -14.92 -6.02 16.78
CA SER A 198 -14.34 -4.76 16.30
C SER A 198 -13.82 -3.73 17.29
N ASP A 199 -12.64 -3.20 16.99
CA ASP A 199 -12.05 -2.13 17.80
C ASP A 199 -12.61 -0.81 17.24
N VAL A 200 -12.94 -0.82 15.96
CA VAL A 200 -13.51 0.34 15.30
C VAL A 200 -14.62 -0.13 14.38
N VAL A 201 -15.78 0.53 14.43
CA VAL A 201 -16.89 0.15 13.56
C VAL A 201 -17.25 1.40 12.74
N SER A 202 -17.29 1.24 11.43
CA SER A 202 -17.61 2.34 10.53
C SER A 202 -18.83 1.96 9.72
N LEU A 203 -19.77 2.90 9.59
CA LEU A 203 -21.02 2.65 8.86
C LEU A 203 -21.02 3.26 7.46
N HIS A 204 -21.33 2.43 6.46
CA HIS A 204 -21.39 2.89 5.08
C HIS A 204 -22.56 2.22 4.38
N VAL A 205 -23.76 2.49 4.90
CA VAL A 205 -24.99 1.95 4.36
C VAL A 205 -25.91 3.08 3.94
N PRO A 206 -26.87 2.79 3.04
CA PRO A 206 -27.80 3.83 2.60
C PRO A 206 -28.86 4.11 3.65
N GLU A 207 -29.72 5.08 3.37
CA GLU A 207 -30.79 5.45 4.28
C GLU A 207 -32.14 4.81 3.92
N ASN A 208 -32.29 3.51 4.21
CA ASN A 208 -33.53 2.81 3.91
C ASN A 208 -34.05 2.09 5.16
N PRO A 209 -35.29 1.55 5.10
CA PRO A 209 -35.87 0.85 6.25
C PRO A 209 -34.99 -0.19 6.93
N SER A 210 -34.21 -0.94 6.16
CA SER A 210 -33.35 -1.96 6.76
C SER A 210 -32.25 -1.36 7.62
N THR A 211 -31.93 -0.09 7.39
CA THR A 211 -30.87 0.57 8.15
C THR A 211 -31.35 1.58 9.19
N LYS A 212 -32.63 1.93 9.14
CA LYS A 212 -33.21 2.88 10.09
C LYS A 212 -32.82 2.52 11.52
N ASN A 213 -32.03 3.40 12.15
CA ASN A 213 -31.56 3.19 13.52
C ASN A 213 -31.09 1.76 13.80
N MSE A 214 -30.34 1.19 12.85
CA MSE A 214 -29.83 -0.17 13.02
C MSE A 214 -28.77 -0.22 14.11
O MSE A 214 -28.43 -1.29 14.60
CB MSE A 214 -29.25 -0.70 11.71
CG MSE A 214 -27.93 -0.06 11.30
SE MSE A 214 -27.32 -0.75 9.60
CE MSE A 214 -26.78 -2.50 10.20
N MSE A 215 -28.24 0.94 14.48
CA MSE A 215 -27.23 1.01 15.52
C MSE A 215 -27.89 1.67 16.73
O MSE A 215 -27.72 2.87 16.99
CB MSE A 215 -26.04 1.85 15.04
CG MSE A 215 -24.68 1.31 15.49
SE MSE A 215 -23.59 0.14 16.25
CE MSE A 215 -24.08 -0.46 14.58
N GLY A 216 -28.66 0.87 17.47
CA GLY A 216 -29.35 1.39 18.64
C GLY A 216 -28.62 1.13 19.94
N ALA A 217 -29.33 1.26 21.04
CA ALA A 217 -28.73 1.04 22.35
C ALA A 217 -28.24 -0.40 22.46
N LYS A 218 -28.99 -1.33 21.88
CA LYS A 218 -28.63 -2.74 21.90
C LYS A 218 -27.36 -3.02 21.10
N GLU A 219 -27.29 -2.47 19.90
CA GLU A 219 -26.13 -2.69 19.04
C GLU A 219 -24.88 -2.10 19.69
N ILE A 220 -25.00 -0.86 20.17
CA ILE A 220 -23.86 -0.20 20.80
C ILE A 220 -23.38 -0.99 22.01
N SER A 221 -24.31 -1.53 22.79
CA SER A 221 -23.95 -2.31 23.97
C SER A 221 -23.17 -3.55 23.55
N LEU A 222 -23.44 -4.03 22.34
CA LEU A 222 -22.77 -5.23 21.80
C LEU A 222 -21.34 -4.94 21.35
N MSE A 223 -21.00 -3.67 21.19
CA MSE A 223 -19.66 -3.28 20.76
C MSE A 223 -18.63 -3.48 21.85
O MSE A 223 -18.92 -3.34 23.04
CB MSE A 223 -19.65 -1.82 20.27
CG MSE A 223 -20.34 -1.62 18.92
SE MSE A 223 -20.36 0.23 18.32
CE MSE A 223 -18.44 0.54 18.28
N LYS A 224 -17.41 -3.82 21.45
CA LYS A 224 -16.33 -4.03 22.39
C LYS A 224 -16.14 -2.81 23.28
N PRO A 225 -15.93 -3.02 24.59
CA PRO A 225 -15.73 -1.88 25.48
C PRO A 225 -14.46 -1.12 25.12
N GLY A 226 -14.57 0.20 24.97
CA GLY A 226 -13.42 1.01 24.61
C GLY A 226 -13.22 1.15 23.11
N SER A 227 -14.22 0.75 22.33
CA SER A 227 -14.15 0.82 20.87
C SER A 227 -14.61 2.17 20.33
N LEU A 228 -14.50 2.35 19.02
CA LEU A 228 -14.91 3.60 18.39
C LEU A 228 -16.00 3.37 17.36
N LEU A 229 -16.92 4.32 17.29
CA LEU A 229 -18.01 4.26 16.34
C LEU A 229 -17.89 5.43 15.37
N ILE A 230 -17.90 5.13 14.09
CA ILE A 230 -17.77 6.16 13.07
C ILE A 230 -18.90 6.10 12.07
N ASN A 231 -19.48 7.24 11.82
CA ASN A 231 -20.59 7.35 10.85
C ASN A 231 -20.30 8.65 10.11
N ALA A 232 -19.38 8.57 9.18
CA ALA A 232 -18.82 9.71 8.47
C ALA A 232 -19.61 10.11 7.26
N SER A 233 -20.86 9.76 7.34
CA SER A 233 -21.87 10.16 6.38
C SER A 233 -23.28 9.89 7.00
N ARG A 234 -24.42 10.22 6.29
CA ARG A 234 -25.80 9.79 6.77
C ARG A 234 -26.48 10.56 7.92
N GLY A 235 -27.51 9.90 8.54
CA GLY A 235 -28.14 10.52 9.70
C GLY A 235 -29.21 9.73 10.43
N THR A 236 -29.63 8.59 9.88
CA THR A 236 -30.67 7.83 10.56
C THR A 236 -30.29 6.41 10.99
N VAL A 237 -29.02 6.05 10.83
CA VAL A 237 -28.58 4.71 11.20
C VAL A 237 -28.11 4.57 12.65
N VAL A 238 -27.77 5.69 13.28
CA VAL A 238 -27.30 5.64 14.65
C VAL A 238 -28.19 6.44 15.60
N ASP A 239 -28.49 5.85 16.74
CA ASP A 239 -29.32 6.50 17.75
C ASP A 239 -28.42 7.40 18.57
N ILE A 240 -28.41 8.69 18.25
CA ILE A 240 -27.56 9.64 18.96
C ILE A 240 -27.72 9.54 20.47
N PRO A 241 -28.97 9.52 20.97
CA PRO A 241 -29.14 9.42 22.43
C PRO A 241 -28.42 8.20 22.99
N ALA A 242 -28.51 7.08 22.30
CA ALA A 242 -27.84 5.86 22.75
C ALA A 242 -26.33 6.08 22.69
N LEU A 243 -25.86 6.78 21.66
CA LEU A 243 -24.44 7.05 21.49
C LEU A 243 -23.88 7.87 22.65
N ALA A 244 -24.58 8.96 22.97
CA ALA A 244 -24.14 9.85 24.06
C ALA A 244 -24.08 9.08 25.37
N ASP A 245 -25.09 8.27 25.63
CA ASP A 245 -25.12 7.47 26.85
C ASP A 245 -23.86 6.59 26.92
N ALA A 246 -23.58 5.90 25.81
CA ALA A 246 -22.43 5.01 25.71
C ALA A 246 -21.10 5.72 25.88
N LEU A 247 -21.05 6.99 25.51
CA LEU A 247 -19.82 7.77 25.63
C LEU A 247 -19.70 8.27 27.06
N ALA A 248 -20.84 8.61 27.64
CA ALA A 248 -20.88 9.10 29.01
C ALA A 248 -20.46 8.01 29.99
N SER A 249 -20.81 6.76 29.67
CA SER A 249 -20.47 5.62 30.51
C SER A 249 -19.09 5.09 30.16
N LYS A 250 -18.50 5.67 29.12
CA LYS A 250 -17.18 5.30 28.63
C LYS A 250 -17.15 3.91 28.00
N HIS A 251 -18.32 3.39 27.69
CA HIS A 251 -18.39 2.09 27.04
C HIS A 251 -17.65 2.25 25.71
N LEU A 252 -17.78 3.43 25.10
CA LEU A 252 -17.09 3.76 23.86
C LEU A 252 -16.03 4.81 24.19
N ALA A 253 -14.86 4.69 23.58
CA ALA A 253 -13.76 5.62 23.80
C ALA A 253 -13.85 6.89 22.96
N GLY A 254 -14.72 6.89 21.95
CA GLY A 254 -14.85 8.07 21.11
C GLY A 254 -15.69 7.78 19.89
N ALA A 255 -15.93 8.80 19.06
CA ALA A 255 -16.72 8.62 17.85
C ALA A 255 -16.60 9.80 16.90
N ALA A 256 -16.94 9.57 15.64
CA ALA A 256 -16.89 10.62 14.63
C ALA A 256 -18.26 10.57 13.97
N ILE A 257 -18.95 11.72 13.96
CA ILE A 257 -20.28 11.78 13.38
C ILE A 257 -20.39 12.95 12.42
N ASP A 258 -20.87 12.67 11.21
CA ASP A 258 -21.04 13.68 10.18
C ASP A 258 -22.16 14.63 10.61
N VAL A 259 -21.86 15.92 10.71
CA VAL A 259 -22.86 16.90 11.13
C VAL A 259 -23.29 17.81 9.99
N ASP A 269 -27.35 22.16 14.03
CA ASP A 269 -27.65 20.74 13.87
C ASP A 269 -28.20 20.14 15.18
N PRO A 270 -29.53 20.14 15.33
CA PRO A 270 -30.19 19.59 16.53
C PRO A 270 -29.92 18.10 16.73
N PHE A 271 -29.58 17.41 15.65
CA PHE A 271 -29.34 15.97 15.72
C PHE A 271 -28.08 15.56 16.47
N THR A 272 -27.00 16.32 16.32
CA THR A 272 -25.76 15.96 16.99
C THR A 272 -25.48 16.77 18.26
N SER A 273 -26.36 17.71 18.58
CA SER A 273 -26.19 18.56 19.76
C SER A 273 -25.85 17.79 21.04
N PRO A 274 -26.47 16.61 21.25
CA PRO A 274 -26.19 15.84 22.47
C PRO A 274 -24.72 15.41 22.56
N LEU A 275 -23.97 15.61 21.48
CA LEU A 275 -22.57 15.20 21.46
C LEU A 275 -21.60 16.37 21.61
N ALA A 276 -22.09 17.59 21.51
CA ALA A 276 -21.24 18.76 21.61
C ALA A 276 -20.44 18.85 22.91
N GLU A 277 -20.90 18.19 23.96
CA GLU A 277 -20.21 18.24 25.25
C GLU A 277 -19.07 17.22 25.35
N PHE A 278 -18.96 16.36 24.34
CA PHE A 278 -17.92 15.33 24.35
C PHE A 278 -16.70 15.74 23.53
N ASP A 279 -15.58 15.94 24.23
CA ASP A 279 -14.33 16.31 23.58
C ASP A 279 -13.75 15.17 22.76
N ASN A 280 -14.17 13.94 23.04
CA ASN A 280 -13.68 12.77 22.32
C ASN A 280 -14.58 12.36 21.17
N VAL A 281 -15.34 13.31 20.64
CA VAL A 281 -16.21 13.05 19.49
C VAL A 281 -15.86 14.08 18.44
N LEU A 282 -15.69 13.63 17.20
CA LEU A 282 -15.39 14.53 16.11
C LEU A 282 -16.66 14.78 15.31
N LEU A 283 -17.03 16.05 15.15
CA LEU A 283 -18.21 16.42 14.37
C LEU A 283 -17.71 17.09 13.10
N THR A 284 -18.04 16.54 11.94
CA THR A 284 -17.55 17.08 10.67
C THR A 284 -18.65 17.43 9.67
N PRO A 285 -18.86 18.72 9.42
CA PRO A 285 -19.88 19.24 8.49
C PRO A 285 -19.62 18.90 7.03
N HIS A 286 -19.38 19.92 6.22
CA HIS A 286 -19.14 19.78 4.79
C HIS A 286 -18.47 18.46 4.39
N ILE A 287 -19.13 17.71 3.52
CA ILE A 287 -18.62 16.43 3.03
C ILE A 287 -19.31 16.10 1.71
N GLY A 288 -18.72 16.57 0.61
CA GLY A 288 -19.29 16.30 -0.69
C GLY A 288 -18.96 17.37 -1.71
N GLY A 289 -17.76 17.27 -2.29
CA GLY A 289 -17.34 18.24 -3.29
C GLY A 289 -16.09 19.02 -2.88
N SER A 290 -14.94 18.38 -2.99
CA SER A 290 -13.68 19.02 -2.64
C SER A 290 -13.34 20.09 -3.68
N THR A 291 -12.11 20.04 -4.19
CA THR A 291 -11.66 21.00 -5.20
C THR A 291 -11.40 20.27 -6.53
N GLN A 292 -10.57 20.87 -7.38
CA GLN A 292 -10.22 20.30 -8.67
C GLN A 292 -10.21 18.76 -8.68
N GLU A 293 -9.75 18.17 -7.58
CA GLU A 293 -9.69 16.72 -7.48
C GLU A 293 -11.09 16.10 -7.52
N ALA A 294 -11.93 16.45 -6.57
CA ALA A 294 -13.30 15.93 -6.53
C ALA A 294 -14.00 16.38 -7.81
N GLN A 295 -13.62 17.55 -8.29
CA GLN A 295 -14.18 18.12 -9.50
C GLN A 295 -13.88 17.26 -10.74
N GLU A 296 -12.72 16.62 -10.74
CA GLU A 296 -12.32 15.77 -11.86
C GLU A 296 -13.14 14.49 -11.88
N ASN A 297 -13.32 13.88 -10.71
CA ASN A 297 -14.11 12.65 -10.62
C ASN A 297 -15.53 12.95 -11.07
N ILE A 298 -16.09 14.04 -10.53
CA ILE A 298 -17.44 14.47 -10.87
C ILE A 298 -17.58 14.68 -12.36
N GLY A 299 -16.63 15.40 -12.94
CA GLY A 299 -16.65 15.66 -14.37
C GLY A 299 -16.71 14.40 -15.21
N LEU A 300 -15.91 13.40 -14.85
CA LEU A 300 -15.89 12.14 -15.58
C LEU A 300 -17.14 11.33 -15.36
N GLU A 301 -17.65 11.37 -14.14
CA GLU A 301 -18.85 10.60 -13.80
C GLU A 301 -20.10 11.11 -14.53
N VAL A 302 -20.43 12.38 -14.34
CA VAL A 302 -21.63 12.93 -14.97
C VAL A 302 -21.56 12.98 -16.50
N ALA A 303 -20.40 13.31 -17.05
CA ALA A 303 -20.26 13.34 -18.50
C ALA A 303 -20.55 11.94 -19.03
N GLY A 304 -20.13 10.93 -18.28
CA GLY A 304 -20.37 9.54 -18.69
C GLY A 304 -21.86 9.21 -18.68
N LYS A 305 -22.58 9.70 -17.68
CA LYS A 305 -24.03 9.46 -17.56
C LYS A 305 -24.75 10.04 -18.78
N LEU A 306 -24.42 11.28 -19.11
CA LEU A 306 -25.01 11.96 -20.26
C LEU A 306 -24.75 11.19 -21.54
N ILE A 307 -23.50 10.80 -21.73
CA ILE A 307 -23.08 10.05 -22.90
C ILE A 307 -23.85 8.73 -23.02
N LYS A 308 -23.96 7.99 -21.92
CA LYS A 308 -24.70 6.72 -21.96
C LYS A 308 -26.18 6.93 -22.24
N TYR A 309 -26.79 7.94 -21.62
CA TYR A 309 -28.20 8.22 -21.84
C TYR A 309 -28.42 8.55 -23.31
N SER A 310 -27.57 9.44 -23.84
CA SER A 310 -27.67 9.85 -25.23
C SER A 310 -27.53 8.66 -26.19
N ASP A 311 -26.52 7.84 -25.96
CA ASP A 311 -26.27 6.68 -26.84
C ASP A 311 -27.16 5.46 -26.67
N ASN A 312 -27.50 5.08 -25.44
CA ASN A 312 -28.32 3.89 -25.26
C ASN A 312 -29.52 3.99 -24.34
N GLY A 313 -29.84 5.21 -23.91
CA GLY A 313 -31.02 5.39 -23.06
C GLY A 313 -30.92 5.01 -21.60
N SER A 314 -29.73 4.71 -21.10
CA SER A 314 -29.59 4.33 -19.70
C SER A 314 -29.89 5.47 -18.71
N THR A 315 -30.76 5.20 -17.74
CA THR A 315 -31.13 6.19 -16.73
C THR A 315 -30.72 5.70 -15.34
N LEU A 316 -29.78 4.78 -15.32
CA LEU A 316 -29.28 4.23 -14.07
C LEU A 316 -28.70 5.40 -13.28
N SER A 317 -29.12 5.54 -12.03
CA SER A 317 -28.66 6.61 -11.15
C SER A 317 -29.31 7.98 -11.35
N ALA A 318 -30.28 8.08 -12.26
CA ALA A 318 -30.97 9.35 -12.46
C ALA A 318 -31.72 9.60 -11.16
N VAL A 319 -31.81 10.85 -10.72
CA VAL A 319 -32.45 11.14 -9.44
C VAL A 319 -33.95 11.43 -9.44
N ASN A 320 -34.51 11.75 -10.60
CA ASN A 320 -35.93 12.08 -10.71
C ASN A 320 -36.57 11.25 -11.82
N PHE A 321 -36.04 10.07 -12.09
CA PHE A 321 -36.52 9.27 -13.21
C PHE A 321 -36.47 7.77 -12.94
N PRO A 322 -37.37 7.00 -13.57
CA PRO A 322 -37.36 5.55 -13.37
C PRO A 322 -36.02 5.08 -13.91
N GLU A 323 -35.37 4.14 -13.24
CA GLU A 323 -34.08 3.67 -13.69
C GLU A 323 -34.16 2.44 -14.58
N VAL A 324 -33.65 2.60 -15.81
CA VAL A 324 -33.64 1.53 -16.81
C VAL A 324 -32.27 1.47 -17.46
N SER A 325 -31.81 0.25 -17.73
CA SER A 325 -30.53 0.05 -18.36
C SER A 325 -30.58 -1.30 -19.07
N LEU A 326 -30.31 -1.28 -20.37
CA LEU A 326 -30.38 -2.50 -21.16
C LEU A 326 -29.06 -2.74 -21.88
N PRO A 327 -28.49 -3.94 -21.73
CA PRO A 327 -27.22 -4.29 -22.39
C PRO A 327 -27.30 -4.11 -23.90
N LEU A 328 -26.18 -3.73 -24.50
CA LEU A 328 -26.12 -3.52 -25.94
C LEU A 328 -25.97 -4.83 -26.70
N HIS A 329 -26.99 -5.20 -27.47
CA HIS A 329 -26.93 -6.44 -28.25
C HIS A 329 -27.27 -6.20 -29.72
N GLY A 330 -26.92 -5.03 -30.23
CA GLY A 330 -27.21 -4.73 -31.62
C GLY A 330 -28.70 -4.58 -31.88
N GLY A 331 -29.08 -4.59 -33.16
CA GLY A 331 -30.48 -4.41 -33.50
C GLY A 331 -30.82 -2.93 -33.42
N ARG A 332 -32.12 -2.62 -33.39
CA ARG A 332 -32.59 -1.24 -33.30
C ARG A 332 -33.06 -0.98 -31.87
N ARG A 333 -32.75 0.19 -31.34
CA ARG A 333 -33.14 0.54 -29.98
C ARG A 333 -34.03 1.77 -29.92
N LEU A 334 -35.22 1.60 -29.35
CA LEU A 334 -36.19 2.66 -29.20
C LEU A 334 -36.46 2.91 -27.71
N MSE A 335 -36.92 4.11 -27.36
CA MSE A 335 -37.22 4.42 -25.97
C MSE A 335 -38.47 5.30 -25.95
O MSE A 335 -38.66 6.17 -26.77
CB MSE A 335 -36.01 5.11 -25.31
CG MSE A 335 -35.67 6.45 -25.89
SE MSE A 335 -36.75 7.84 -25.06
CE MSE A 335 -35.33 8.65 -24.01
N HIS A 336 -39.29 5.09 -24.92
CA HIS A 336 -40.59 5.76 -24.80
C HIS A 336 -40.83 6.24 -23.36
N ILE A 337 -41.11 7.54 -23.22
CA ILE A 337 -41.38 8.14 -21.93
C ILE A 337 -42.85 8.55 -21.88
N HIS A 338 -43.57 8.15 -20.83
CA HIS A 338 -45.00 8.45 -20.81
C HIS A 338 -45.60 8.55 -19.38
N GLU A 339 -46.85 8.97 -19.35
CA GLU A 339 -47.63 9.07 -18.15
C GLU A 339 -48.01 7.64 -17.77
N ASN A 340 -48.02 7.31 -16.49
CA ASN A 340 -48.36 5.96 -16.06
C ASN A 340 -49.86 5.64 -16.24
N ARG A 341 -50.41 5.84 -17.45
CA ARG A 341 -51.85 5.60 -17.76
C ARG A 341 -52.05 4.25 -18.47
N PRO A 342 -53.22 3.65 -18.33
CA PRO A 342 -53.25 2.23 -18.80
C PRO A 342 -53.24 2.11 -20.32
N GLY A 343 -52.83 1.01 -20.93
CA GLY A 343 -52.95 0.95 -22.38
C GLY A 343 -51.69 1.28 -23.14
N VAL A 344 -50.73 1.91 -22.48
CA VAL A 344 -49.50 2.26 -23.16
C VAL A 344 -48.69 1.04 -23.55
N LEU A 345 -48.47 0.15 -22.59
CA LEU A 345 -47.71 -1.07 -22.88
C LEU A 345 -48.39 -1.88 -23.98
N THR A 346 -49.72 -1.93 -23.95
CA THR A 346 -50.48 -2.66 -24.97
C THR A 346 -50.28 -1.99 -26.33
N ALA A 347 -50.38 -0.67 -26.37
CA ALA A 347 -50.21 0.08 -27.60
C ALA A 347 -48.84 -0.18 -28.24
N LEU A 348 -47.81 -0.28 -27.40
CA LEU A 348 -46.47 -0.54 -27.90
C LEU A 348 -46.43 -1.85 -28.69
N ASN A 349 -46.94 -2.91 -28.07
CA ASN A 349 -46.96 -4.21 -28.70
C ASN A 349 -47.71 -4.17 -30.03
N LYS A 350 -48.96 -3.72 -30.01
CA LYS A 350 -49.76 -3.64 -31.23
C LYS A 350 -48.95 -2.98 -32.34
N ILE A 351 -48.22 -1.93 -32.00
CA ILE A 351 -47.42 -1.22 -32.98
C ILE A 351 -46.36 -2.11 -33.66
N PHE A 352 -45.69 -2.93 -32.89
CA PHE A 352 -44.66 -3.80 -33.45
C PHE A 352 -45.24 -5.02 -34.16
N ALA A 353 -46.44 -5.44 -33.75
CA ALA A 353 -47.09 -6.58 -34.39
C ALA A 353 -47.45 -6.19 -35.82
N GLU A 354 -48.11 -5.05 -35.98
CA GLU A 354 -48.50 -4.57 -37.31
C GLU A 354 -47.31 -4.46 -38.24
N GLN A 355 -46.19 -3.93 -37.73
CA GLN A 355 -45.00 -3.80 -38.53
C GLN A 355 -44.32 -5.16 -38.64
N GLY A 356 -44.91 -6.15 -37.98
CA GLY A 356 -44.35 -7.50 -38.00
C GLY A 356 -42.91 -7.52 -37.54
N VAL A 357 -42.64 -6.85 -36.41
CA VAL A 357 -41.29 -6.78 -35.88
C VAL A 357 -41.19 -7.50 -34.55
N ASN A 358 -40.05 -8.16 -34.33
CA ASN A 358 -39.85 -8.88 -33.09
C ASN A 358 -39.02 -8.09 -32.08
N ILE A 359 -39.49 -8.13 -30.84
CA ILE A 359 -38.86 -7.49 -29.74
C ILE A 359 -37.85 -8.44 -29.14
N ALA A 360 -36.57 -8.07 -29.17
CA ALA A 360 -35.52 -8.91 -28.60
C ALA A 360 -35.39 -8.71 -27.09
N ALA A 361 -35.67 -7.49 -26.63
CA ALA A 361 -35.60 -7.18 -25.21
C ALA A 361 -36.41 -5.93 -24.90
N GLN A 362 -36.95 -5.85 -23.69
CA GLN A 362 -37.76 -4.71 -23.25
C GLN A 362 -37.59 -4.51 -21.74
N TYR A 363 -37.32 -3.27 -21.35
CA TYR A 363 -37.13 -2.96 -19.94
C TYR A 363 -37.96 -1.73 -19.58
N LEU A 364 -39.03 -1.95 -18.83
CA LEU A 364 -39.93 -0.87 -18.40
C LEU A 364 -39.87 -0.72 -16.88
N GLN A 365 -39.75 0.53 -16.42
CA GLN A 365 -39.70 0.86 -15.02
C GLN A 365 -40.59 2.05 -14.79
N THR A 366 -41.26 2.14 -13.64
CA THR A 366 -42.14 3.29 -13.39
C THR A 366 -41.97 3.92 -12.02
N SER A 367 -42.70 5.01 -11.78
CA SER A 367 -42.65 5.72 -10.50
C SER A 367 -44.04 6.25 -10.17
N ALA A 368 -44.09 7.50 -9.73
CA ALA A 368 -45.34 8.15 -9.37
C ALA A 368 -46.36 8.02 -10.48
N GLN A 369 -46.30 8.92 -11.44
CA GLN A 369 -47.24 8.90 -12.56
C GLN A 369 -46.45 8.93 -13.87
N MSE A 370 -45.31 8.26 -13.89
CA MSE A 370 -44.46 8.23 -15.07
C MSE A 370 -43.79 6.90 -15.32
O MSE A 370 -43.56 6.11 -14.39
CB MSE A 370 -43.36 9.29 -14.92
CG MSE A 370 -42.33 9.29 -16.03
SE MSE A 370 -40.97 10.61 -15.71
CE MSE A 370 -40.43 10.06 -13.94
N GLY A 371 -43.64 6.55 -16.60
CA GLY A 371 -43.05 5.28 -16.97
C GLY A 371 -42.00 5.49 -18.04
N TYR A 372 -40.95 4.67 -18.00
CA TYR A 372 -39.88 4.75 -18.99
C TYR A 372 -39.58 3.35 -19.48
N VAL A 373 -39.59 3.16 -20.79
CA VAL A 373 -39.32 1.85 -21.36
C VAL A 373 -38.36 1.93 -22.54
N VAL A 374 -37.36 1.06 -22.54
CA VAL A 374 -36.41 0.98 -23.62
C VAL A 374 -36.70 -0.34 -24.32
N ILE A 375 -36.79 -0.31 -25.65
CA ILE A 375 -37.11 -1.50 -26.41
C ILE A 375 -36.11 -1.82 -27.52
N ASP A 376 -35.65 -3.07 -27.54
CA ASP A 376 -34.72 -3.51 -28.57
C ASP A 376 -35.53 -4.34 -29.54
N ILE A 377 -35.47 -3.99 -30.82
CA ILE A 377 -36.22 -4.70 -31.82
C ILE A 377 -35.33 -5.13 -32.97
N GLU A 378 -35.79 -6.14 -33.71
CA GLU A 378 -35.09 -6.62 -34.86
C GLU A 378 -35.75 -6.06 -36.10
N ALA A 379 -35.15 -5.05 -36.71
CA ALA A 379 -35.73 -4.43 -37.89
C ALA A 379 -34.79 -3.44 -38.57
N ASP A 380 -35.10 -3.08 -39.81
CA ASP A 380 -34.34 -2.11 -40.57
C ASP A 380 -34.71 -0.71 -40.09
N GLU A 381 -33.83 0.26 -40.31
CA GLU A 381 -34.12 1.62 -39.90
C GLU A 381 -35.51 2.01 -40.39
N ASP A 382 -35.79 1.68 -41.65
CA ASP A 382 -37.07 1.98 -42.27
C ASP A 382 -38.22 1.68 -41.31
N VAL A 383 -38.30 0.44 -40.88
CA VAL A 383 -39.35 0.01 -39.96
C VAL A 383 -39.21 0.71 -38.62
N ALA A 384 -37.96 0.87 -38.16
CA ALA A 384 -37.72 1.53 -36.88
C ALA A 384 -38.39 2.90 -36.84
N GLU A 385 -37.97 3.79 -37.74
CA GLU A 385 -38.53 5.13 -37.80
C GLU A 385 -40.06 5.14 -37.89
N LYS A 386 -40.62 4.19 -38.63
CA LYS A 386 -42.06 4.11 -38.76
C LYS A 386 -42.68 3.78 -37.40
N ALA A 387 -41.98 2.96 -36.63
CA ALA A 387 -42.44 2.57 -35.30
C ALA A 387 -42.32 3.76 -34.36
N LEU A 388 -41.23 4.51 -34.51
CA LEU A 388 -40.99 5.68 -33.69
C LEU A 388 -42.15 6.67 -33.81
N GLN A 389 -42.46 7.04 -35.05
CA GLN A 389 -43.56 7.97 -35.32
C GLN A 389 -44.86 7.46 -34.69
N ALA A 390 -45.12 6.17 -34.80
CA ALA A 390 -46.32 5.57 -34.24
C ALA A 390 -46.32 5.69 -32.71
N MSE A 391 -45.19 5.34 -32.09
CA MSE A 391 -45.06 5.39 -30.64
C MSE A 391 -45.30 6.80 -30.08
O MSE A 391 -45.93 6.95 -29.04
CB MSE A 391 -43.65 4.97 -30.23
CG MSE A 391 -43.36 3.49 -30.41
SE MSE A 391 -41.46 3.10 -30.32
CE MSE A 391 -41.09 3.88 -28.59
N LYS A 392 -44.93 7.81 -30.86
CA LYS A 392 -45.13 9.19 -30.45
C LYS A 392 -46.61 9.57 -30.37
N ALA A 393 -47.44 8.86 -31.14
CA ALA A 393 -48.87 9.14 -31.18
C ALA A 393 -49.66 8.41 -30.10
N ILE A 394 -48.98 7.73 -29.18
CA ILE A 394 -49.68 7.02 -28.12
C ILE A 394 -50.13 7.95 -27.00
N PRO A 395 -51.44 7.87 -26.65
CA PRO A 395 -51.95 8.76 -25.59
C PRO A 395 -51.12 8.59 -24.33
N GLY A 396 -50.78 9.70 -23.69
CA GLY A 396 -49.99 9.65 -22.46
C GLY A 396 -48.50 9.77 -22.72
N THR A 397 -48.13 9.74 -24.00
CA THR A 397 -46.74 9.83 -24.40
C THR A 397 -46.17 11.21 -24.07
N ILE A 398 -44.96 11.24 -23.53
CA ILE A 398 -44.29 12.48 -23.22
C ILE A 398 -43.22 12.69 -24.24
N ARG A 399 -42.47 11.64 -24.52
CA ARG A 399 -41.38 11.71 -25.46
C ARG A 399 -40.95 10.31 -25.89
N ALA A 400 -40.46 10.20 -27.12
CA ALA A 400 -39.99 8.92 -27.66
C ALA A 400 -38.78 9.21 -28.60
N ARG A 401 -37.85 8.28 -28.74
CA ARG A 401 -36.64 8.45 -29.51
C ARG A 401 -36.09 7.19 -30.05
N LEU A 402 -35.33 7.33 -31.11
CA LEU A 402 -34.67 6.20 -31.77
C LEU A 402 -33.18 6.31 -31.47
N LEU A 403 -32.72 5.57 -30.47
CA LEU A 403 -31.32 5.61 -30.06
C LEU A 403 -30.31 5.11 -31.08
N TYR A 404 -30.63 4.02 -31.77
CA TYR A 404 -29.73 3.48 -32.78
C TYR A 404 -30.38 2.32 -33.52
N GLU B 1 28.58 -10.69 31.01
CA GLU B 1 27.62 -11.80 30.80
C GLU B 1 27.53 -12.67 32.04
N LYS B 2 28.29 -12.29 33.08
CA LYS B 2 28.30 -13.03 34.34
C LYS B 2 26.93 -13.09 35.00
N ASP B 3 26.76 -14.13 35.81
CA ASP B 3 25.53 -14.36 36.55
C ASP B 3 25.56 -13.62 37.88
N LYS B 4 26.62 -12.84 38.10
CA LYS B 4 26.76 -12.05 39.32
C LYS B 4 26.33 -10.61 39.09
N ILE B 5 26.09 -10.27 37.83
CA ILE B 5 25.67 -8.91 37.47
C ILE B 5 24.17 -8.80 37.74
N LYS B 6 23.80 -8.01 38.74
CA LYS B 6 22.41 -7.87 39.13
C LYS B 6 21.60 -6.82 38.36
N PHE B 7 20.47 -7.28 37.83
CA PHE B 7 19.56 -6.42 37.10
C PHE B 7 18.31 -6.26 37.96
N LEU B 8 17.93 -5.01 38.22
CA LEU B 8 16.74 -4.72 38.99
C LEU B 8 15.72 -4.11 38.05
N LEU B 9 14.60 -4.78 37.88
CA LEU B 9 13.55 -4.30 37.00
C LEU B 9 12.30 -4.00 37.81
N VAL B 10 11.80 -2.77 37.71
CA VAL B 10 10.60 -2.36 38.45
C VAL B 10 9.48 -1.87 37.54
N GLU B 11 8.27 -1.81 38.09
CA GLU B 11 7.08 -1.36 37.38
C GLU B 11 6.62 -2.28 36.26
N GLY B 12 7.00 -3.55 36.37
CA GLY B 12 6.57 -4.54 35.40
C GLY B 12 6.91 -4.39 33.92
N VAL B 13 8.19 -4.39 33.60
CA VAL B 13 8.58 -4.32 32.19
C VAL B 13 8.17 -5.66 31.59
N HIS B 14 7.94 -5.67 30.29
CA HIS B 14 7.50 -6.88 29.60
C HIS B 14 8.43 -8.08 29.79
N GLN B 15 7.85 -9.26 29.90
CA GLN B 15 8.61 -10.49 30.08
C GLN B 15 9.70 -10.71 29.03
N LYS B 16 9.50 -10.16 27.83
CA LYS B 16 10.49 -10.33 26.77
C LYS B 16 11.84 -9.78 27.17
N ALA B 17 11.84 -8.73 27.99
CA ALA B 17 13.10 -8.14 28.44
C ALA B 17 13.89 -9.19 29.24
N LEU B 18 13.17 -9.94 30.10
CA LEU B 18 13.79 -10.98 30.91
C LEU B 18 14.34 -12.08 30.03
N GLU B 19 13.55 -12.51 29.06
CA GLU B 19 13.99 -13.55 28.14
C GLU B 19 15.25 -13.08 27.43
N SER B 20 15.24 -11.84 26.96
CA SER B 20 16.41 -11.30 26.28
C SER B 20 17.62 -11.27 27.21
N LEU B 21 17.42 -10.85 28.46
CA LEU B 21 18.54 -10.81 29.40
C LEU B 21 19.08 -12.22 29.63
N ARG B 22 18.18 -13.19 29.80
CA ARG B 22 18.60 -14.57 30.02
C ARG B 22 19.35 -15.13 28.81
N ALA B 23 18.87 -14.81 27.62
CA ALA B 23 19.50 -15.26 26.39
C ALA B 23 20.92 -14.71 26.27
N ALA B 24 21.15 -13.54 26.86
CA ALA B 24 22.47 -12.94 26.79
C ALA B 24 23.36 -13.39 27.94
N GLY B 25 22.85 -14.32 28.74
CA GLY B 25 23.62 -14.85 29.86
C GLY B 25 23.46 -14.10 31.17
N TYR B 26 22.52 -13.16 31.23
CA TYR B 26 22.29 -12.41 32.46
C TYR B 26 21.03 -12.98 33.11
N THR B 27 21.22 -13.70 34.21
CA THR B 27 20.12 -14.36 34.92
C THR B 27 19.87 -13.84 36.33
N ASN B 28 20.80 -13.05 36.86
CA ASN B 28 20.65 -12.49 38.19
C ASN B 28 19.66 -11.33 38.10
N ILE B 29 18.37 -11.67 38.10
CA ILE B 29 17.31 -10.68 37.95
C ILE B 29 16.28 -10.56 39.06
N GLU B 30 16.12 -9.35 39.57
CA GLU B 30 15.10 -9.06 40.58
C GLU B 30 14.03 -8.32 39.77
N PHE B 31 12.81 -8.85 39.79
CA PHE B 31 11.70 -8.29 39.03
C PHE B 31 10.48 -7.96 39.91
N HIS B 32 9.88 -6.79 39.68
CA HIS B 32 8.68 -6.35 40.40
C HIS B 32 7.67 -5.78 39.40
N LYS B 33 6.40 -6.19 39.55
CA LYS B 33 5.33 -5.72 38.67
C LYS B 33 5.02 -4.24 38.82
N GLY B 34 5.29 -3.69 39.99
CA GLY B 34 5.03 -2.27 40.22
C GLY B 34 6.21 -1.52 40.79
N ALA B 35 5.96 -0.29 41.24
CA ALA B 35 7.00 0.53 41.84
C ALA B 35 7.13 0.18 43.32
N LEU B 36 8.30 0.44 43.90
CA LEU B 36 8.53 0.16 45.30
C LEU B 36 8.55 1.47 46.08
N ASP B 37 8.26 1.41 47.37
CA ASP B 37 8.28 2.60 48.19
C ASP B 37 9.74 3.02 48.36
N ASP B 38 9.95 4.24 48.85
CA ASP B 38 11.30 4.76 49.03
C ASP B 38 12.21 3.79 49.77
N GLU B 39 11.64 3.06 50.73
CA GLU B 39 12.41 2.12 51.54
C GLU B 39 12.85 0.88 50.74
N GLN B 40 11.92 0.33 49.96
CA GLN B 40 12.21 -0.85 49.17
C GLN B 40 13.16 -0.57 48.01
N LEU B 41 12.94 0.54 47.30
CA LEU B 41 13.81 0.88 46.18
C LEU B 41 15.25 0.99 46.66
N LYS B 42 15.45 1.71 47.76
CA LYS B 42 16.79 1.88 48.33
C LYS B 42 17.43 0.53 48.63
N GLU B 43 16.67 -0.37 49.24
CA GLU B 43 17.21 -1.69 49.56
C GLU B 43 17.48 -2.51 48.30
N SER B 44 16.56 -2.45 47.34
CA SER B 44 16.72 -3.22 46.11
C SER B 44 17.84 -2.75 45.18
N ILE B 45 18.03 -1.44 45.10
CA ILE B 45 19.03 -0.87 44.20
C ILE B 45 20.44 -0.74 44.78
N ARG B 46 20.57 -0.91 46.09
CA ARG B 46 21.88 -0.78 46.74
C ARG B 46 22.97 -1.57 46.05
N ASP B 47 22.68 -2.81 45.67
CA ASP B 47 23.68 -3.64 45.02
C ASP B 47 23.34 -3.95 43.56
N ALA B 48 22.45 -3.16 42.98
CA ALA B 48 22.06 -3.37 41.58
C ALA B 48 23.10 -2.76 40.62
N HIS B 49 23.51 -3.54 39.62
CA HIS B 49 24.46 -3.02 38.62
C HIS B 49 23.66 -2.31 37.52
N PHE B 50 22.43 -2.76 37.30
CA PHE B 50 21.55 -2.17 36.30
C PHE B 50 20.13 -2.05 36.81
N ILE B 51 19.46 -0.96 36.47
CA ILE B 51 18.08 -0.81 36.86
C ILE B 51 17.24 -0.46 35.66
N GLY B 52 16.10 -1.14 35.57
CA GLY B 52 15.14 -0.91 34.50
C GLY B 52 13.88 -0.41 35.20
N LEU B 53 13.37 0.71 34.73
CA LEU B 53 12.17 1.30 35.34
C LEU B 53 11.31 1.96 34.28
N ARG B 54 10.21 2.56 34.74
CA ARG B 54 9.32 3.26 33.84
C ARG B 54 9.07 4.68 34.33
N SER B 55 7.88 5.21 34.15
CA SER B 55 7.62 6.60 34.55
C SER B 55 7.40 6.91 36.03
N ARG B 56 6.96 5.93 36.82
CA ARG B 56 6.69 6.18 38.24
C ARG B 56 7.89 6.24 39.17
N THR B 57 8.90 5.43 38.92
CA THR B 57 10.09 5.41 39.78
C THR B 57 10.92 6.68 39.69
N HIS B 58 11.06 7.38 40.82
CA HIS B 58 11.84 8.61 40.85
C HIS B 58 13.27 8.30 41.24
N LEU B 59 14.15 8.27 40.25
CA LEU B 59 15.56 7.98 40.47
C LEU B 59 16.26 9.31 40.69
N THR B 60 16.19 9.80 41.92
CA THR B 60 16.78 11.08 42.29
C THR B 60 18.26 10.97 42.57
N GLU B 61 18.92 12.12 42.63
CA GLU B 61 20.35 12.19 42.92
C GLU B 61 20.63 11.39 44.17
N ASP B 62 19.84 11.61 45.21
CA ASP B 62 20.00 10.90 46.47
C ASP B 62 20.00 9.39 46.24
N VAL B 63 18.94 8.90 45.61
CA VAL B 63 18.83 7.48 45.32
C VAL B 63 20.00 7.00 44.47
N ILE B 64 20.35 7.77 43.45
CA ILE B 64 21.45 7.39 42.58
C ILE B 64 22.75 7.28 43.36
N ASN B 65 23.12 8.34 44.07
CA ASN B 65 24.36 8.33 44.84
C ASN B 65 24.39 7.24 45.91
N ALA B 66 23.23 6.80 46.36
CA ALA B 66 23.17 5.74 47.36
C ALA B 66 23.42 4.36 46.73
N ALA B 67 23.09 4.22 45.45
CA ALA B 67 23.29 2.95 44.74
C ALA B 67 24.76 2.84 44.33
N GLU B 68 25.55 2.17 45.16
CA GLU B 68 26.99 2.04 44.93
C GLU B 68 27.52 1.10 43.83
N LYS B 69 26.65 0.33 43.19
CA LYS B 69 27.11 -0.58 42.13
C LYS B 69 26.51 -0.24 40.77
N LEU B 70 25.59 0.72 40.74
CA LEU B 70 24.92 1.09 39.51
C LEU B 70 25.87 1.37 38.35
N VAL B 71 25.63 0.69 37.23
CA VAL B 71 26.44 0.82 36.03
C VAL B 71 25.67 1.55 34.91
N ALA B 72 24.39 1.22 34.76
CA ALA B 72 23.56 1.86 33.75
C ALA B 72 22.08 1.85 34.14
N ILE B 73 21.35 2.83 33.62
CA ILE B 73 19.93 2.96 33.88
C ILE B 73 19.15 2.80 32.57
N GLY B 74 18.12 1.96 32.60
CA GLY B 74 17.31 1.76 31.42
C GLY B 74 15.89 2.21 31.67
N ALA B 75 15.42 3.20 30.91
CA ALA B 75 14.04 3.66 31.05
C ALA B 75 13.26 2.91 29.99
N PHE B 76 12.46 1.94 30.43
CA PHE B 76 11.65 1.14 29.52
C PHE B 76 10.43 1.96 29.15
N ALA B 77 10.69 3.05 28.42
CA ALA B 77 9.69 4.00 27.96
C ALA B 77 10.45 5.08 27.20
N ILE B 78 9.76 6.13 26.74
CA ILE B 78 10.46 7.19 26.03
C ILE B 78 11.00 8.26 26.97
N GLY B 79 10.13 8.75 27.85
CA GLY B 79 10.54 9.78 28.77
C GLY B 79 11.57 9.36 29.80
N THR B 80 12.33 10.34 30.28
CA THR B 80 13.35 10.11 31.28
C THR B 80 13.32 11.24 32.31
N ASN B 81 12.21 11.95 32.38
CA ASN B 81 12.07 13.07 33.31
C ASN B 81 12.08 12.66 34.78
N GLN B 82 11.76 11.39 35.05
CA GLN B 82 11.74 10.88 36.42
C GLN B 82 13.15 10.47 36.86
N VAL B 83 14.09 10.50 35.93
CA VAL B 83 15.46 10.14 36.23
C VAL B 83 16.35 11.38 36.23
N ASP B 84 17.21 11.50 37.23
CA ASP B 84 18.09 12.65 37.28
C ASP B 84 19.30 12.36 36.39
N LEU B 85 19.20 12.78 35.14
CA LEU B 85 20.25 12.58 34.14
C LEU B 85 21.62 13.12 34.53
N ASP B 86 21.67 14.33 35.05
CA ASP B 86 22.94 14.94 35.44
C ASP B 86 23.59 14.18 36.59
N ALA B 87 22.77 13.72 37.53
CA ALA B 87 23.32 12.97 38.66
C ALA B 87 23.98 11.68 38.16
N ALA B 88 23.27 10.96 37.29
CA ALA B 88 23.77 9.70 36.74
C ALA B 88 25.07 9.91 35.96
N ALA B 89 25.09 10.96 35.15
CA ALA B 89 26.24 11.28 34.32
C ALA B 89 27.48 11.52 35.18
N LYS B 90 27.32 12.32 36.23
CA LYS B 90 28.42 12.64 37.13
C LYS B 90 29.05 11.36 37.65
N ARG B 91 28.26 10.31 37.76
CA ARG B 91 28.79 9.04 38.24
C ARG B 91 29.20 8.12 37.12
N GLY B 92 29.17 8.62 35.89
CA GLY B 92 29.53 7.81 34.74
C GLY B 92 28.50 6.73 34.50
N ILE B 93 27.23 7.09 34.71
CA ILE B 93 26.12 6.16 34.54
C ILE B 93 25.23 6.58 33.38
N PRO B 94 25.36 5.91 32.23
CA PRO B 94 24.49 6.33 31.12
C PRO B 94 23.04 5.92 31.34
N VAL B 95 22.13 6.72 30.82
CA VAL B 95 20.69 6.44 30.92
C VAL B 95 20.22 6.13 29.50
N PHE B 96 19.58 4.99 29.31
CA PHE B 96 19.09 4.56 28.00
C PHE B 96 17.56 4.55 28.02
N ASN B 97 16.95 4.97 26.91
CA ASN B 97 15.49 4.92 26.86
C ASN B 97 15.12 4.07 25.66
N ALA B 98 13.87 4.12 25.23
CA ALA B 98 13.42 3.34 24.08
C ALA B 98 13.14 4.33 22.95
N PRO B 99 14.19 4.81 22.29
CA PRO B 99 14.02 5.78 21.20
C PRO B 99 13.32 5.31 19.93
N PHE B 100 13.27 4.01 19.67
CA PHE B 100 12.67 3.55 18.41
C PHE B 100 11.42 2.67 18.43
N SER B 101 11.09 2.10 19.58
CA SER B 101 9.91 1.23 19.67
C SER B 101 8.60 1.95 19.37
N ASN B 102 8.56 3.27 19.52
CA ASN B 102 7.32 3.98 19.25
C ASN B 102 7.28 4.64 17.87
N THR B 103 8.26 4.31 17.04
CA THR B 103 8.39 4.81 15.67
C THR B 103 7.07 4.76 14.91
N ARG B 104 6.48 3.57 14.88
CA ARG B 104 5.23 3.34 14.19
C ARG B 104 4.07 4.25 14.59
N SER B 105 3.88 4.46 15.90
CA SER B 105 2.79 5.32 16.35
C SER B 105 2.94 6.78 15.93
N VAL B 106 4.17 7.29 15.90
CA VAL B 106 4.37 8.67 15.48
C VAL B 106 4.02 8.79 13.99
N ALA B 107 4.40 7.79 13.21
CA ALA B 107 4.11 7.79 11.78
C ALA B 107 2.59 7.77 11.57
N GLU B 108 1.89 6.89 12.29
CA GLU B 108 0.43 6.80 12.19
C GLU B 108 -0.24 8.11 12.62
N LEU B 109 0.32 8.74 13.65
CA LEU B 109 -0.20 9.99 14.16
C LEU B 109 -0.11 11.08 13.08
N VAL B 110 1.03 11.18 12.42
CA VAL B 110 1.20 12.18 11.36
C VAL B 110 0.16 11.98 10.25
N ILE B 111 -0.04 10.74 9.85
CA ILE B 111 -1.02 10.44 8.80
C ILE B 111 -2.43 10.91 9.22
N GLY B 112 -2.81 10.60 10.46
CA GLY B 112 -4.11 11.02 10.95
C GLY B 112 -4.26 12.53 10.97
N GLU B 113 -3.22 13.22 11.44
CA GLU B 113 -3.23 14.67 11.49
C GLU B 113 -3.28 15.32 10.11
N LEU B 114 -2.46 14.85 9.17
CA LEU B 114 -2.48 15.47 7.85
C LEU B 114 -3.81 15.22 7.14
N LEU B 115 -4.36 14.01 7.30
CA LEU B 115 -5.64 13.69 6.67
C LEU B 115 -6.74 14.64 7.13
N LEU B 116 -6.84 14.87 8.44
CA LEU B 116 -7.88 15.77 8.92
C LEU B 116 -7.57 17.25 8.62
N LEU B 117 -6.32 17.66 8.82
CA LEU B 117 -5.94 19.04 8.54
C LEU B 117 -6.24 19.41 7.09
N LEU B 118 -5.92 18.49 6.18
CA LEU B 118 -6.16 18.69 4.76
C LEU B 118 -7.64 18.96 4.46
N ARG B 119 -8.52 18.33 5.23
CA ARG B 119 -9.96 18.50 5.04
C ARG B 119 -10.54 19.65 5.86
N GLY B 120 -9.71 20.27 6.69
CA GLY B 120 -10.17 21.37 7.53
C GLY B 120 -11.04 20.90 8.68
N VAL B 121 -10.89 19.63 9.05
CA VAL B 121 -11.69 19.05 10.15
C VAL B 121 -11.46 19.66 11.53
N PRO B 122 -10.20 19.91 11.91
CA PRO B 122 -9.96 20.48 13.25
C PRO B 122 -10.76 21.78 13.48
N GLU B 123 -10.77 22.65 12.49
CA GLU B 123 -11.48 23.92 12.56
C GLU B 123 -12.99 23.71 12.54
N ALA B 124 -13.47 22.89 11.60
CA ALA B 124 -14.90 22.60 11.51
C ALA B 124 -15.39 21.91 12.78
N ASN B 125 -14.55 21.07 13.38
CA ASN B 125 -14.92 20.36 14.60
C ASN B 125 -15.02 21.30 15.80
N ALA B 126 -14.03 22.17 15.95
CA ALA B 126 -14.01 23.12 17.06
C ALA B 126 -15.24 24.03 17.03
N LYS B 127 -15.59 24.53 15.85
CA LYS B 127 -16.75 25.41 15.70
C LYS B 127 -18.03 24.63 15.98
N ALA B 128 -18.10 23.40 15.49
CA ALA B 128 -19.27 22.54 15.70
C ALA B 128 -19.53 22.35 17.18
N HIS B 129 -18.49 22.15 17.96
CA HIS B 129 -18.66 21.96 19.40
C HIS B 129 -19.10 23.24 20.10
N ARG B 130 -18.87 24.39 19.47
CA ARG B 130 -19.27 25.66 20.05
C ARG B 130 -20.63 26.07 19.51
N GLY B 131 -21.18 25.25 18.62
CA GLY B 131 -22.48 25.55 18.06
C GLY B 131 -22.42 26.35 16.78
N VAL B 132 -21.36 27.11 16.60
CA VAL B 132 -21.20 27.93 15.40
C VAL B 132 -21.25 27.11 14.12
N GLY B 133 -22.06 27.56 13.18
CA GLY B 133 -22.19 26.86 11.90
C GLY B 133 -20.93 26.99 11.06
N ASN B 134 -20.70 26.00 10.21
CA ASN B 134 -19.53 25.99 9.33
C ASN B 134 -19.60 27.10 8.29
N SER B 140 -11.68 21.56 1.79
CA SER B 140 -11.24 20.18 1.97
C SER B 140 -10.45 19.69 0.77
N PHE B 141 -9.53 18.76 1.01
CA PHE B 141 -8.70 18.20 -0.05
C PHE B 141 -8.40 16.74 0.22
N GLU B 142 -8.22 15.96 -0.84
CA GLU B 142 -7.87 14.56 -0.71
C GLU B 142 -6.36 14.55 -0.45
N ALA B 143 -5.87 13.45 0.10
CA ALA B 143 -4.44 13.31 0.36
C ALA B 143 -3.90 12.68 -0.93
N ARG B 144 -4.74 11.84 -1.53
CA ARG B 144 -4.41 11.15 -2.77
C ARG B 144 -3.87 12.15 -3.80
N GLY B 145 -2.70 11.84 -4.36
CA GLY B 145 -2.11 12.71 -5.36
C GLY B 145 -1.35 13.91 -4.81
N LYS B 146 -1.35 14.09 -3.50
CA LYS B 146 -0.65 15.22 -2.86
C LYS B 146 0.81 14.88 -2.58
N LYS B 147 1.65 15.90 -2.47
CA LYS B 147 3.07 15.68 -2.19
C LYS B 147 3.40 15.83 -0.71
N LEU B 148 4.00 14.80 -0.14
CA LEU B 148 4.41 14.83 1.25
C LEU B 148 5.91 15.07 1.30
N GLY B 149 6.31 16.12 2.03
CA GLY B 149 7.71 16.44 2.18
C GLY B 149 8.16 16.04 3.58
N ILE B 150 9.09 15.10 3.65
CA ILE B 150 9.60 14.64 4.92
C ILE B 150 10.98 15.18 5.18
N ILE B 151 11.16 15.83 6.32
CA ILE B 151 12.46 16.36 6.68
C ILE B 151 12.99 15.44 7.77
N GLY B 152 14.00 14.63 7.43
CA GLY B 152 14.54 13.66 8.37
C GLY B 152 13.95 12.31 7.99
N TYR B 153 14.66 11.59 7.13
CA TYR B 153 14.19 10.30 6.64
C TYR B 153 14.88 9.14 7.39
N GLY B 154 14.54 9.01 8.67
CA GLY B 154 15.12 7.97 9.51
C GLY B 154 14.08 6.91 9.85
N HIS B 155 14.06 6.47 11.11
CA HIS B 155 13.08 5.47 11.52
C HIS B 155 11.64 5.90 11.25
N ILE B 156 11.29 7.11 11.67
CA ILE B 156 9.93 7.59 11.47
C ILE B 156 9.66 8.00 10.03
N GLY B 157 10.58 8.76 9.43
CA GLY B 157 10.40 9.19 8.07
C GLY B 157 10.13 8.06 7.10
N THR B 158 10.93 7.02 7.16
CA THR B 158 10.75 5.88 6.28
C THR B 158 9.39 5.19 6.48
N GLN B 159 8.99 4.96 7.73
N GLN B 159 8.99 4.96 7.73
CA GLN B 159 7.71 4.32 7.97
CA GLN B 159 7.71 4.32 7.97
C GLN B 159 6.58 5.23 7.54
C GLN B 159 6.58 5.23 7.54
N LEU B 160 6.74 6.53 7.79
CA LEU B 160 5.73 7.51 7.37
C LEU B 160 5.61 7.50 5.84
N GLY B 161 6.75 7.46 5.16
CA GLY B 161 6.73 7.45 3.70
C GLY B 161 5.96 6.28 3.15
N ILE B 162 6.14 5.11 3.78
CA ILE B 162 5.43 3.92 3.36
C ILE B 162 3.92 4.10 3.52
N LEU B 163 3.48 4.56 4.69
CA LEU B 163 2.05 4.78 4.93
C LEU B 163 1.49 5.82 3.96
N ALA B 164 2.21 6.91 3.75
CA ALA B 164 1.75 7.96 2.84
C ALA B 164 1.58 7.45 1.40
N GLU B 165 2.51 6.63 0.93
CA GLU B 165 2.38 6.09 -0.43
C GLU B 165 1.15 5.20 -0.49
N SER B 166 0.84 4.50 0.60
CA SER B 166 -0.34 3.64 0.61
C SER B 166 -1.61 4.48 0.49
N LEU B 167 -1.52 5.75 0.86
CA LEU B 167 -2.68 6.64 0.76
C LEU B 167 -2.69 7.36 -0.57
N GLY B 168 -1.80 6.95 -1.48
CA GLY B 168 -1.74 7.59 -2.79
C GLY B 168 -0.97 8.89 -2.89
N MSE B 169 -0.18 9.20 -1.85
CA MSE B 169 0.60 10.43 -1.86
C MSE B 169 1.96 10.20 -2.52
O MSE B 169 2.41 9.07 -2.63
CB MSE B 169 0.83 10.94 -0.43
CG MSE B 169 -0.43 11.33 0.33
SE MSE B 169 0.00 12.06 2.11
CE MSE B 169 0.29 13.92 1.59
N TYR B 170 2.59 11.30 -2.94
CA TYR B 170 3.91 11.24 -3.55
C TYR B 170 4.86 11.72 -2.46
N VAL B 171 5.84 10.88 -2.13
CA VAL B 171 6.76 11.17 -1.07
C VAL B 171 8.16 11.63 -1.48
N TYR B 172 8.57 12.78 -0.95
CA TYR B 172 9.89 13.34 -1.19
C TYR B 172 10.49 13.63 0.17
N PHE B 173 11.81 13.60 0.27
CA PHE B 173 12.43 13.88 1.55
C PHE B 173 13.75 14.62 1.45
N TYR B 174 14.13 15.20 2.58
CA TYR B 174 15.38 15.93 2.71
C TYR B 174 16.07 15.38 3.95
N ASP B 175 17.38 15.19 3.85
CA ASP B 175 18.18 14.69 4.96
C ASP B 175 19.59 15.24 4.78
N ILE B 176 20.42 15.16 5.80
CA ILE B 176 21.76 15.70 5.66
C ILE B 176 22.74 14.72 5.04
N GLU B 177 22.26 13.53 4.71
CA GLU B 177 23.09 12.52 4.06
C GLU B 177 22.21 11.69 3.11
N ASN B 178 22.82 11.02 2.13
CA ASN B 178 22.02 10.24 1.21
C ASN B 178 21.40 9.08 1.97
N LYS B 179 20.15 8.76 1.64
CA LYS B 179 19.43 7.67 2.27
C LYS B 179 18.85 6.75 1.21
N LEU B 180 18.89 5.45 1.45
CA LEU B 180 18.31 4.49 0.51
C LEU B 180 16.81 4.68 0.65
N PRO B 181 16.11 4.95 -0.46
CA PRO B 181 14.66 5.14 -0.34
C PRO B 181 13.84 3.86 -0.26
N LEU B 182 12.71 3.95 0.42
CA LEU B 182 11.78 2.83 0.53
C LEU B 182 10.66 3.19 -0.44
N GLY B 183 10.15 2.20 -1.16
CA GLY B 183 9.08 2.46 -2.10
C GLY B 183 9.48 3.45 -3.18
N ASN B 184 8.59 4.39 -3.48
CA ASN B 184 8.85 5.40 -4.50
C ASN B 184 9.34 6.72 -3.93
N ALA B 185 9.75 6.73 -2.66
CA ALA B 185 10.23 7.96 -2.03
C ALA B 185 11.42 8.53 -2.79
N THR B 186 11.47 9.85 -2.95
CA THR B 186 12.54 10.50 -3.70
C THR B 186 13.31 11.52 -2.84
N GLN B 187 14.64 11.43 -2.80
CA GLN B 187 15.39 12.41 -2.03
C GLN B 187 15.52 13.71 -2.82
N VAL B 188 15.44 14.83 -2.12
CA VAL B 188 15.56 16.15 -2.73
C VAL B 188 16.81 16.78 -2.11
N GLN B 189 17.73 17.23 -2.94
CA GLN B 189 18.99 17.79 -2.44
C GLN B 189 18.89 19.09 -1.64
N HIS B 190 18.08 20.05 -2.11
CA HIS B 190 17.97 21.30 -1.37
C HIS B 190 16.66 21.41 -0.58
N LEU B 191 16.75 21.79 0.68
CA LEU B 191 15.57 21.93 1.53
C LEU B 191 14.56 22.89 0.90
N SER B 192 15.06 24.00 0.34
CA SER B 192 14.19 25.00 -0.30
C SER B 192 13.31 24.37 -1.38
N ASP B 193 13.88 23.46 -2.17
CA ASP B 193 13.11 22.79 -3.23
C ASP B 193 12.04 21.87 -2.61
N LEU B 194 12.39 21.18 -1.53
CA LEU B 194 11.41 20.30 -0.89
C LEU B 194 10.25 21.14 -0.32
N LEU B 195 10.58 22.27 0.29
CA LEU B 195 9.55 23.11 0.86
C LEU B 195 8.63 23.67 -0.25
N ASN B 196 9.22 24.14 -1.34
CA ASN B 196 8.46 24.68 -2.45
C ASN B 196 7.40 23.73 -3.03
N MSE B 197 7.74 22.46 -3.21
CA MSE B 197 6.83 21.48 -3.81
C MSE B 197 5.82 20.78 -2.91
O MSE B 197 4.84 20.23 -3.40
CB MSE B 197 7.66 20.38 -4.50
CG MSE B 197 8.41 19.47 -3.51
SE MSE B 197 9.44 18.00 -4.29
CE MSE B 197 10.94 19.05 -4.94
N SER B 198 6.06 20.76 -1.60
CA SER B 198 5.19 20.02 -0.67
C SER B 198 3.85 20.61 -0.31
N ASP B 199 2.85 19.74 -0.24
CA ASP B 199 1.51 20.13 0.17
C ASP B 199 1.49 19.94 1.69
N VAL B 200 2.33 19.04 2.16
CA VAL B 200 2.46 18.75 3.59
C VAL B 200 3.93 18.51 3.95
N VAL B 201 4.40 19.18 5.00
CA VAL B 201 5.77 18.98 5.45
C VAL B 201 5.73 18.44 6.87
N SER B 202 6.44 17.33 7.10
CA SER B 202 6.48 16.73 8.42
C SER B 202 7.93 16.63 8.89
N LEU B 203 8.19 17.10 10.11
CA LEU B 203 9.54 17.11 10.66
C LEU B 203 9.85 15.92 11.57
N HIS B 204 10.93 15.23 11.29
CA HIS B 204 11.33 14.07 12.10
C HIS B 204 12.85 14.04 12.23
N VAL B 205 13.37 15.01 12.96
CA VAL B 205 14.80 15.14 13.16
C VAL B 205 15.14 15.21 14.65
N PRO B 206 16.41 15.00 15.01
CA PRO B 206 16.77 15.06 16.43
C PRO B 206 16.90 16.49 16.93
N GLU B 207 17.05 16.63 18.25
CA GLU B 207 17.23 17.92 18.89
C GLU B 207 18.72 18.15 19.05
N ASN B 208 19.25 19.13 18.34
CA ASN B 208 20.66 19.46 18.44
C ASN B 208 20.92 20.58 17.47
N PRO B 209 22.02 21.43 17.94
CA PRO B 209 22.26 22.73 17.31
C PRO B 209 21.97 22.83 15.83
N SER B 210 22.09 21.71 15.10
CA SER B 210 21.83 21.74 13.67
C SER B 210 20.34 21.84 13.35
N THR B 211 19.48 21.51 14.30
CA THR B 211 18.05 21.57 14.04
C THR B 211 17.27 22.65 14.79
N LYS B 212 17.89 23.29 15.78
CA LYS B 212 17.21 24.34 16.54
C LYS B 212 16.71 25.44 15.61
N ASN B 213 15.40 25.67 15.63
CA ASN B 213 14.77 26.67 14.80
C ASN B 213 15.12 26.55 13.32
N MSE B 214 15.35 25.33 12.83
CA MSE B 214 15.68 25.18 11.41
C MSE B 214 14.47 25.57 10.57
O MSE B 214 14.61 25.93 9.41
CB MSE B 214 16.14 23.75 11.09
CG MSE B 214 15.05 22.69 11.07
SE MSE B 214 15.80 20.95 10.53
CE MSE B 214 15.93 21.26 8.62
N MSE B 215 13.28 25.48 11.15
CA MSE B 215 12.08 25.89 10.42
C MSE B 215 11.67 27.27 10.94
O MSE B 215 10.79 27.40 11.80
CB MSE B 215 10.95 24.89 10.62
CG MSE B 215 11.16 23.55 9.93
SE MSE B 215 11.28 23.71 8.01
CE MSE B 215 9.57 24.55 7.73
N GLY B 216 12.33 28.30 10.41
CA GLY B 216 12.06 29.67 10.81
C GLY B 216 11.19 30.40 9.80
N ALA B 217 11.11 31.72 9.94
CA ALA B 217 10.30 32.53 9.05
C ALA B 217 10.64 32.29 7.59
N LYS B 218 11.92 32.15 7.30
CA LYS B 218 12.37 31.91 5.92
C LYS B 218 11.87 30.57 5.40
N GLU B 219 12.18 29.49 6.11
CA GLU B 219 11.76 28.15 5.68
C GLU B 219 10.25 28.07 5.52
N ILE B 220 9.50 28.61 6.48
CA ILE B 220 8.06 28.56 6.41
C ILE B 220 7.50 29.34 5.22
N SER B 221 8.13 30.46 4.86
CA SER B 221 7.63 31.23 3.71
C SER B 221 7.94 30.51 2.40
N LEU B 222 8.92 29.61 2.43
CA LEU B 222 9.28 28.86 1.23
C LEU B 222 8.28 27.74 0.98
N MSE B 223 7.50 27.41 2.00
CA MSE B 223 6.51 26.36 1.87
C MSE B 223 5.41 26.84 0.93
O MSE B 223 5.16 28.04 0.81
CB MSE B 223 5.92 25.99 3.23
CG MSE B 223 6.91 25.30 4.12
SE MSE B 223 6.16 24.71 5.79
CE MSE B 223 4.61 23.76 5.10
N LYS B 224 4.76 25.89 0.27
CA LYS B 224 3.72 26.23 -0.68
C LYS B 224 2.53 26.92 0.00
N PRO B 225 1.92 27.88 -0.70
CA PRO B 225 0.77 28.58 -0.14
C PRO B 225 -0.38 27.61 0.10
N GLY B 226 -0.94 27.64 1.31
CA GLY B 226 -2.04 26.73 1.63
C GLY B 226 -1.57 25.36 2.08
N SER B 227 -0.28 25.21 2.35
CA SER B 227 0.26 23.93 2.79
C SER B 227 0.07 23.72 4.30
N LEU B 228 0.52 22.56 4.77
CA LEU B 228 0.42 22.22 6.18
C LEU B 228 1.78 21.87 6.72
N LEU B 229 2.05 22.27 7.97
CA LEU B 229 3.31 21.95 8.62
C LEU B 229 3.01 21.05 9.83
N ILE B 230 3.74 19.94 9.93
CA ILE B 230 3.54 19.02 11.03
C ILE B 230 4.85 18.77 11.77
N ASN B 231 4.78 18.92 13.07
CA ASN B 231 5.93 18.70 13.96
C ASN B 231 5.43 17.75 15.05
N ALA B 232 5.24 16.48 14.68
CA ALA B 232 4.62 15.43 15.53
C ALA B 232 5.21 15.09 16.90
N SER B 233 6.53 15.15 17.05
CA SER B 233 7.14 14.81 18.33
C SER B 233 8.56 15.27 18.34
N ARG B 234 8.75 16.55 18.63
CA ARG B 234 10.09 17.11 18.66
C ARG B 234 10.24 18.02 19.86
N GLY B 235 10.76 19.21 19.61
CA GLY B 235 10.94 20.15 20.68
C GLY B 235 11.05 21.58 20.22
N THR B 236 12.25 21.96 19.79
CA THR B 236 12.53 23.33 19.37
C THR B 236 12.91 23.55 17.91
N VAL B 237 12.42 22.68 17.02
CA VAL B 237 12.75 22.79 15.60
C VAL B 237 12.00 23.89 14.86
N VAL B 238 10.81 24.26 15.34
CA VAL B 238 10.01 25.28 14.67
C VAL B 238 9.99 26.62 15.43
N ASP B 239 10.12 27.71 14.69
CA ASP B 239 10.08 29.05 15.29
C ASP B 239 8.59 29.34 15.46
N ILE B 240 8.10 29.20 16.68
CA ILE B 240 6.67 29.39 16.95
C ILE B 240 6.11 30.75 16.52
N PRO B 241 6.81 31.85 16.86
CA PRO B 241 6.29 33.17 16.45
C PRO B 241 6.04 33.18 14.93
N ALA B 242 7.01 32.66 14.20
CA ALA B 242 6.92 32.62 12.74
C ALA B 242 5.74 31.77 12.30
N LEU B 243 5.53 30.63 12.96
CA LEU B 243 4.42 29.74 12.61
C LEU B 243 3.09 30.45 12.84
N ALA B 244 2.94 31.09 13.99
CA ALA B 244 1.72 31.82 14.32
C ALA B 244 1.46 32.86 13.24
N ASP B 245 2.52 33.58 12.86
CA ASP B 245 2.43 34.60 11.82
C ASP B 245 1.95 34.01 10.49
N ALA B 246 2.56 32.90 10.07
CA ALA B 246 2.19 32.26 8.81
C ALA B 246 0.76 31.73 8.86
N LEU B 247 0.30 31.36 10.04
CA LEU B 247 -1.08 30.87 10.20
C LEU B 247 -2.07 32.04 10.10
N ALA B 248 -1.73 33.14 10.76
CA ALA B 248 -2.59 34.33 10.75
C ALA B 248 -2.71 34.89 9.34
N SER B 249 -1.59 34.92 8.62
CA SER B 249 -1.59 35.43 7.25
C SER B 249 -2.20 34.42 6.28
N LYS B 250 -2.54 33.24 6.78
CA LYS B 250 -3.12 32.19 5.94
C LYS B 250 -2.13 31.60 4.94
N HIS B 251 -0.84 31.85 5.12
CA HIS B 251 0.14 31.26 4.22
C HIS B 251 0.04 29.74 4.36
N LEU B 252 -0.12 29.27 5.61
CA LEU B 252 -0.30 27.85 5.88
C LEU B 252 -1.77 27.66 6.20
N ALA B 253 -2.36 26.55 5.73
CA ALA B 253 -3.76 26.27 5.98
C ALA B 253 -3.96 25.56 7.33
N GLY B 254 -2.87 25.25 8.03
CA GLY B 254 -3.02 24.56 9.30
C GLY B 254 -1.73 23.90 9.74
N ALA B 255 -1.75 23.33 10.94
CA ALA B 255 -0.55 22.67 11.46
C ALA B 255 -0.89 21.75 12.63
N ALA B 256 0.07 20.92 13.01
CA ALA B 256 -0.07 20.02 14.16
C ALA B 256 1.28 20.10 14.85
N ILE B 257 1.29 20.27 16.17
CA ILE B 257 2.55 20.41 16.88
C ILE B 257 2.44 20.18 18.39
N ASP B 258 3.60 20.08 19.04
CA ASP B 258 3.72 19.88 20.48
C ASP B 258 3.33 18.48 20.90
N SER B 273 -0.60 28.20 24.46
CA SER B 273 0.52 28.67 23.68
C SER B 273 0.01 29.76 22.75
N PRO B 274 0.92 30.39 21.98
CA PRO B 274 0.49 31.46 21.06
C PRO B 274 -0.32 30.85 19.92
N LEU B 275 -0.45 29.51 19.94
CA LEU B 275 -1.19 28.81 18.90
C LEU B 275 -2.61 28.41 19.32
N ALA B 276 -2.94 28.61 20.60
CA ALA B 276 -4.26 28.25 21.11
C ALA B 276 -5.40 28.98 20.39
N GLU B 277 -5.09 30.13 19.82
CA GLU B 277 -6.10 30.92 19.11
C GLU B 277 -6.50 30.29 17.78
N PHE B 278 -5.63 29.44 17.22
CA PHE B 278 -5.91 28.85 15.92
C PHE B 278 -6.65 27.51 15.97
N ASP B 279 -7.89 27.51 15.50
CA ASP B 279 -8.70 26.30 15.48
C ASP B 279 -8.16 25.31 14.45
N ASN B 280 -7.41 25.82 13.47
CA ASN B 280 -6.85 24.94 12.44
C ASN B 280 -5.46 24.41 12.83
N VAL B 281 -5.18 24.38 14.13
CA VAL B 281 -3.93 23.83 14.60
C VAL B 281 -4.25 22.75 15.61
N LEU B 282 -3.68 21.57 15.42
CA LEU B 282 -3.89 20.47 16.35
C LEU B 282 -2.74 20.51 17.34
N LEU B 283 -3.08 20.55 18.62
CA LEU B 283 -2.09 20.58 19.68
C LEU B 283 -2.22 19.25 20.39
N THR B 284 -1.12 18.51 20.48
CA THR B 284 -1.13 17.20 21.09
C THR B 284 -0.26 17.13 22.34
N PRO B 285 -0.70 17.77 23.44
CA PRO B 285 0.04 17.77 24.71
C PRO B 285 0.75 16.44 24.98
N HIS B 286 2.07 16.50 25.00
CA HIS B 286 2.97 15.36 25.22
C HIS B 286 2.61 14.09 24.44
N ILE B 287 3.54 13.68 23.59
CA ILE B 287 3.37 12.48 22.75
C ILE B 287 4.41 11.43 23.13
N GLY B 288 5.41 11.84 23.91
CA GLY B 288 6.46 10.93 24.33
C GLY B 288 5.95 9.66 24.99
N GLY B 289 4.64 9.53 25.11
CA GLY B 289 4.06 8.36 25.75
C GLY B 289 4.13 7.12 24.86
N SER B 290 4.65 6.03 25.42
CA SER B 290 4.76 4.77 24.71
C SER B 290 3.43 4.03 24.78
N THR B 291 3.03 3.40 23.68
CA THR B 291 1.77 2.66 23.63
C THR B 291 1.86 1.31 24.35
N GLN B 292 0.71 0.74 24.68
CA GLN B 292 0.67 -0.54 25.37
C GLN B 292 1.13 -1.65 24.43
N GLU B 293 0.80 -1.52 23.15
CA GLU B 293 1.19 -2.53 22.18
C GLU B 293 2.71 -2.58 22.05
N ALA B 294 3.37 -1.48 22.38
CA ALA B 294 4.82 -1.38 22.26
C ALA B 294 5.63 -1.91 23.45
N GLN B 295 4.96 -2.30 24.52
CA GLN B 295 5.66 -2.80 25.69
C GLN B 295 6.66 -3.92 25.38
N GLU B 296 6.28 -4.84 24.49
CA GLU B 296 7.18 -5.94 24.12
C GLU B 296 8.41 -5.41 23.40
N ASN B 297 8.20 -4.58 22.38
CA ASN B 297 9.31 -4.01 21.61
C ASN B 297 10.21 -3.21 22.55
N ILE B 298 9.60 -2.43 23.43
CA ILE B 298 10.36 -1.63 24.40
C ILE B 298 11.20 -2.52 25.30
N GLY B 299 10.61 -3.61 25.79
CA GLY B 299 11.35 -4.53 26.64
C GLY B 299 12.58 -5.03 25.90
N LEU B 300 12.36 -5.42 24.64
CA LEU B 300 13.44 -5.92 23.79
C LEU B 300 14.47 -4.82 23.50
N GLU B 301 13.99 -3.64 23.12
CA GLU B 301 14.89 -2.54 22.81
C GLU B 301 15.77 -2.11 23.97
N VAL B 302 15.16 -1.82 25.13
CA VAL B 302 15.98 -1.36 26.24
C VAL B 302 16.85 -2.43 26.88
N ALA B 303 16.38 -3.67 26.92
CA ALA B 303 17.20 -4.73 27.48
C ALA B 303 18.41 -4.85 26.56
N GLY B 304 18.16 -4.75 25.26
CA GLY B 304 19.25 -4.83 24.29
C GLY B 304 20.32 -3.77 24.56
N LYS B 305 19.90 -2.54 24.85
CA LYS B 305 20.83 -1.45 25.14
C LYS B 305 21.68 -1.74 26.37
N LEU B 306 21.04 -2.16 27.44
CA LEU B 306 21.76 -2.48 28.66
C LEU B 306 22.76 -3.61 28.39
N ILE B 307 22.29 -4.65 27.70
CA ILE B 307 23.16 -5.77 27.38
C ILE B 307 24.39 -5.34 26.60
N LYS B 308 24.19 -4.62 25.51
CA LYS B 308 25.34 -4.19 24.71
C LYS B 308 26.26 -3.24 25.47
N TYR B 309 25.70 -2.37 26.32
CA TYR B 309 26.55 -1.48 27.09
C TYR B 309 27.40 -2.36 28.00
N SER B 310 26.75 -3.26 28.72
CA SER B 310 27.47 -4.16 29.62
C SER B 310 28.52 -4.98 28.88
N ASP B 311 28.18 -5.52 27.71
CA ASP B 311 29.11 -6.36 26.96
C ASP B 311 30.20 -5.67 26.11
N ASN B 312 29.86 -4.64 25.36
CA ASN B 312 30.85 -4.00 24.51
C ASN B 312 31.02 -2.49 24.74
N GLY B 313 30.34 -1.97 25.74
CA GLY B 313 30.48 -0.57 26.10
C GLY B 313 29.75 0.43 25.22
N SER B 314 28.92 -0.03 24.30
CA SER B 314 28.19 0.89 23.43
C SER B 314 27.27 1.83 24.20
N THR B 315 27.37 3.12 23.91
CA THR B 315 26.48 4.08 24.54
C THR B 315 25.63 4.77 23.49
N LEU B 316 25.51 4.11 22.34
CA LEU B 316 24.71 4.63 21.24
C LEU B 316 23.29 4.85 21.79
N SER B 317 22.72 6.03 21.53
CA SER B 317 21.37 6.39 21.97
C SER B 317 21.19 6.80 23.42
N ALA B 318 22.26 6.72 24.23
CA ALA B 318 22.20 7.14 25.63
C ALA B 318 21.71 8.58 25.63
N VAL B 319 20.91 8.98 26.61
CA VAL B 319 20.37 10.34 26.64
C VAL B 319 21.14 11.36 27.48
N ASN B 320 22.16 10.92 28.20
CA ASN B 320 22.92 11.82 29.07
C ASN B 320 24.40 11.45 29.00
N PHE B 321 24.83 10.91 27.87
CA PHE B 321 26.19 10.43 27.79
C PHE B 321 26.77 10.57 26.40
N PRO B 322 28.10 10.70 26.32
CA PRO B 322 28.73 10.82 25.00
C PRO B 322 28.43 9.47 24.32
N GLU B 323 28.03 9.51 23.05
CA GLU B 323 27.71 8.29 22.31
C GLU B 323 28.92 7.64 21.65
N VAL B 324 29.21 6.42 22.07
CA VAL B 324 30.34 5.67 21.53
C VAL B 324 29.90 4.25 21.18
N SER B 325 30.45 3.72 20.10
CA SER B 325 30.18 2.36 19.65
C SER B 325 31.29 1.91 18.74
N LEU B 326 31.99 0.86 19.14
CA LEU B 326 33.11 0.33 18.37
C LEU B 326 32.84 -1.10 17.91
N PRO B 327 32.97 -1.38 16.61
CA PRO B 327 32.73 -2.73 16.10
C PRO B 327 33.56 -3.75 16.87
N LEU B 328 33.00 -4.95 17.05
CA LEU B 328 33.70 -6.01 17.77
C LEU B 328 34.67 -6.74 16.86
N HIS B 329 35.96 -6.57 17.11
CA HIS B 329 37.00 -7.24 16.32
C HIS B 329 37.90 -8.08 17.21
N GLY B 330 37.30 -8.75 18.19
CA GLY B 330 38.08 -9.58 19.10
C GLY B 330 39.13 -8.82 19.89
N GLY B 331 40.05 -9.56 20.49
CA GLY B 331 41.09 -8.95 21.29
C GLY B 331 40.54 -8.63 22.66
N ARG B 332 41.06 -7.57 23.27
CA ARG B 332 40.64 -7.14 24.60
C ARG B 332 40.02 -5.76 24.43
N ARG B 333 39.03 -5.45 25.27
CA ARG B 333 38.38 -4.13 25.19
C ARG B 333 38.27 -3.47 26.55
N LEU B 334 38.72 -2.23 26.62
CA LEU B 334 38.68 -1.45 27.85
C LEU B 334 37.87 -0.19 27.61
N MSE B 335 37.26 0.33 28.67
CA MSE B 335 36.49 1.57 28.57
C MSE B 335 36.86 2.49 29.72
O MSE B 335 37.08 2.05 30.85
CB MSE B 335 34.99 1.24 28.54
CG MSE B 335 34.48 0.57 29.78
SE MSE B 335 34.02 1.91 31.09
CE MSE B 335 32.09 1.70 30.99
N HIS B 336 36.95 3.78 29.43
CA HIS B 336 37.36 4.78 30.41
C HIS B 336 36.42 5.98 30.42
N ILE B 337 35.85 6.28 31.58
CA ILE B 337 34.94 7.42 31.71
C ILE B 337 35.68 8.44 32.56
N HIS B 338 35.72 9.69 32.10
CA HIS B 338 36.47 10.70 32.80
C HIS B 338 35.99 12.14 32.61
N GLU B 339 36.71 13.04 33.28
CA GLU B 339 36.49 14.48 33.20
C GLU B 339 37.12 14.86 31.87
N ASN B 340 36.35 15.47 30.98
CA ASN B 340 36.89 15.87 29.69
C ASN B 340 37.99 16.91 29.86
N ARG B 341 39.18 16.62 29.36
CA ARG B 341 40.32 17.54 29.45
C ARG B 341 41.45 17.06 28.56
N PRO B 342 42.35 17.97 28.17
CA PRO B 342 43.49 17.59 27.32
C PRO B 342 44.40 16.66 28.12
N GLY B 343 45.10 15.77 27.44
CA GLY B 343 46.00 14.88 28.14
C GLY B 343 45.51 13.51 28.56
N VAL B 344 44.20 13.25 28.50
CA VAL B 344 43.71 11.93 28.89
C VAL B 344 44.22 10.89 27.89
N LEU B 345 43.97 11.14 26.61
CA LEU B 345 44.42 10.23 25.57
C LEU B 345 45.93 10.03 25.63
N THR B 346 46.68 11.11 25.84
CA THR B 346 48.13 10.98 25.92
C THR B 346 48.49 10.11 27.11
N ALA B 347 47.80 10.33 28.22
CA ALA B 347 48.00 9.54 29.43
C ALA B 347 47.72 8.07 29.11
N LEU B 348 46.73 7.83 28.26
CA LEU B 348 46.38 6.46 27.88
C LEU B 348 47.48 5.83 27.01
N ASN B 349 47.94 6.57 26.00
CA ASN B 349 48.98 6.08 25.10
C ASN B 349 50.22 5.61 25.87
N LYS B 350 50.64 6.41 26.86
CA LYS B 350 51.81 6.08 27.67
C LYS B 350 51.64 4.78 28.45
N ILE B 351 50.45 4.55 28.97
CA ILE B 351 50.18 3.34 29.73
C ILE B 351 50.32 2.11 28.85
N PHE B 352 49.77 2.16 27.64
CA PHE B 352 49.87 1.02 26.73
C PHE B 352 51.29 0.86 26.21
N ALA B 353 52.02 1.98 26.14
CA ALA B 353 53.41 1.96 25.67
C ALA B 353 54.26 1.26 26.72
N GLU B 354 54.10 1.68 27.97
CA GLU B 354 54.84 1.09 29.07
C GLU B 354 54.50 -0.38 29.15
N GLN B 355 53.23 -0.69 28.90
CA GLN B 355 52.74 -2.07 28.96
C GLN B 355 53.14 -2.87 27.71
N GLY B 356 53.66 -2.18 26.71
CA GLY B 356 54.06 -2.85 25.49
C GLY B 356 52.94 -3.35 24.60
N VAL B 357 51.82 -2.64 24.56
CA VAL B 357 50.69 -3.07 23.73
C VAL B 357 50.26 -2.05 22.70
N ASN B 358 49.78 -2.52 21.56
CA ASN B 358 49.33 -1.63 20.50
C ASN B 358 47.81 -1.50 20.54
N ILE B 359 47.32 -0.32 20.21
CA ILE B 359 45.88 -0.07 20.18
C ILE B 359 45.36 -0.42 18.79
N ALA B 360 44.42 -1.36 18.71
CA ALA B 360 43.84 -1.78 17.44
C ALA B 360 42.76 -0.80 16.95
N ALA B 361 42.00 -0.25 17.89
CA ALA B 361 40.95 0.71 17.58
C ALA B 361 40.62 1.51 18.82
N GLN B 362 40.12 2.72 18.63
CA GLN B 362 39.80 3.57 19.77
C GLN B 362 38.71 4.56 19.36
N TYR B 363 37.79 4.84 20.28
CA TYR B 363 36.70 5.76 20.00
C TYR B 363 36.40 6.57 21.25
N LEU B 364 36.73 7.86 21.21
CA LEU B 364 36.48 8.76 22.31
C LEU B 364 35.48 9.83 21.86
N GLN B 365 34.46 10.06 22.68
CA GLN B 365 33.47 11.08 22.37
C GLN B 365 33.31 11.88 23.65
N THR B 366 32.94 13.15 23.52
CA THR B 366 32.77 14.02 24.69
C THR B 366 31.42 14.71 24.59
N SER B 367 30.86 15.04 25.75
CA SER B 367 29.57 15.71 25.81
C SER B 367 29.54 16.43 27.14
N ALA B 368 29.43 17.75 27.07
CA ALA B 368 29.41 18.58 28.27
C ALA B 368 30.82 18.55 28.87
N GLN B 369 30.92 18.28 30.16
CA GLN B 369 32.23 18.22 30.80
C GLN B 369 32.69 16.77 30.97
N MSE B 370 32.16 15.88 30.14
CA MSE B 370 32.51 14.47 30.25
C MSE B 370 33.04 13.79 28.98
O MSE B 370 32.62 14.10 27.87
CB MSE B 370 31.31 13.68 30.76
CG MSE B 370 31.55 12.20 30.86
SE MSE B 370 30.17 11.37 31.87
CE MSE B 370 30.71 12.04 33.60
N GLY B 371 33.96 12.86 29.21
CA GLY B 371 34.56 12.12 28.12
C GLY B 371 34.46 10.62 28.35
N TYR B 372 34.18 9.90 27.26
CA TYR B 372 34.07 8.45 27.33
C TYR B 372 34.85 7.90 26.16
N VAL B 373 35.70 6.91 26.43
CA VAL B 373 36.50 6.30 25.39
C VAL B 373 36.56 4.78 25.54
N VAL B 374 36.44 4.09 24.41
CA VAL B 374 36.51 2.64 24.35
C VAL B 374 37.76 2.31 23.57
N ILE B 375 38.54 1.38 24.08
CA ILE B 375 39.80 1.00 23.46
C ILE B 375 39.94 -0.49 23.22
N ASP B 376 40.34 -0.86 22.01
CA ASP B 376 40.57 -2.26 21.69
C ASP B 376 42.07 -2.44 21.59
N ILE B 377 42.58 -3.45 22.29
CA ILE B 377 44.01 -3.74 22.28
C ILE B 377 44.25 -5.24 22.17
N GLU B 378 45.40 -5.60 21.63
CA GLU B 378 45.77 -7.01 21.52
C GLU B 378 46.72 -7.26 22.67
N ALA B 379 46.29 -8.03 23.65
CA ALA B 379 47.11 -8.33 24.81
C ALA B 379 46.48 -9.45 25.64
N ASP B 380 47.30 -10.10 26.48
CA ASP B 380 46.79 -11.18 27.31
C ASP B 380 45.98 -10.59 28.46
N GLU B 381 45.34 -11.46 29.23
CA GLU B 381 44.51 -11.03 30.35
C GLU B 381 45.27 -10.23 31.40
N ASP B 382 46.44 -10.74 31.81
CA ASP B 382 47.25 -10.08 32.83
C ASP B 382 47.61 -8.66 32.42
N VAL B 383 48.17 -8.51 31.23
CA VAL B 383 48.56 -7.19 30.73
C VAL B 383 47.36 -6.26 30.70
N ALA B 384 46.22 -6.76 30.22
CA ALA B 384 45.02 -5.95 30.15
C ALA B 384 44.63 -5.44 31.54
N GLU B 385 44.75 -6.33 32.54
CA GLU B 385 44.41 -5.95 33.89
C GLU B 385 45.37 -4.90 34.45
N LYS B 386 46.66 -5.04 34.14
CA LYS B 386 47.66 -4.09 34.61
C LYS B 386 47.35 -2.73 34.00
N ALA B 387 46.99 -2.74 32.72
CA ALA B 387 46.66 -1.52 32.00
C ALA B 387 45.43 -0.89 32.67
N LEU B 388 44.48 -1.74 33.03
CA LEU B 388 43.25 -1.27 33.67
C LEU B 388 43.54 -0.57 35.00
N GLN B 389 44.40 -1.14 35.82
CA GLN B 389 44.70 -0.51 37.10
C GLN B 389 45.37 0.85 36.89
N ALA B 390 46.29 0.93 35.95
CA ALA B 390 46.95 2.21 35.67
C ALA B 390 45.91 3.25 35.23
N MSE B 391 45.07 2.86 34.28
CA MSE B 391 44.02 3.74 33.76
C MSE B 391 43.12 4.34 34.84
O MSE B 391 42.72 5.49 34.76
CB MSE B 391 43.15 2.99 32.75
CG MSE B 391 43.89 2.60 31.47
SE MSE B 391 42.83 1.43 30.37
CE MSE B 391 41.12 2.22 30.67
N LYS B 392 42.79 3.53 35.84
CA LYS B 392 41.94 3.98 36.92
C LYS B 392 42.62 5.06 37.75
N ALA B 393 43.95 5.11 37.70
CA ALA B 393 44.72 6.07 38.47
C ALA B 393 44.95 7.40 37.76
N ILE B 394 44.43 7.53 36.54
CA ILE B 394 44.60 8.78 35.82
C ILE B 394 43.72 9.82 36.52
N PRO B 395 44.30 10.95 36.94
CA PRO B 395 43.55 12.02 37.61
C PRO B 395 42.34 12.43 36.78
N GLY B 396 41.18 12.58 37.43
CA GLY B 396 39.98 12.98 36.72
C GLY B 396 39.16 11.79 36.24
N THR B 397 39.65 10.58 36.48
CA THR B 397 38.95 9.36 36.06
C THR B 397 37.73 9.10 36.93
N ILE B 398 36.60 8.81 36.28
CA ILE B 398 35.37 8.55 37.02
C ILE B 398 35.20 7.05 37.23
N ARG B 399 35.60 6.26 36.24
CA ARG B 399 35.54 4.80 36.35
C ARG B 399 36.05 4.20 35.05
N ALA B 400 36.54 2.97 35.14
CA ALA B 400 37.05 2.27 33.98
C ALA B 400 36.85 0.78 34.22
N ARG B 401 36.62 0.04 33.15
CA ARG B 401 36.42 -1.39 33.30
C ARG B 401 36.95 -2.16 32.11
N LEU B 402 37.17 -3.44 32.33
CA LEU B 402 37.66 -4.34 31.29
C LEU B 402 36.42 -5.10 30.85
N LEU B 403 35.97 -4.87 29.63
CA LEU B 403 34.76 -5.52 29.13
C LEU B 403 34.99 -6.97 28.73
N TYR B 404 36.14 -7.24 28.12
CA TYR B 404 36.48 -8.60 27.71
C TYR B 404 37.91 -8.68 27.23
N ASP C 3 -41.36 -25.69 1.72
CA ASP C 3 -40.03 -25.86 1.05
C ASP C 3 -39.69 -27.33 0.76
N LYS C 4 -40.24 -27.84 -0.33
CA LYS C 4 -39.99 -29.21 -0.77
C LYS C 4 -38.92 -29.09 -1.83
N ILE C 5 -38.07 -28.08 -1.68
CA ILE C 5 -37.01 -27.79 -2.61
C ILE C 5 -35.75 -28.62 -2.36
N LYS C 6 -35.68 -29.77 -3.02
CA LYS C 6 -34.54 -30.66 -2.87
C LYS C 6 -33.31 -30.15 -3.62
N PHE C 7 -32.14 -30.23 -2.98
CA PHE C 7 -30.89 -29.79 -3.57
C PHE C 7 -29.94 -30.98 -3.73
N LEU C 8 -29.71 -31.41 -4.98
CA LEU C 8 -28.81 -32.53 -5.24
C LEU C 8 -27.41 -31.99 -5.54
N LEU C 9 -26.45 -32.37 -4.71
CA LEU C 9 -25.06 -31.91 -4.85
C LEU C 9 -24.10 -33.06 -5.07
N VAL C 10 -23.32 -33.01 -6.14
CA VAL C 10 -22.33 -34.05 -6.44
C VAL C 10 -20.91 -33.51 -6.60
N GLU C 11 -19.95 -34.44 -6.69
CA GLU C 11 -18.54 -34.09 -6.84
C GLU C 11 -18.00 -33.30 -5.66
N GLY C 12 -18.72 -33.38 -4.55
CA GLY C 12 -18.32 -32.70 -3.33
C GLY C 12 -18.04 -31.22 -3.39
N VAL C 13 -19.10 -30.41 -3.32
CA VAL C 13 -18.94 -28.96 -3.33
C VAL C 13 -18.60 -28.59 -1.89
N HIS C 14 -17.83 -27.51 -1.75
CA HIS C 14 -17.40 -27.04 -0.44
C HIS C 14 -18.55 -26.88 0.56
N GLN C 15 -18.24 -27.15 1.82
CA GLN C 15 -19.19 -27.05 2.93
C GLN C 15 -19.90 -25.72 2.93
N LYS C 16 -19.23 -24.68 2.45
CA LYS C 16 -19.81 -23.34 2.40
C LYS C 16 -21.10 -23.25 1.60
N ALA C 17 -21.16 -23.99 0.48
CA ALA C 17 -22.36 -23.99 -0.34
C ALA C 17 -23.50 -24.48 0.55
N LEU C 18 -23.22 -25.53 1.30
CA LEU C 18 -24.19 -26.12 2.23
C LEU C 18 -24.56 -25.11 3.31
N GLU C 19 -23.55 -24.43 3.85
CA GLU C 19 -23.77 -23.42 4.88
C GLU C 19 -24.78 -22.44 4.31
N SER C 20 -24.41 -21.86 3.16
CA SER C 20 -25.23 -20.87 2.47
C SER C 20 -26.68 -21.27 2.25
N LEU C 21 -26.89 -22.40 1.58
CA LEU C 21 -28.26 -22.84 1.30
C LEU C 21 -29.05 -22.85 2.60
N ARG C 22 -28.48 -23.44 3.64
CA ARG C 22 -29.12 -23.51 4.94
C ARG C 22 -29.43 -22.10 5.45
N ALA C 23 -28.46 -21.21 5.34
CA ALA C 23 -28.62 -19.83 5.77
C ALA C 23 -29.97 -19.26 5.29
N ALA C 24 -30.45 -19.77 4.17
CA ALA C 24 -31.71 -19.31 3.61
C ALA C 24 -32.84 -20.31 3.87
N GLY C 25 -32.72 -21.08 4.94
CA GLY C 25 -33.73 -22.06 5.27
C GLY C 25 -33.71 -23.28 4.36
N TYR C 26 -33.37 -23.06 3.10
CA TYR C 26 -33.30 -24.14 2.11
C TYR C 26 -32.58 -25.40 2.62
N THR C 27 -33.35 -26.32 3.19
CA THR C 27 -32.80 -27.57 3.70
C THR C 27 -33.08 -28.62 2.63
N ASN C 28 -32.91 -29.90 2.97
CA ASN C 28 -33.13 -30.97 2.01
C ASN C 28 -31.96 -30.92 1.03
N ILE C 29 -30.87 -31.59 1.41
CA ILE C 29 -29.69 -31.60 0.58
C ILE C 29 -29.05 -32.97 0.45
N GLU C 30 -29.23 -33.59 -0.71
CA GLU C 30 -28.64 -34.90 -0.98
C GLU C 30 -27.21 -34.64 -1.47
N PHE C 31 -26.25 -34.92 -0.60
CA PHE C 31 -24.84 -34.70 -0.89
C PHE C 31 -24.12 -35.97 -1.37
N HIS C 32 -23.15 -35.78 -2.26
CA HIS C 32 -22.35 -36.88 -2.80
C HIS C 32 -20.94 -36.39 -3.07
N LYS C 33 -19.99 -36.75 -2.21
CA LYS C 33 -18.61 -36.32 -2.40
C LYS C 33 -18.08 -36.69 -3.79
N GLY C 34 -18.71 -37.68 -4.41
CA GLY C 34 -18.27 -38.09 -5.73
C GLY C 34 -19.30 -37.86 -6.83
N ALA C 35 -18.92 -38.22 -8.06
CA ALA C 35 -19.79 -38.05 -9.21
C ALA C 35 -20.63 -39.31 -9.43
N LEU C 36 -21.94 -39.13 -9.59
CA LEU C 36 -22.84 -40.24 -9.81
C LEU C 36 -22.84 -40.64 -11.28
N ASP C 37 -23.33 -41.81 -11.58
CA ASP C 37 -23.34 -42.27 -12.93
C ASP C 37 -24.74 -42.28 -13.47
N ASP C 38 -24.76 -42.45 -14.75
CA ASP C 38 -25.97 -42.48 -15.52
C ASP C 38 -27.21 -43.03 -14.79
N GLU C 39 -27.10 -44.25 -14.13
CA GLU C 39 -28.18 -44.99 -13.39
C GLU C 39 -28.60 -44.27 -12.12
N GLN C 40 -27.65 -44.05 -11.25
CA GLN C 40 -27.94 -43.36 -10.00
C GLN C 40 -28.28 -41.89 -10.21
N LEU C 41 -27.56 -41.25 -11.12
CA LEU C 41 -27.80 -39.84 -11.41
C LEU C 41 -29.27 -39.60 -11.73
N LYS C 42 -29.81 -40.39 -12.65
CA LYS C 42 -31.22 -40.26 -13.03
C LYS C 42 -32.13 -40.50 -11.84
N GLU C 43 -31.66 -41.31 -10.89
CA GLU C 43 -32.46 -41.61 -9.71
C GLU C 43 -32.52 -40.41 -8.76
N SER C 44 -31.34 -39.89 -8.43
CA SER C 44 -31.24 -38.76 -7.51
C SER C 44 -31.75 -37.44 -8.07
N ILE C 45 -31.58 -37.24 -9.38
CA ILE C 45 -32.01 -36.00 -10.01
C ILE C 45 -33.51 -36.00 -10.32
N ARG C 46 -34.12 -37.18 -10.27
CA ARG C 46 -35.56 -37.32 -10.56
C ARG C 46 -36.41 -36.29 -9.83
N ASP C 47 -36.21 -36.15 -8.53
CA ASP C 47 -36.97 -35.20 -7.72
C ASP C 47 -36.11 -34.01 -7.29
N ALA C 48 -35.06 -33.74 -8.05
CA ALA C 48 -34.17 -32.64 -7.71
C ALA C 48 -34.65 -31.28 -8.25
N HIS C 49 -34.76 -30.31 -7.35
CA HIS C 49 -35.16 -28.96 -7.73
C HIS C 49 -33.94 -28.23 -8.28
N PHE C 50 -32.81 -28.41 -7.60
CA PHE C 50 -31.55 -27.77 -7.97
C PHE C 50 -30.41 -28.79 -7.91
N ILE C 51 -29.56 -28.81 -8.93
CA ILE C 51 -28.42 -29.71 -8.92
C ILE C 51 -27.13 -28.90 -8.95
N GLY C 52 -26.18 -29.29 -8.10
CA GLY C 52 -24.89 -28.64 -8.04
C GLY C 52 -23.86 -29.66 -8.46
N LEU C 53 -23.06 -29.34 -9.46
CA LEU C 53 -22.05 -30.29 -9.93
C LEU C 53 -20.72 -29.63 -10.26
N ARG C 54 -19.73 -30.45 -10.61
CA ARG C 54 -18.44 -29.93 -10.98
C ARG C 54 -18.13 -30.33 -12.41
N SER C 55 -16.85 -30.48 -12.75
CA SER C 55 -16.44 -30.80 -14.11
C SER C 55 -16.61 -32.24 -14.60
N ARG C 56 -17.06 -33.14 -13.74
CA ARG C 56 -17.18 -34.53 -14.18
C ARG C 56 -18.57 -35.05 -14.50
N THR C 57 -19.59 -34.56 -13.79
CA THR C 57 -20.96 -35.03 -14.04
C THR C 57 -21.39 -34.75 -15.48
N HIS C 58 -21.89 -35.77 -16.15
CA HIS C 58 -22.35 -35.65 -17.53
C HIS C 58 -23.85 -35.45 -17.58
N LEU C 59 -24.28 -34.19 -17.43
CA LEU C 59 -25.71 -33.87 -17.46
C LEU C 59 -26.18 -33.77 -18.91
N THR C 60 -26.54 -34.93 -19.46
CA THR C 60 -27.00 -35.02 -20.85
C THR C 60 -28.45 -34.64 -20.99
N GLU C 61 -28.90 -34.55 -22.24
CA GLU C 61 -30.29 -34.22 -22.54
C GLU C 61 -31.19 -35.25 -21.88
N ASP C 62 -30.73 -36.50 -21.88
CA ASP C 62 -31.48 -37.59 -21.28
C ASP C 62 -31.66 -37.41 -19.78
N VAL C 63 -30.56 -37.15 -19.08
CA VAL C 63 -30.62 -36.96 -17.63
C VAL C 63 -31.52 -35.78 -17.27
N ILE C 64 -31.37 -34.68 -18.02
CA ILE C 64 -32.18 -33.49 -17.79
C ILE C 64 -33.65 -33.81 -18.06
N ASN C 65 -33.93 -34.49 -19.17
CA ASN C 65 -35.30 -34.86 -19.50
C ASN C 65 -35.82 -35.75 -18.38
N ALA C 66 -34.93 -36.55 -17.81
CA ALA C 66 -35.28 -37.43 -16.70
C ALA C 66 -35.81 -36.63 -15.53
N ALA C 67 -35.20 -35.48 -15.28
CA ALA C 67 -35.62 -34.60 -14.19
C ALA C 67 -37.08 -34.24 -14.38
N GLU C 68 -37.74 -33.81 -13.31
CA GLU C 68 -39.15 -33.44 -13.38
C GLU C 68 -39.48 -32.22 -12.56
N LYS C 69 -38.52 -31.76 -11.76
CA LYS C 69 -38.74 -30.58 -10.93
C LYS C 69 -37.55 -29.62 -10.99
N LEU C 70 -36.51 -29.99 -11.72
CA LEU C 70 -35.30 -29.19 -11.87
C LEU C 70 -35.59 -27.74 -12.29
N VAL C 71 -35.19 -26.81 -11.44
CA VAL C 71 -35.38 -25.37 -11.68
C VAL C 71 -34.11 -24.69 -12.18
N ALA C 72 -32.95 -25.13 -11.69
CA ALA C 72 -31.68 -24.54 -12.11
C ALA C 72 -30.51 -25.50 -11.88
N ILE C 73 -29.38 -25.17 -12.50
CA ILE C 73 -28.18 -25.99 -12.39
C ILE C 73 -27.01 -25.09 -11.98
N GLY C 74 -26.31 -25.50 -10.93
CA GLY C 74 -25.17 -24.74 -10.46
C GLY C 74 -23.87 -25.45 -10.75
N ALA C 75 -23.07 -24.87 -11.64
CA ALA C 75 -21.77 -25.44 -11.98
C ALA C 75 -20.79 -24.82 -11.01
N PHE C 76 -20.43 -25.56 -9.96
CA PHE C 76 -19.49 -25.05 -8.96
C PHE C 76 -18.06 -25.22 -9.41
N ALA C 77 -17.68 -24.46 -10.42
CA ALA C 77 -16.33 -24.54 -10.95
C ALA C 77 -16.00 -23.41 -11.92
N ILE C 78 -14.87 -23.56 -12.59
CA ILE C 78 -14.37 -22.60 -13.55
C ILE C 78 -15.46 -22.19 -14.55
N GLY C 79 -16.58 -22.92 -14.54
CA GLY C 79 -17.68 -22.62 -15.43
C GLY C 79 -18.33 -23.91 -15.90
N THR C 80 -19.22 -23.81 -16.89
CA THR C 80 -19.89 -24.99 -17.43
C THR C 80 -18.86 -26.06 -17.77
N ASN C 81 -19.27 -27.33 -17.70
CA ASN C 81 -18.36 -28.43 -18.00
C ASN C 81 -18.94 -29.50 -18.92
N GLN C 82 -19.52 -30.53 -18.32
CA GLN C 82 -20.12 -31.62 -19.09
C GLN C 82 -21.63 -31.49 -19.09
N VAL C 83 -22.10 -30.25 -19.02
CA VAL C 83 -23.54 -29.96 -19.02
C VAL C 83 -24.07 -29.64 -20.41
N ASP C 84 -25.22 -30.21 -20.76
CA ASP C 84 -25.82 -29.92 -22.06
C ASP C 84 -26.58 -28.61 -21.83
N LEU C 85 -25.87 -27.51 -21.94
CA LEU C 85 -26.45 -26.18 -21.73
C LEU C 85 -27.69 -25.97 -22.59
N ASP C 86 -27.62 -26.41 -23.84
CA ASP C 86 -28.72 -26.27 -24.76
C ASP C 86 -29.96 -27.01 -24.26
N ALA C 87 -29.78 -28.28 -23.90
CA ALA C 87 -30.89 -29.08 -23.41
C ALA C 87 -31.49 -28.41 -22.18
N ALA C 88 -30.63 -27.84 -21.34
CA ALA C 88 -31.07 -27.16 -20.12
C ALA C 88 -31.94 -25.94 -20.42
N ALA C 89 -31.49 -25.14 -21.39
CA ALA C 89 -32.23 -23.94 -21.77
C ALA C 89 -33.63 -24.30 -22.28
N LYS C 90 -33.70 -25.29 -23.17
CA LYS C 90 -34.98 -25.72 -23.73
C LYS C 90 -36.00 -26.01 -22.65
N ARG C 91 -35.52 -26.46 -21.50
CA ARG C 91 -36.40 -26.78 -20.38
C ARG C 91 -36.59 -25.58 -19.46
N GLY C 92 -36.09 -24.42 -19.90
CA GLY C 92 -36.22 -23.22 -19.10
C GLY C 92 -35.42 -23.35 -17.82
N ILE C 93 -34.22 -23.92 -17.93
CA ILE C 93 -33.36 -24.13 -16.77
C ILE C 93 -32.01 -23.42 -16.93
N PRO C 94 -31.80 -22.36 -16.15
CA PRO C 94 -30.54 -21.62 -16.23
C PRO C 94 -29.40 -22.33 -15.51
N VAL C 95 -28.21 -22.22 -16.08
CA VAL C 95 -27.01 -22.80 -15.52
C VAL C 95 -26.14 -21.65 -14.98
N PHE C 96 -25.91 -21.65 -13.67
CA PHE C 96 -25.08 -20.63 -13.03
C PHE C 96 -23.71 -21.20 -12.70
N ASN C 97 -22.66 -20.43 -12.98
CA ASN C 97 -21.29 -20.84 -12.69
C ASN C 97 -20.70 -19.87 -11.67
N ALA C 98 -19.38 -19.92 -11.48
CA ALA C 98 -18.70 -19.02 -10.53
C ALA C 98 -17.80 -18.10 -11.34
N PRO C 99 -18.37 -17.02 -11.89
CA PRO C 99 -17.63 -16.06 -12.71
C PRO C 99 -16.54 -15.22 -12.05
N PHE C 100 -16.76 -14.77 -10.81
CA PHE C 100 -15.77 -13.91 -10.18
C PHE C 100 -15.03 -14.48 -8.98
N SER C 101 -15.23 -15.78 -8.71
CA SER C 101 -14.58 -16.43 -7.59
C SER C 101 -13.06 -16.36 -7.56
N ASN C 102 -12.41 -16.60 -8.69
CA ASN C 102 -10.95 -16.58 -8.71
C ASN C 102 -10.36 -15.26 -9.24
N THR C 103 -11.04 -14.17 -8.96
CA THR C 103 -10.58 -12.84 -9.38
C THR C 103 -9.20 -12.53 -8.80
N ARG C 104 -9.08 -12.67 -7.47
CA ARG C 104 -7.83 -12.39 -6.78
C ARG C 104 -6.69 -13.21 -7.34
N SER C 105 -6.96 -14.48 -7.58
CA SER C 105 -5.97 -15.40 -8.11
C SER C 105 -5.38 -14.98 -9.45
N VAL C 106 -6.20 -14.42 -10.34
CA VAL C 106 -5.73 -13.98 -11.65
C VAL C 106 -4.88 -12.72 -11.52
N ALA C 107 -5.33 -11.79 -10.68
CA ALA C 107 -4.61 -10.55 -10.44
C ALA C 107 -3.21 -10.86 -9.87
N GLU C 108 -3.14 -11.80 -8.92
CA GLU C 108 -1.87 -12.19 -8.32
C GLU C 108 -0.94 -12.80 -9.37
N LEU C 109 -1.50 -13.63 -10.25
CA LEU C 109 -0.73 -14.27 -11.30
C LEU C 109 -0.11 -13.22 -12.24
N VAL C 110 -0.90 -12.22 -12.62
CA VAL C 110 -0.38 -11.19 -13.51
C VAL C 110 0.79 -10.44 -12.87
N ILE C 111 0.70 -10.16 -11.56
CA ILE C 111 1.78 -9.47 -10.87
C ILE C 111 3.04 -10.32 -10.94
N GLY C 112 2.91 -11.59 -10.58
CA GLY C 112 4.06 -12.48 -10.62
C GLY C 112 4.70 -12.55 -11.99
N GLU C 113 3.87 -12.67 -13.02
CA GLU C 113 4.35 -12.76 -14.38
C GLU C 113 5.09 -11.49 -14.84
N LEU C 114 4.46 -10.33 -14.65
CA LEU C 114 5.11 -9.09 -15.09
C LEU C 114 6.40 -8.83 -14.32
N LEU C 115 6.45 -9.21 -13.05
CA LEU C 115 7.69 -8.99 -12.31
C LEU C 115 8.85 -9.77 -12.95
N LEU C 116 8.63 -11.06 -13.23
CA LEU C 116 9.68 -11.87 -13.82
C LEU C 116 9.99 -11.49 -15.27
N LEU C 117 8.96 -11.23 -16.06
CA LEU C 117 9.15 -10.85 -17.47
C LEU C 117 9.94 -9.53 -17.57
N LEU C 118 9.64 -8.59 -16.70
CA LEU C 118 10.32 -7.31 -16.69
C LEU C 118 11.82 -7.55 -16.48
N ARG C 119 12.14 -8.55 -15.66
CA ARG C 119 13.53 -8.88 -15.35
C ARG C 119 14.15 -9.90 -16.30
N GLY C 120 13.40 -10.31 -17.32
CA GLY C 120 13.91 -11.30 -18.26
C GLY C 120 14.23 -12.65 -17.63
N VAL C 121 13.60 -12.96 -16.50
CA VAL C 121 13.85 -14.23 -15.80
C VAL C 121 13.41 -15.47 -16.58
N PRO C 122 12.26 -15.41 -17.27
CA PRO C 122 11.81 -16.59 -18.02
C PRO C 122 12.87 -17.10 -19.00
N GLU C 123 13.38 -16.20 -19.82
CA GLU C 123 14.39 -16.55 -20.80
C GLU C 123 15.68 -17.00 -20.10
N ALA C 124 16.08 -16.25 -19.08
CA ALA C 124 17.28 -16.59 -18.34
C ALA C 124 17.15 -17.97 -17.69
N ASN C 125 15.95 -18.26 -17.21
CA ASN C 125 15.68 -19.55 -16.55
C ASN C 125 15.69 -20.69 -17.56
N ALA C 126 15.10 -20.45 -18.73
CA ALA C 126 15.06 -21.47 -19.78
C ALA C 126 16.48 -21.82 -20.20
N LYS C 127 17.31 -20.80 -20.39
CA LYS C 127 18.70 -21.00 -20.79
C LYS C 127 19.48 -21.72 -19.71
N ALA C 128 19.24 -21.35 -18.45
CA ALA C 128 19.93 -21.98 -17.34
C ALA C 128 19.63 -23.46 -17.24
N HIS C 129 18.40 -23.86 -17.56
CA HIS C 129 18.02 -25.26 -17.50
C HIS C 129 18.58 -26.06 -18.67
N ARG C 130 19.11 -25.36 -19.68
CA ARG C 130 19.70 -26.00 -20.84
C ARG C 130 21.22 -25.89 -20.77
N GLY C 131 21.73 -25.43 -19.63
CA GLY C 131 23.17 -25.30 -19.46
C GLY C 131 23.76 -23.97 -19.89
N VAL C 132 23.14 -23.32 -20.87
CA VAL C 132 23.61 -22.04 -21.36
C VAL C 132 23.56 -20.93 -20.30
N GLY C 133 24.35 -19.89 -20.49
CA GLY C 133 24.38 -18.78 -19.55
C GLY C 133 24.35 -17.42 -20.23
N ASN C 134 24.54 -16.36 -19.46
CA ASN C 134 24.54 -15.00 -20.00
C ASN C 134 24.94 -13.99 -18.93
N GLY C 139 16.08 -7.26 -21.41
CA GLY C 139 15.29 -7.49 -20.21
C GLY C 139 15.83 -6.71 -19.03
N SER C 140 15.46 -7.14 -17.82
CA SER C 140 15.84 -6.51 -16.55
C SER C 140 15.49 -5.03 -16.30
N PHE C 141 14.45 -4.87 -15.49
CA PHE C 141 13.97 -3.60 -15.03
C PHE C 141 13.14 -3.80 -13.77
N GLU C 142 13.04 -2.76 -12.94
CA GLU C 142 12.24 -2.84 -11.73
C GLU C 142 10.82 -2.49 -12.12
N ALA C 143 9.88 -2.82 -11.24
CA ALA C 143 8.48 -2.52 -11.52
C ALA C 143 8.09 -1.15 -10.98
N ARG C 144 8.67 -0.75 -9.84
CA ARG C 144 8.30 0.55 -9.28
C ARG C 144 8.64 1.65 -10.28
N GLY C 145 7.73 2.60 -10.44
CA GLY C 145 7.95 3.67 -11.38
C GLY C 145 7.49 3.34 -12.80
N LYS C 146 7.14 2.08 -13.07
CA LYS C 146 6.67 1.72 -14.40
C LYS C 146 5.17 1.87 -14.52
N LYS C 147 4.67 2.00 -15.75
CA LYS C 147 3.25 2.16 -15.96
C LYS C 147 2.60 0.85 -16.37
N LEU C 148 1.50 0.54 -15.71
CA LEU C 148 0.73 -0.66 -16.03
C LEU C 148 -0.51 -0.18 -16.74
N GLY C 149 -0.75 -0.73 -17.92
CA GLY C 149 -1.91 -0.38 -18.68
C GLY C 149 -2.90 -1.53 -18.62
N ILE C 150 -4.05 -1.30 -18.01
CA ILE C 150 -5.05 -2.34 -17.89
C ILE C 150 -6.18 -2.11 -18.89
N ILE C 151 -6.54 -3.15 -19.62
CA ILE C 151 -7.63 -3.07 -20.60
C ILE C 151 -8.72 -3.95 -20.01
N GLY C 152 -9.79 -3.32 -19.54
CA GLY C 152 -10.87 -4.03 -18.89
C GLY C 152 -10.67 -3.81 -17.40
N TYR C 153 -11.23 -2.70 -16.91
CA TYR C 153 -11.11 -2.34 -15.52
C TYR C 153 -12.34 -2.84 -14.74
N GLY C 154 -12.45 -4.16 -14.62
CA GLY C 154 -13.55 -4.76 -13.89
C GLY C 154 -13.09 -5.42 -12.59
N HIS C 155 -13.62 -6.61 -12.29
CA HIS C 155 -13.22 -7.31 -11.07
C HIS C 155 -11.72 -7.53 -10.96
N ILE C 156 -11.15 -8.17 -11.97
CA ILE C 156 -9.74 -8.45 -11.96
C ILE C 156 -8.94 -7.17 -12.13
N GLY C 157 -9.32 -6.38 -13.14
CA GLY C 157 -8.62 -5.13 -13.39
C GLY C 157 -8.46 -4.26 -12.17
N THR C 158 -9.52 -4.09 -11.39
CA THR C 158 -9.42 -3.26 -10.19
C THR C 158 -8.51 -3.86 -9.11
N GLN C 159 -8.61 -5.15 -8.86
N GLN C 159 -8.61 -5.15 -8.86
CA GLN C 159 -7.76 -5.77 -7.85
CA GLN C 159 -7.76 -5.77 -7.85
C GLN C 159 -6.31 -5.79 -8.32
C GLN C 159 -6.31 -5.79 -8.32
N LEU C 160 -6.11 -5.90 -9.63
CA LEU C 160 -4.76 -5.89 -10.20
C LEU C 160 -4.14 -4.51 -9.99
N GLY C 161 -4.93 -3.47 -10.26
CA GLY C 161 -4.44 -2.10 -10.08
C GLY C 161 -4.01 -1.86 -8.65
N ILE C 162 -4.81 -2.34 -7.69
CA ILE C 162 -4.48 -2.18 -6.29
C ILE C 162 -3.13 -2.84 -5.97
N LEU C 163 -2.92 -4.06 -6.43
CA LEU C 163 -1.65 -4.73 -6.16
C LEU C 163 -0.50 -4.02 -6.87
N ALA C 164 -0.73 -3.63 -8.13
CA ALA C 164 0.29 -2.94 -8.90
C ALA C 164 0.76 -1.67 -8.18
N GLU C 165 -0.19 -0.88 -7.70
CA GLU C 165 0.18 0.35 -7.00
C GLU C 165 0.97 0.08 -5.73
N SER C 166 0.65 -1.01 -5.04
CA SER C 166 1.38 -1.33 -3.82
C SER C 166 2.82 -1.70 -4.17
N LEU C 167 3.07 -2.07 -5.42
CA LEU C 167 4.43 -2.40 -5.83
C LEU C 167 5.13 -1.17 -6.41
N GLY C 168 4.48 -0.01 -6.31
CA GLY C 168 5.07 1.22 -6.81
C GLY C 168 4.83 1.55 -8.26
N MSE C 169 3.92 0.83 -8.91
CA MSE C 169 3.64 1.09 -10.32
C MSE C 169 2.57 2.17 -10.48
O MSE C 169 1.79 2.40 -9.57
CB MSE C 169 3.14 -0.18 -11.01
CG MSE C 169 4.15 -1.31 -11.03
SE MSE C 169 3.50 -2.82 -12.09
CE MSE C 169 4.10 -2.27 -13.86
N TYR C 170 2.54 2.81 -11.63
CA TYR C 170 1.53 3.82 -11.93
C TYR C 170 0.50 3.11 -12.79
N VAL C 171 -0.75 3.15 -12.34
CA VAL C 171 -1.83 2.45 -13.03
C VAL C 171 -2.75 3.28 -13.91
N TYR C 172 -2.90 2.81 -15.16
CA TYR C 172 -3.75 3.44 -16.12
C TYR C 172 -4.67 2.36 -16.69
N PHE C 173 -5.89 2.70 -17.04
CA PHE C 173 -6.78 1.70 -17.61
C PHE C 173 -7.67 2.26 -18.70
N TYR C 174 -8.09 1.35 -19.57
CA TYR C 174 -8.98 1.69 -20.67
C TYR C 174 -10.19 0.77 -20.55
N ASP C 175 -11.37 1.34 -20.66
CA ASP C 175 -12.60 0.56 -20.59
C ASP C 175 -13.62 1.18 -21.55
N ILE C 176 -14.74 0.51 -21.77
CA ILE C 176 -15.73 1.04 -22.70
C ILE C 176 -16.76 1.94 -22.03
N GLU C 177 -16.53 2.23 -20.75
CA GLU C 177 -17.42 3.12 -20.01
C GLU C 177 -16.62 3.75 -18.87
N ASN C 178 -17.14 4.82 -18.28
CA ASN C 178 -16.44 5.46 -17.17
C ASN C 178 -16.47 4.59 -15.92
N LYS C 179 -15.30 4.40 -15.31
CA LYS C 179 -15.19 3.59 -14.10
C LYS C 179 -14.68 4.41 -12.93
N LEU C 180 -15.18 4.12 -11.73
CA LEU C 180 -14.73 4.82 -10.54
C LEU C 180 -13.36 4.22 -10.27
N PRO C 181 -12.30 5.03 -10.32
CA PRO C 181 -10.98 4.44 -10.06
C PRO C 181 -10.70 4.17 -8.59
N LEU C 182 -10.01 3.07 -8.31
CA LEU C 182 -9.63 2.75 -6.94
C LEU C 182 -8.19 3.25 -6.84
N GLY C 183 -7.80 3.74 -5.66
CA GLY C 183 -6.45 4.24 -5.49
C GLY C 183 -6.13 5.36 -6.47
N ASN C 184 -4.91 5.36 -6.99
CA ASN C 184 -4.48 6.36 -7.95
C ASN C 184 -4.68 5.95 -9.41
N ALA C 185 -5.49 4.92 -9.66
CA ALA C 185 -5.71 4.48 -11.04
C ALA C 185 -6.32 5.61 -11.88
N THR C 186 -5.87 5.73 -13.12
CA THR C 186 -6.35 6.78 -14.01
C THR C 186 -6.94 6.23 -15.30
N GLN C 187 -8.17 6.62 -15.63
CA GLN C 187 -8.76 6.14 -16.88
C GLN C 187 -8.15 6.92 -18.05
N VAL C 188 -7.90 6.23 -19.15
CA VAL C 188 -7.33 6.85 -20.35
C VAL C 188 -8.41 6.70 -21.42
N GLN C 189 -8.83 7.81 -22.01
CA GLN C 189 -9.90 7.75 -23.02
C GLN C 189 -9.57 6.99 -24.31
N HIS C 190 -8.36 7.13 -24.82
CA HIS C 190 -8.01 6.44 -26.05
C HIS C 190 -7.14 5.21 -25.87
N LEU C 191 -7.58 4.10 -26.47
CA LEU C 191 -6.87 2.84 -26.40
C LEU C 191 -5.42 3.01 -26.86
N SER C 192 -5.23 3.75 -27.95
CA SER C 192 -3.89 3.98 -28.48
C SER C 192 -2.98 4.67 -27.47
N ASP C 193 -3.51 5.66 -26.75
CA ASP C 193 -2.70 6.35 -25.74
C ASP C 193 -2.30 5.36 -24.64
N LEU C 194 -3.25 4.55 -24.20
CA LEU C 194 -3.01 3.56 -23.15
C LEU C 194 -1.90 2.58 -23.58
N LEU C 195 -2.01 2.08 -24.80
CA LEU C 195 -1.03 1.14 -25.33
C LEU C 195 0.38 1.74 -25.41
N ASN C 196 0.51 2.90 -26.04
CA ASN C 196 1.82 3.51 -26.17
C ASN C 196 2.50 3.92 -24.87
N MSE C 197 1.72 4.34 -23.86
CA MSE C 197 2.32 4.79 -22.61
C MSE C 197 2.74 3.67 -21.65
O MSE C 197 3.59 3.88 -20.77
CB MSE C 197 1.35 5.72 -21.86
CG MSE C 197 0.19 5.00 -21.16
SE MSE C 197 -0.96 6.23 -20.14
CE MSE C 197 -1.53 7.37 -21.62
N SER C 198 2.18 2.49 -21.83
CA SER C 198 2.43 1.36 -20.94
C SER C 198 3.70 0.55 -21.10
N ASP C 199 4.30 0.20 -19.95
CA ASP C 199 5.48 -0.66 -19.94
C ASP C 199 4.96 -2.09 -19.89
N VAL C 200 3.74 -2.24 -19.37
CA VAL C 200 3.09 -3.54 -19.28
C VAL C 200 1.62 -3.35 -19.60
N VAL C 201 1.09 -4.19 -20.48
CA VAL C 201 -0.33 -4.14 -20.84
C VAL C 201 -0.95 -5.48 -20.44
N SER C 202 -2.07 -5.43 -19.71
CA SER C 202 -2.74 -6.65 -19.30
C SER C 202 -4.21 -6.55 -19.67
N LEU C 203 -4.72 -7.59 -20.34
CA LEU C 203 -6.11 -7.63 -20.78
C LEU C 203 -7.03 -8.43 -19.87
N HIS C 204 -8.13 -7.81 -19.45
CA HIS C 204 -9.14 -8.44 -18.57
C HIS C 204 -10.51 -8.09 -19.10
N VAL C 205 -10.78 -8.55 -20.32
CA VAL C 205 -12.04 -8.31 -21.01
C VAL C 205 -12.77 -9.62 -21.30
N PRO C 206 -14.09 -9.56 -21.47
CA PRO C 206 -14.91 -10.74 -21.75
C PRO C 206 -14.68 -11.23 -23.17
N GLU C 207 -15.09 -12.46 -23.43
CA GLU C 207 -14.96 -13.06 -24.75
C GLU C 207 -16.26 -12.77 -25.50
N ASN C 208 -16.13 -12.05 -26.60
CA ASN C 208 -17.26 -11.70 -27.45
C ASN C 208 -16.72 -10.97 -28.67
N PRO C 209 -17.58 -10.69 -29.66
CA PRO C 209 -17.15 -9.99 -30.89
C PRO C 209 -16.36 -8.71 -30.70
N SER C 210 -16.78 -7.87 -29.76
CA SER C 210 -16.10 -6.60 -29.51
C SER C 210 -14.70 -6.73 -28.88
N THR C 211 -14.22 -7.96 -28.71
CA THR C 211 -12.90 -8.13 -28.12
C THR C 211 -12.05 -9.14 -28.89
N LYS C 212 -12.69 -9.93 -29.75
CA LYS C 212 -11.98 -10.92 -30.54
C LYS C 212 -10.86 -10.25 -31.33
N ASN C 213 -9.64 -10.73 -31.13
CA ASN C 213 -8.47 -10.17 -31.82
C ASN C 213 -8.38 -8.64 -31.73
N MSE C 214 -8.89 -8.06 -30.64
CA MSE C 214 -8.82 -6.61 -30.50
C MSE C 214 -7.37 -6.14 -30.43
O MSE C 214 -7.07 -4.97 -30.72
CB MSE C 214 -9.59 -6.13 -29.26
CG MSE C 214 -8.94 -6.41 -27.93
SE MSE C 214 -9.96 -5.63 -26.48
CE MSE C 214 -9.41 -3.79 -26.67
N MSE C 215 -6.46 -7.04 -30.08
CA MSE C 215 -5.05 -6.72 -30.02
C MSE C 215 -4.39 -7.32 -31.24
O MSE C 215 -3.91 -8.47 -31.21
CB MSE C 215 -4.40 -7.29 -28.75
CG MSE C 215 -4.82 -6.61 -27.45
SE MSE C 215 -4.31 -4.73 -27.35
CE MSE C 215 -2.38 -4.94 -27.53
N GLY C 216 -4.38 -6.57 -32.34
CA GLY C 216 -3.78 -7.03 -33.58
C GLY C 216 -2.43 -6.41 -33.87
N ALA C 217 -1.97 -6.55 -35.11
CA ALA C 217 -0.68 -5.99 -35.51
C ALA C 217 -0.64 -4.49 -35.24
N LYS C 218 -1.73 -3.80 -35.52
CA LYS C 218 -1.81 -2.35 -35.32
C LYS C 218 -1.68 -1.97 -33.85
N GLU C 219 -2.49 -2.62 -33.01
CA GLU C 219 -2.46 -2.35 -31.58
C GLU C 219 -1.09 -2.68 -31.00
N ILE C 220 -0.53 -3.82 -31.37
CA ILE C 220 0.77 -4.21 -30.86
C ILE C 220 1.90 -3.28 -31.32
N SER C 221 1.74 -2.67 -32.50
CA SER C 221 2.79 -1.77 -32.98
C SER C 221 2.72 -0.44 -32.24
N LEU C 222 1.56 -0.14 -31.67
CA LEU C 222 1.38 1.10 -30.91
C LEU C 222 1.95 0.99 -29.51
N MSE C 223 2.23 -0.23 -29.09
CA MSE C 223 2.78 -0.46 -27.77
C MSE C 223 4.20 0.05 -27.71
O MSE C 223 4.92 0.03 -28.71
CB MSE C 223 2.71 -1.95 -27.41
CG MSE C 223 1.29 -2.42 -27.10
SE MSE C 223 1.18 -4.29 -26.62
CE MSE C 223 2.29 -4.25 -25.01
N LYS C 224 4.60 0.50 -26.53
CA LYS C 224 5.94 1.02 -26.32
C LYS C 224 6.94 -0.06 -26.67
N PRO C 225 8.12 0.33 -27.18
CA PRO C 225 9.14 -0.68 -27.53
C PRO C 225 9.70 -1.28 -26.25
N GLY C 226 9.90 -2.60 -26.25
CA GLY C 226 10.43 -3.27 -25.08
C GLY C 226 9.38 -3.47 -23.99
N SER C 227 8.11 -3.36 -24.37
CA SER C 227 7.02 -3.53 -23.41
C SER C 227 6.61 -5.00 -23.31
N LEU C 228 5.66 -5.28 -22.43
CA LEU C 228 5.18 -6.64 -22.20
C LEU C 228 3.67 -6.69 -22.37
N LEU C 229 3.20 -7.78 -22.96
CA LEU C 229 1.77 -7.96 -23.17
C LEU C 229 1.36 -9.18 -22.37
N ILE C 230 0.31 -9.04 -21.57
CA ILE C 230 -0.17 -10.13 -20.75
C ILE C 230 -1.63 -10.38 -21.02
N ASN C 231 -1.97 -11.65 -21.28
CA ASN C 231 -3.35 -12.03 -21.54
C ASN C 231 -3.70 -13.25 -20.72
N ALA C 232 -4.32 -13.02 -19.57
CA ALA C 232 -4.72 -14.09 -18.69
C ALA C 232 -6.17 -14.46 -19.00
N SER C 233 -6.83 -13.61 -19.78
CA SER C 233 -8.22 -13.85 -20.17
C SER C 233 -8.37 -15.27 -20.72
N ARG C 234 -9.59 -15.76 -20.76
CA ARG C 234 -9.85 -17.10 -21.27
C ARG C 234 -10.46 -17.03 -22.67
N GLY C 235 -9.99 -16.08 -23.47
CA GLY C 235 -10.50 -15.93 -24.80
C GLY C 235 -9.42 -15.74 -25.85
N THR C 236 -9.85 -15.36 -27.06
CA THR C 236 -8.93 -15.15 -28.17
C THR C 236 -8.88 -13.65 -28.47
N VAL C 237 -8.49 -12.88 -27.46
CA VAL C 237 -8.40 -11.43 -27.57
C VAL C 237 -7.17 -10.99 -28.36
N VAL C 238 -6.10 -11.78 -28.29
CA VAL C 238 -4.87 -11.45 -28.98
C VAL C 238 -4.63 -12.30 -30.23
N ASP C 239 -4.15 -11.66 -31.28
CA ASP C 239 -3.82 -12.36 -32.52
C ASP C 239 -2.41 -12.91 -32.33
N ILE C 240 -2.33 -14.20 -32.03
CA ILE C 240 -1.04 -14.84 -31.79
C ILE C 240 -0.02 -14.62 -32.91
N PRO C 241 -0.45 -14.81 -34.17
CA PRO C 241 0.50 -14.59 -35.27
C PRO C 241 1.16 -13.22 -35.18
N ALA C 242 0.36 -12.19 -34.91
CA ALA C 242 0.88 -10.83 -34.78
C ALA C 242 1.83 -10.73 -33.59
N LEU C 243 1.41 -11.26 -32.45
CA LEU C 243 2.22 -11.23 -31.24
C LEU C 243 3.56 -11.92 -31.50
N ALA C 244 3.53 -13.08 -32.13
CA ALA C 244 4.76 -13.81 -32.44
C ALA C 244 5.69 -12.92 -33.24
N ASP C 245 5.15 -12.25 -34.25
CA ASP C 245 5.96 -11.36 -35.08
C ASP C 245 6.58 -10.26 -34.22
N ALA C 246 5.77 -9.69 -33.33
CA ALA C 246 6.24 -8.62 -32.46
C ALA C 246 7.33 -9.09 -31.51
N LEU C 247 7.34 -10.39 -31.21
CA LEU C 247 8.36 -10.95 -30.33
C LEU C 247 9.66 -11.20 -31.07
N ALA C 248 9.56 -11.77 -32.26
CA ALA C 248 10.74 -12.06 -33.09
C ALA C 248 11.48 -10.78 -33.42
N SER C 249 10.74 -9.71 -33.69
CA SER C 249 11.33 -8.42 -34.03
C SER C 249 11.82 -7.65 -32.81
N LYS C 250 11.65 -8.22 -31.62
CA LYS C 250 12.06 -7.56 -30.39
C LYS C 250 11.26 -6.29 -30.09
N HIS C 251 10.13 -6.10 -30.77
CA HIS C 251 9.34 -4.92 -30.48
C HIS C 251 8.85 -5.06 -29.04
N LEU C 252 8.47 -6.29 -28.67
CA LEU C 252 8.03 -6.62 -27.32
C LEU C 252 9.15 -7.43 -26.69
N ALA C 253 9.39 -7.21 -25.40
CA ALA C 253 10.44 -7.93 -24.68
C ALA C 253 9.92 -9.22 -24.06
N GLY C 254 8.62 -9.48 -24.21
CA GLY C 254 8.06 -10.69 -23.64
C GLY C 254 6.55 -10.66 -23.50
N ALA C 255 6.00 -11.76 -23.02
CA ALA C 255 4.56 -11.85 -22.84
C ALA C 255 4.16 -13.07 -22.03
N ALA C 256 2.93 -13.08 -21.58
CA ALA C 256 2.41 -14.21 -20.82
C ALA C 256 1.02 -14.48 -21.36
N ILE C 257 0.76 -15.73 -21.71
CA ILE C 257 -0.54 -16.08 -22.24
C ILE C 257 -1.02 -17.42 -21.73
N ASP C 258 -2.35 -17.52 -21.58
CA ASP C 258 -2.99 -18.74 -21.11
C ASP C 258 -3.08 -19.72 -22.27
N VAL C 259 -3.08 -21.02 -21.98
CA VAL C 259 -3.16 -22.04 -23.02
C VAL C 259 -4.30 -23.01 -22.74
N SER C 273 2.19 -24.70 -30.21
CA SER C 273 1.83 -23.30 -30.34
C SER C 273 3.01 -22.51 -30.90
N PRO C 274 2.72 -21.45 -31.68
CA PRO C 274 3.76 -20.60 -32.29
C PRO C 274 4.63 -19.88 -31.26
N LEU C 275 4.16 -19.80 -30.03
CA LEU C 275 4.90 -19.11 -28.97
C LEU C 275 5.84 -20.02 -28.20
N ALA C 276 5.73 -21.32 -28.41
CA ALA C 276 6.59 -22.27 -27.72
C ALA C 276 8.06 -22.00 -27.97
N GLU C 277 8.38 -21.41 -29.11
CA GLU C 277 9.77 -21.11 -29.47
C GLU C 277 10.36 -19.90 -28.74
N PHE C 278 9.51 -19.10 -28.12
CA PHE C 278 9.97 -17.91 -27.41
C PHE C 278 10.19 -18.15 -25.92
N ASP C 279 11.44 -18.12 -25.50
CA ASP C 279 11.78 -18.33 -24.10
C ASP C 279 11.28 -17.16 -23.25
N ASN C 280 11.05 -16.02 -23.89
CA ASN C 280 10.59 -14.85 -23.15
C ASN C 280 9.07 -14.77 -23.10
N VAL C 281 8.43 -15.92 -23.25
CA VAL C 281 6.96 -15.98 -23.18
C VAL C 281 6.60 -17.02 -22.11
N LEU C 282 5.67 -16.65 -21.23
CA LEU C 282 5.22 -17.58 -20.20
C LEU C 282 3.92 -18.17 -20.71
N LEU C 283 3.84 -19.49 -20.70
CA LEU C 283 2.65 -20.21 -21.15
C LEU C 283 2.10 -20.96 -19.94
N THR C 284 0.87 -20.64 -19.55
CA THR C 284 0.26 -21.27 -18.39
C THR C 284 -1.02 -22.04 -18.74
N PRO C 285 -1.38 -23.03 -17.92
CA PRO C 285 -2.58 -23.84 -18.14
C PRO C 285 -3.83 -23.00 -18.36
N GLU C 293 -7.98 -24.53 -2.61
CA GLU C 293 -8.81 -24.42 -1.42
C GLU C 293 -9.81 -23.27 -1.53
N ALA C 294 -9.65 -22.47 -2.58
CA ALA C 294 -10.54 -21.33 -2.83
C ALA C 294 -11.96 -21.82 -3.13
N GLN C 295 -12.13 -23.14 -3.10
CA GLN C 295 -13.42 -23.77 -3.35
C GLN C 295 -14.49 -23.09 -2.50
N GLU C 296 -14.06 -22.35 -1.49
CA GLU C 296 -14.98 -21.65 -0.61
C GLU C 296 -15.71 -20.53 -1.33
N ASN C 297 -14.97 -19.76 -2.14
CA ASN C 297 -15.59 -18.67 -2.89
C ASN C 297 -16.63 -19.27 -3.83
N ILE C 298 -16.18 -20.19 -4.68
CA ILE C 298 -17.06 -20.84 -5.64
C ILE C 298 -18.32 -21.36 -4.97
N GLY C 299 -18.15 -21.95 -3.79
CA GLY C 299 -19.29 -22.48 -3.06
C GLY C 299 -20.28 -21.41 -2.69
N LEU C 300 -19.77 -20.30 -2.15
CA LEU C 300 -20.61 -19.20 -1.72
C LEU C 300 -21.19 -18.39 -2.90
N GLU C 301 -20.43 -18.31 -3.99
CA GLU C 301 -20.89 -17.56 -5.16
C GLU C 301 -22.02 -18.29 -5.87
N VAL C 302 -21.74 -19.51 -6.32
CA VAL C 302 -22.74 -20.30 -7.05
C VAL C 302 -24.00 -20.55 -6.23
N ALA C 303 -23.84 -21.00 -4.99
CA ALA C 303 -25.00 -21.24 -4.13
C ALA C 303 -25.80 -19.94 -4.03
N GLY C 304 -25.10 -18.82 -4.09
CA GLY C 304 -25.78 -17.53 -4.02
C GLY C 304 -26.61 -17.21 -5.26
N LYS C 305 -26.19 -17.73 -6.41
CA LYS C 305 -26.94 -17.50 -7.64
C LYS C 305 -28.23 -18.31 -7.59
N LEU C 306 -28.10 -19.58 -7.26
CA LEU C 306 -29.22 -20.52 -7.15
C LEU C 306 -30.31 -19.95 -6.24
N ILE C 307 -29.92 -19.38 -5.12
CA ILE C 307 -30.88 -18.83 -4.17
C ILE C 307 -31.55 -17.57 -4.68
N LYS C 308 -30.79 -16.64 -5.23
CA LYS C 308 -31.35 -15.40 -5.74
C LYS C 308 -32.32 -15.67 -6.90
N TYR C 309 -32.01 -16.67 -7.72
CA TYR C 309 -32.90 -17.01 -8.83
C TYR C 309 -34.22 -17.55 -8.30
N SER C 310 -34.14 -18.44 -7.32
CA SER C 310 -35.34 -19.02 -6.74
C SER C 310 -36.17 -17.93 -6.07
N ASP C 311 -35.49 -17.01 -5.38
CA ASP C 311 -36.17 -15.94 -4.66
C ASP C 311 -36.69 -14.75 -5.48
N ASN C 312 -35.83 -14.14 -6.30
CA ASN C 312 -36.27 -12.98 -7.07
C ASN C 312 -36.18 -13.14 -8.59
N GLY C 313 -35.82 -14.34 -9.05
CA GLY C 313 -35.75 -14.61 -10.47
C GLY C 313 -34.57 -14.10 -11.27
N SER C 314 -33.54 -13.59 -10.60
CA SER C 314 -32.37 -13.06 -11.30
C SER C 314 -31.57 -14.11 -12.07
N THR C 315 -31.37 -13.89 -13.37
CA THR C 315 -30.58 -14.81 -14.18
C THR C 315 -29.27 -14.14 -14.57
N LEU C 316 -28.91 -13.12 -13.82
CA LEU C 316 -27.68 -12.38 -14.03
C LEU C 316 -26.53 -13.40 -13.97
N SER C 317 -25.69 -13.38 -14.98
CA SER C 317 -24.52 -14.28 -15.05
C SER C 317 -24.83 -15.72 -15.46
N ALA C 318 -26.07 -16.02 -15.82
CA ALA C 318 -26.38 -17.39 -16.27
C ALA C 318 -25.61 -17.58 -17.57
N VAL C 319 -25.13 -18.79 -17.83
CA VAL C 319 -24.35 -19.05 -19.03
C VAL C 319 -25.10 -19.55 -20.26
N ASN C 320 -26.39 -19.83 -20.12
CA ASN C 320 -27.16 -20.35 -21.26
C ASN C 320 -28.57 -19.79 -21.18
N PHE C 321 -28.72 -18.61 -20.62
CA PHE C 321 -30.05 -18.05 -20.42
C PHE C 321 -30.05 -16.53 -20.57
N PRO C 322 -31.14 -15.95 -21.10
CA PRO C 322 -31.14 -14.49 -21.22
C PRO C 322 -30.99 -13.93 -19.80
N GLU C 323 -30.19 -12.89 -19.65
CA GLU C 323 -29.97 -12.29 -18.34
C GLU C 323 -30.99 -11.21 -17.98
N VAL C 324 -31.72 -11.44 -16.90
CA VAL C 324 -32.74 -10.51 -16.44
C VAL C 324 -32.56 -10.29 -14.95
N SER C 325 -32.71 -9.03 -14.54
CA SER C 325 -32.57 -8.68 -13.14
C SER C 325 -33.37 -7.42 -12.87
N LEU C 326 -34.33 -7.52 -11.95
CA LEU C 326 -35.19 -6.40 -11.63
C LEU C 326 -35.08 -6.05 -10.15
N PRO C 327 -34.96 -4.74 -9.85
CA PRO C 327 -34.84 -4.24 -8.47
C PRO C 327 -36.07 -4.58 -7.63
N LEU C 328 -35.84 -5.06 -6.41
CA LEU C 328 -36.95 -5.40 -5.53
C LEU C 328 -37.63 -4.13 -5.00
N HIS C 329 -38.84 -3.87 -5.48
CA HIS C 329 -39.59 -2.69 -5.06
C HIS C 329 -40.93 -3.09 -4.47
N GLY C 330 -40.94 -4.21 -3.75
CA GLY C 330 -42.18 -4.69 -3.15
C GLY C 330 -43.17 -5.11 -4.20
N GLY C 331 -44.43 -5.29 -3.79
CA GLY C 331 -45.45 -5.70 -4.73
C GLY C 331 -45.37 -7.19 -5.04
N ARG C 332 -45.94 -7.59 -6.17
CA ARG C 332 -45.91 -8.99 -6.58
C ARG C 332 -44.97 -9.15 -7.76
N ARG C 333 -44.24 -10.25 -7.80
CA ARG C 333 -43.31 -10.52 -8.89
C ARG C 333 -43.61 -11.82 -9.60
N LEU C 334 -43.94 -11.71 -10.88
CA LEU C 334 -44.25 -12.87 -11.70
C LEU C 334 -43.13 -13.04 -12.72
N MSE C 335 -42.77 -14.29 -13.01
CA MSE C 335 -41.73 -14.60 -13.98
C MSE C 335 -42.29 -15.60 -14.99
O MSE C 335 -43.08 -16.49 -14.62
CB MSE C 335 -40.50 -15.17 -13.26
CG MSE C 335 -40.73 -16.53 -12.63
SE MSE C 335 -40.36 -17.98 -13.87
CE MSE C 335 -38.66 -18.55 -13.14
N HIS C 336 -41.88 -15.46 -16.24
CA HIS C 336 -42.38 -16.29 -17.33
C HIS C 336 -41.26 -16.69 -18.30
N ILE C 337 -41.06 -17.99 -18.48
CA ILE C 337 -40.04 -18.52 -19.39
C ILE C 337 -40.78 -19.14 -20.57
N HIS C 338 -40.42 -18.74 -21.78
CA HIS C 338 -41.11 -19.22 -22.97
C HIS C 338 -40.23 -19.37 -24.20
N GLU C 339 -40.77 -20.08 -25.20
CA GLU C 339 -40.09 -20.26 -26.46
C GLU C 339 -40.25 -18.88 -27.10
N ASN C 340 -39.26 -18.47 -27.89
CA ASN C 340 -39.31 -17.16 -28.51
C ASN C 340 -40.26 -17.05 -29.70
N ARG C 341 -41.54 -17.31 -29.45
CA ARG C 341 -42.54 -17.24 -30.49
C ARG C 341 -43.21 -15.87 -30.46
N PRO C 342 -43.35 -15.23 -31.63
CA PRO C 342 -43.99 -13.91 -31.68
C PRO C 342 -45.38 -14.00 -31.07
N GLY C 343 -45.78 -12.95 -30.35
CA GLY C 343 -47.10 -12.95 -29.75
C GLY C 343 -47.12 -13.25 -28.26
N VAL C 344 -46.01 -13.72 -27.70
CA VAL C 344 -45.97 -14.01 -26.28
C VAL C 344 -46.10 -12.74 -25.44
N LEU C 345 -45.31 -11.73 -25.77
CA LEU C 345 -45.35 -10.48 -25.03
C LEU C 345 -46.71 -9.83 -25.18
N THR C 346 -47.26 -9.89 -26.38
CA THR C 346 -48.59 -9.34 -26.67
C THR C 346 -49.60 -10.00 -25.75
N ALA C 347 -49.53 -11.33 -25.67
CA ALA C 347 -50.44 -12.11 -24.83
C ALA C 347 -50.29 -11.73 -23.36
N LEU C 348 -49.05 -11.65 -22.89
CA LEU C 348 -48.79 -11.31 -21.49
C LEU C 348 -49.42 -9.97 -21.11
N ASN C 349 -49.02 -8.91 -21.81
CA ASN C 349 -49.54 -7.60 -21.51
C ASN C 349 -51.04 -7.47 -21.70
N LYS C 350 -51.63 -8.29 -22.57
CA LYS C 350 -53.09 -8.22 -22.76
C LYS C 350 -53.78 -8.78 -21.53
N ILE C 351 -53.16 -9.77 -20.90
CA ILE C 351 -53.71 -10.40 -19.71
C ILE C 351 -53.88 -9.39 -18.58
N PHE C 352 -52.83 -8.60 -18.33
CA PHE C 352 -52.86 -7.61 -17.26
C PHE C 352 -53.80 -6.46 -17.64
N ALA C 353 -53.80 -6.10 -18.92
CA ALA C 353 -54.68 -5.04 -19.38
C ALA C 353 -56.11 -5.45 -19.07
N GLU C 354 -56.56 -6.56 -19.65
CA GLU C 354 -57.91 -7.06 -19.44
C GLU C 354 -58.30 -7.17 -17.97
N GLN C 355 -57.34 -7.48 -17.10
CA GLN C 355 -57.61 -7.60 -15.67
C GLN C 355 -57.50 -6.29 -14.92
N GLY C 356 -57.24 -5.21 -15.63
CA GLY C 356 -57.09 -3.92 -14.99
C GLY C 356 -56.03 -3.98 -13.90
N VAL C 357 -54.85 -4.45 -14.26
CA VAL C 357 -53.74 -4.57 -13.33
C VAL C 357 -52.57 -3.76 -13.88
N ASN C 358 -52.07 -2.82 -13.08
CA ASN C 358 -50.97 -1.98 -13.53
C ASN C 358 -49.63 -2.69 -13.40
N ILE C 359 -48.81 -2.53 -14.43
CA ILE C 359 -47.48 -3.12 -14.46
C ILE C 359 -46.50 -2.09 -13.94
N ALA C 360 -45.89 -2.38 -12.80
CA ALA C 360 -44.93 -1.47 -12.18
C ALA C 360 -43.58 -1.54 -12.90
N ALA C 361 -43.17 -2.74 -13.26
CA ALA C 361 -41.89 -2.93 -13.96
C ALA C 361 -41.95 -4.18 -14.81
N GLN C 362 -41.22 -4.17 -15.92
CA GLN C 362 -41.18 -5.33 -16.81
C GLN C 362 -39.83 -5.46 -17.52
N TYR C 363 -39.18 -6.60 -17.32
CA TYR C 363 -37.88 -6.83 -17.91
C TYR C 363 -37.92 -8.12 -18.72
N LEU C 364 -37.83 -7.98 -20.03
CA LEU C 364 -37.83 -9.13 -20.92
C LEU C 364 -36.51 -9.17 -21.66
N GLN C 365 -35.90 -10.35 -21.74
CA GLN C 365 -34.65 -10.51 -22.48
C GLN C 365 -34.77 -11.85 -23.21
N THR C 366 -34.09 -11.97 -24.35
CA THR C 366 -34.14 -13.19 -25.13
C THR C 366 -32.76 -13.68 -25.56
N SER C 367 -32.70 -14.96 -25.88
CA SER C 367 -31.49 -15.61 -26.38
C SER C 367 -31.97 -16.19 -27.73
N ALA C 368 -31.08 -16.86 -28.45
CA ALA C 368 -31.48 -17.41 -29.73
C ALA C 368 -32.79 -18.19 -29.67
N GLN C 369 -32.93 -19.06 -28.67
CA GLN C 369 -34.14 -19.86 -28.56
C GLN C 369 -35.14 -19.50 -27.46
N MSE C 370 -34.65 -18.97 -26.33
CA MSE C 370 -35.53 -18.65 -25.21
C MSE C 370 -35.87 -17.18 -24.99
O MSE C 370 -35.20 -16.27 -25.47
CB MSE C 370 -34.92 -19.11 -23.89
CG MSE C 370 -35.70 -20.19 -23.18
SE MSE C 370 -35.00 -20.63 -21.49
CE MSE C 370 -33.27 -19.90 -21.93
N GLY C 371 -36.95 -16.96 -24.24
CA GLY C 371 -37.39 -15.64 -23.88
C GLY C 371 -37.67 -15.67 -22.39
N TYR C 372 -37.25 -14.65 -21.65
CA TYR C 372 -37.48 -14.60 -20.22
C TYR C 372 -37.92 -13.20 -19.80
N VAL C 373 -39.03 -13.13 -19.09
CA VAL C 373 -39.54 -11.85 -18.64
C VAL C 373 -39.94 -11.90 -17.18
N VAL C 374 -39.61 -10.82 -16.46
CA VAL C 374 -39.97 -10.70 -15.05
C VAL C 374 -40.89 -9.48 -15.01
N ILE C 375 -42.01 -9.61 -14.32
CA ILE C 375 -43.01 -8.55 -14.25
C ILE C 375 -43.43 -8.26 -12.80
N ASP C 376 -43.34 -6.99 -12.40
CA ASP C 376 -43.74 -6.58 -11.05
C ASP C 376 -45.09 -5.88 -11.14
N ILE C 377 -46.02 -6.28 -10.28
CA ILE C 377 -47.34 -5.67 -10.27
C ILE C 377 -47.79 -5.35 -8.85
N GLU C 378 -48.79 -4.48 -8.74
CA GLU C 378 -49.35 -4.13 -7.44
C GLU C 378 -50.63 -4.95 -7.32
N ALA C 379 -50.65 -5.89 -6.39
CA ALA C 379 -51.84 -6.71 -6.22
C ALA C 379 -51.73 -7.68 -5.04
N ASP C 380 -52.87 -8.26 -4.68
CA ASP C 380 -52.94 -9.22 -3.57
C ASP C 380 -52.74 -10.62 -4.14
N GLU C 381 -52.79 -11.63 -3.28
CA GLU C 381 -52.62 -13.00 -3.71
C GLU C 381 -53.62 -13.35 -4.81
N ASP C 382 -54.89 -13.06 -4.56
CA ASP C 382 -55.96 -13.34 -5.51
C ASP C 382 -55.60 -12.85 -6.92
N VAL C 383 -55.55 -11.53 -7.09
CA VAL C 383 -55.22 -10.94 -8.38
C VAL C 383 -54.00 -11.62 -9.00
N ALA C 384 -52.98 -11.86 -8.17
CA ALA C 384 -51.76 -12.50 -8.64
C ALA C 384 -52.03 -13.87 -9.26
N GLU C 385 -52.36 -14.85 -8.43
CA GLU C 385 -52.62 -16.20 -8.90
C GLU C 385 -53.54 -16.24 -10.12
N LYS C 386 -54.39 -15.23 -10.25
CA LYS C 386 -55.30 -15.15 -11.39
C LYS C 386 -54.49 -14.88 -12.66
N ALA C 387 -53.57 -13.92 -12.57
CA ALA C 387 -52.73 -13.57 -13.69
C ALA C 387 -51.78 -14.73 -14.02
N LEU C 388 -51.34 -15.42 -12.98
CA LEU C 388 -50.42 -16.53 -13.14
C LEU C 388 -51.02 -17.71 -13.93
N GLN C 389 -52.27 -18.05 -13.66
CA GLN C 389 -52.89 -19.17 -14.38
C GLN C 389 -53.07 -18.82 -15.85
N ALA C 390 -53.41 -17.56 -16.10
CA ALA C 390 -53.60 -17.09 -17.46
C ALA C 390 -52.26 -17.03 -18.21
N MSE C 391 -51.21 -16.67 -17.49
CA MSE C 391 -49.87 -16.59 -18.08
C MSE C 391 -49.38 -17.98 -18.47
O MSE C 391 -48.68 -18.14 -19.46
CB MSE C 391 -48.87 -15.96 -17.10
CG MSE C 391 -49.00 -14.46 -16.94
SE MSE C 391 -47.96 -13.82 -15.43
CE MSE C 391 -46.28 -14.71 -15.83
N LYS C 392 -49.73 -18.97 -17.66
CA LYS C 392 -49.34 -20.36 -17.90
C LYS C 392 -50.03 -20.94 -19.13
N ALA C 393 -51.17 -20.38 -19.50
CA ALA C 393 -51.94 -20.88 -20.64
C ALA C 393 -51.51 -20.34 -22.01
N ILE C 394 -50.52 -19.46 -22.03
CA ILE C 394 -50.04 -18.88 -23.28
C ILE C 394 -49.18 -19.87 -24.09
N PRO C 395 -49.44 -19.98 -25.40
CA PRO C 395 -48.67 -20.90 -26.26
C PRO C 395 -47.19 -20.51 -26.26
N GLY C 396 -46.32 -21.49 -26.08
CA GLY C 396 -44.89 -21.22 -26.05
C GLY C 396 -44.35 -21.18 -24.63
N THR C 397 -45.25 -21.25 -23.66
CA THR C 397 -44.87 -21.20 -22.25
C THR C 397 -44.10 -22.45 -21.82
N ILE C 398 -42.96 -22.25 -21.17
CA ILE C 398 -42.16 -23.35 -20.68
C ILE C 398 -42.45 -23.47 -19.20
N ARG C 399 -42.54 -22.33 -18.52
CA ARG C 399 -42.85 -22.30 -17.11
C ARG C 399 -43.10 -20.89 -16.62
N ALA C 400 -43.90 -20.75 -15.59
CA ALA C 400 -44.22 -19.45 -15.03
C ALA C 400 -44.43 -19.62 -13.54
N ARG C 401 -43.92 -18.68 -12.76
CA ARG C 401 -44.07 -18.77 -11.32
C ARG C 401 -44.33 -17.43 -10.64
N LEU C 402 -44.96 -17.49 -9.51
CA LEU C 402 -45.21 -16.39 -8.63
C LEU C 402 -44.05 -16.40 -7.70
N LEU C 403 -43.10 -15.48 -7.85
CA LEU C 403 -41.92 -15.47 -6.99
C LEU C 403 -42.21 -14.98 -5.58
N TYR C 404 -43.11 -14.00 -5.49
CA TYR C 404 -43.51 -13.45 -4.20
C TYR C 404 -44.59 -12.40 -4.39
N GLU D 1 32.55 21.46 -2.00
CA GLU D 1 32.78 22.64 -1.13
C GLU D 1 34.03 23.42 -1.54
N LYS D 2 34.40 23.31 -2.82
CA LYS D 2 35.56 24.02 -3.37
C LYS D 2 35.73 23.64 -4.83
N ASP D 3 35.68 24.65 -5.71
CA ASP D 3 35.81 24.43 -7.13
C ASP D 3 37.23 24.04 -7.54
N LYS D 4 38.10 23.89 -6.55
CA LYS D 4 39.47 23.49 -6.82
C LYS D 4 39.57 21.97 -6.76
N ILE D 5 38.58 21.33 -6.14
CA ILE D 5 38.55 19.88 -6.02
C ILE D 5 37.96 19.27 -7.29
N LYS D 6 38.81 18.61 -8.07
CA LYS D 6 38.38 18.01 -9.33
C LYS D 6 37.85 16.60 -9.23
N PHE D 7 36.67 16.40 -9.82
CA PHE D 7 36.03 15.09 -9.85
C PHE D 7 36.05 14.61 -11.29
N LEU D 8 36.67 13.46 -11.53
CA LEU D 8 36.72 12.89 -12.87
C LEU D 8 35.72 11.73 -12.89
N LEU D 9 34.67 11.84 -13.71
CA LEU D 9 33.67 10.78 -13.79
C LEU D 9 33.63 10.18 -15.18
N VAL D 10 33.82 8.88 -15.29
CA VAL D 10 33.81 8.22 -16.59
C VAL D 10 32.80 7.09 -16.69
N GLU D 11 32.63 6.59 -17.91
CA GLU D 11 31.70 5.50 -18.19
C GLU D 11 30.25 5.91 -18.01
N GLY D 12 30.01 7.21 -18.01
CA GLY D 12 28.67 7.74 -17.86
C GLY D 12 27.88 7.36 -16.63
N VAL D 13 28.27 7.87 -15.47
CA VAL D 13 27.53 7.59 -14.24
C VAL D 13 26.26 8.42 -14.37
N HIS D 14 25.23 8.05 -13.63
CA HIS D 14 23.95 8.75 -13.69
C HIS D 14 24.05 10.22 -13.34
N GLN D 15 23.21 11.02 -14.00
CA GLN D 15 23.17 12.45 -13.81
C GLN D 15 22.92 12.87 -12.37
N LYS D 16 22.16 12.08 -11.61
CA LYS D 16 21.89 12.45 -10.24
C LYS D 16 23.18 12.52 -9.40
N ALA D 17 24.20 11.79 -9.83
CA ALA D 17 25.49 11.82 -9.15
C ALA D 17 26.04 13.25 -9.28
N LEU D 18 25.97 13.79 -10.50
CA LEU D 18 26.43 15.15 -10.79
C LEU D 18 25.57 16.15 -10.00
N GLU D 19 24.27 15.91 -9.96
CA GLU D 19 23.36 16.80 -9.23
C GLU D 19 23.76 16.83 -7.77
N SER D 20 24.05 15.66 -7.21
CA SER D 20 24.43 15.57 -5.81
C SER D 20 25.75 16.31 -5.56
N LEU D 21 26.74 16.08 -6.41
CA LEU D 21 28.03 16.74 -6.28
C LEU D 21 27.87 18.26 -6.30
N ARG D 22 27.09 18.78 -7.23
CA ARG D 22 26.90 20.23 -7.31
C ARG D 22 26.14 20.79 -6.13
N ALA D 23 25.13 20.07 -5.65
CA ALA D 23 24.37 20.53 -4.50
C ALA D 23 25.26 20.67 -3.27
N ALA D 24 26.27 19.81 -3.18
CA ALA D 24 27.19 19.87 -2.05
C ALA D 24 28.30 20.89 -2.26
N GLY D 25 28.23 21.63 -3.37
CA GLY D 25 29.23 22.64 -3.66
C GLY D 25 30.44 22.23 -4.50
N TYR D 26 30.42 21.02 -5.05
CA TYR D 26 31.53 20.57 -5.89
C TYR D 26 31.10 20.63 -7.34
N THR D 27 31.50 21.71 -8.04
CA THR D 27 31.13 21.88 -9.43
C THR D 27 32.25 21.68 -10.45
N ASN D 28 33.46 21.39 -9.98
CA ASN D 28 34.60 21.18 -10.87
C ASN D 28 34.57 19.71 -11.31
N ILE D 29 33.75 19.44 -12.31
CA ILE D 29 33.56 18.08 -12.80
C ILE D 29 33.93 17.82 -14.26
N GLU D 30 34.76 16.81 -14.50
CA GLU D 30 35.11 16.42 -15.86
C GLU D 30 34.34 15.13 -16.09
N PHE D 31 33.30 15.22 -16.92
CA PHE D 31 32.43 14.07 -17.21
C PHE D 31 32.69 13.39 -18.56
N HIS D 32 32.53 12.07 -18.59
CA HIS D 32 32.70 11.28 -19.81
C HIS D 32 31.66 10.18 -19.84
N LYS D 33 30.96 10.06 -20.97
CA LYS D 33 29.93 9.04 -21.13
C LYS D 33 30.51 7.66 -21.31
N GLY D 34 31.73 7.59 -21.84
CA GLY D 34 32.34 6.29 -22.05
C GLY D 34 33.66 6.15 -21.33
N ALA D 35 34.33 5.02 -21.54
CA ALA D 35 35.60 4.76 -20.91
C ALA D 35 36.69 5.57 -21.63
N LEU D 36 37.73 5.93 -20.88
CA LEU D 36 38.83 6.69 -21.45
C LEU D 36 39.94 5.74 -21.87
N ASP D 37 40.73 6.15 -22.86
CA ASP D 37 41.84 5.32 -23.32
C ASP D 37 43.01 5.58 -22.38
N ASP D 38 43.92 4.61 -22.28
CA ASP D 38 45.09 4.73 -21.41
C ASP D 38 45.65 6.14 -21.35
N GLU D 39 46.03 6.68 -22.50
CA GLU D 39 46.59 8.01 -22.58
C GLU D 39 45.62 9.08 -22.08
N GLN D 40 44.33 8.90 -22.39
CA GLN D 40 43.31 9.86 -21.98
C GLN D 40 43.12 9.81 -20.47
N LEU D 41 43.09 8.61 -19.90
CA LEU D 41 42.90 8.45 -18.47
C LEU D 41 44.04 9.11 -17.71
N LYS D 42 45.28 8.76 -18.08
CA LYS D 42 46.46 9.31 -17.43
C LYS D 42 46.48 10.82 -17.32
N GLU D 43 46.11 11.52 -18.38
CA GLU D 43 46.12 12.97 -18.35
C GLU D 43 44.92 13.56 -17.64
N SER D 44 43.78 12.87 -17.70
CA SER D 44 42.59 13.38 -17.03
C SER D 44 42.63 13.12 -15.52
N ILE D 45 43.20 11.98 -15.13
CA ILE D 45 43.28 11.61 -13.73
C ILE D 45 44.46 12.24 -12.99
N ARG D 46 45.46 12.71 -13.74
CA ARG D 46 46.66 13.31 -13.14
C ARG D 46 46.39 14.32 -12.04
N ASP D 47 45.43 15.23 -12.25
CA ASP D 47 45.11 16.25 -11.27
C ASP D 47 43.74 16.06 -10.61
N ALA D 48 43.16 14.89 -10.81
CA ALA D 48 41.85 14.59 -10.24
C ALA D 48 41.94 14.27 -8.75
N HIS D 49 41.09 14.92 -7.95
CA HIS D 49 41.07 14.65 -6.52
C HIS D 49 40.20 13.42 -6.30
N PHE D 50 39.25 13.22 -7.20
CA PHE D 50 38.33 12.09 -7.12
C PHE D 50 38.04 11.54 -8.50
N ILE D 51 37.86 10.23 -8.57
CA ILE D 51 37.51 9.62 -9.83
C ILE D 51 36.33 8.67 -9.60
N GLY D 52 35.35 8.76 -10.49
CA GLY D 52 34.18 7.91 -10.40
C GLY D 52 34.21 7.04 -11.65
N LEU D 53 34.11 5.73 -11.47
CA LEU D 53 34.14 4.84 -12.61
C LEU D 53 33.19 3.68 -12.46
N ARG D 54 33.10 2.87 -13.50
CA ARG D 54 32.23 1.72 -13.48
C ARG D 54 33.07 0.47 -13.75
N SER D 55 32.54 -0.48 -14.52
CA SER D 55 33.26 -1.73 -14.76
C SER D 55 34.35 -1.76 -15.83
N ARG D 56 34.30 -0.86 -16.81
CA ARG D 56 35.31 -0.88 -17.89
C ARG D 56 36.63 -0.18 -17.61
N THR D 57 36.66 0.76 -16.67
CA THR D 57 37.90 1.46 -16.36
C THR D 57 38.79 0.60 -15.47
N HIS D 58 40.02 0.39 -15.89
CA HIS D 58 40.95 -0.41 -15.10
C HIS D 58 41.89 0.51 -14.34
N LEU D 59 41.72 0.57 -13.02
CA LEU D 59 42.56 1.41 -12.20
C LEU D 59 43.68 0.55 -11.64
N THR D 60 44.70 0.34 -12.47
CA THR D 60 45.85 -0.48 -12.11
C THR D 60 46.74 0.26 -11.16
N GLU D 61 47.69 -0.46 -10.58
CA GLU D 61 48.65 0.13 -9.66
C GLU D 61 49.36 1.30 -10.31
N ASP D 62 49.73 1.15 -11.59
CA ASP D 62 50.43 2.22 -12.28
C ASP D 62 49.59 3.48 -12.48
N VAL D 63 48.34 3.31 -12.91
CA VAL D 63 47.47 4.45 -13.11
C VAL D 63 47.31 5.19 -11.78
N ILE D 64 47.09 4.43 -10.72
CA ILE D 64 46.92 5.01 -9.40
C ILE D 64 48.16 5.77 -8.97
N ASN D 65 49.33 5.15 -9.08
CA ASN D 65 50.56 5.83 -8.68
C ASN D 65 50.82 7.03 -9.59
N ALA D 66 50.22 7.02 -10.78
CA ALA D 66 50.38 8.12 -11.72
C ALA D 66 49.53 9.33 -11.27
N ALA D 67 48.36 9.06 -10.70
CA ALA D 67 47.49 10.13 -10.21
C ALA D 67 48.23 10.75 -9.03
N GLU D 68 48.51 12.05 -9.10
CA GLU D 68 49.25 12.69 -8.04
C GLU D 68 48.44 13.48 -7.01
N LYS D 69 47.11 13.48 -7.14
CA LYS D 69 46.28 14.20 -6.18
C LYS D 69 45.07 13.37 -5.73
N LEU D 70 44.99 12.15 -6.24
CA LEU D 70 43.89 11.27 -5.92
C LEU D 70 43.66 11.18 -4.41
N VAL D 71 42.42 11.47 -4.01
CA VAL D 71 42.01 11.44 -2.61
C VAL D 71 41.13 10.22 -2.33
N ALA D 72 40.25 9.88 -3.26
CA ALA D 72 39.39 8.71 -3.10
C ALA D 72 38.83 8.26 -4.44
N ILE D 73 38.46 6.99 -4.50
CA ILE D 73 37.90 6.34 -5.68
C ILE D 73 36.47 5.89 -5.44
N GLY D 74 35.61 6.18 -6.39
CA GLY D 74 34.23 5.78 -6.30
C GLY D 74 33.91 4.78 -7.39
N ALA D 75 33.62 3.55 -6.99
CA ALA D 75 33.25 2.51 -7.94
C ALA D 75 31.72 2.59 -8.02
N PHE D 76 31.22 3.20 -9.09
CA PHE D 76 29.78 3.34 -9.27
C PHE D 76 29.16 2.04 -9.78
N ALA D 77 29.18 1.05 -8.90
CA ALA D 77 28.67 -0.28 -9.14
C ALA D 77 28.91 -1.08 -7.86
N ILE D 78 28.56 -2.36 -7.85
CA ILE D 78 28.80 -3.17 -6.66
C ILE D 78 30.22 -3.74 -6.71
N GLY D 79 30.64 -4.16 -7.90
CA GLY D 79 31.98 -4.72 -8.06
C GLY D 79 33.11 -3.70 -8.10
N THR D 80 34.28 -4.12 -7.61
CA THR D 80 35.47 -3.29 -7.58
C THR D 80 36.69 -4.04 -8.12
N ASN D 81 36.44 -5.12 -8.86
CA ASN D 81 37.52 -5.94 -9.43
C ASN D 81 38.36 -5.20 -10.45
N GLN D 82 37.83 -4.08 -10.95
CA GLN D 82 38.53 -3.27 -11.94
C GLN D 82 39.51 -2.32 -11.27
N VAL D 83 39.44 -2.22 -9.95
CA VAL D 83 40.32 -1.33 -9.20
C VAL D 83 41.31 -2.12 -8.37
N ASP D 84 42.56 -1.70 -8.38
CA ASP D 84 43.58 -2.38 -7.59
C ASP D 84 43.48 -1.87 -6.17
N LEU D 85 42.67 -2.57 -5.37
CA LEU D 85 42.41 -2.20 -3.99
C LEU D 85 43.62 -1.96 -3.11
N ASP D 86 44.60 -2.87 -3.17
CA ASP D 86 45.81 -2.74 -2.36
C ASP D 86 46.62 -1.51 -2.75
N ALA D 87 46.77 -1.29 -4.04
CA ALA D 87 47.55 -0.15 -4.51
C ALA D 87 46.94 1.14 -3.96
N ALA D 88 45.61 1.25 -4.06
CA ALA D 88 44.91 2.43 -3.56
C ALA D 88 45.14 2.57 -2.06
N ALA D 89 44.98 1.47 -1.33
CA ALA D 89 45.17 1.49 0.12
C ALA D 89 46.55 2.00 0.52
N LYS D 90 47.60 1.46 -0.11
CA LYS D 90 48.97 1.86 0.21
C LYS D 90 49.16 3.37 0.07
N ARG D 91 48.40 4.00 -0.82
CA ARG D 91 48.53 5.45 -0.98
C ARG D 91 47.50 6.19 -0.15
N GLY D 92 46.82 5.48 0.74
CA GLY D 92 45.82 6.09 1.58
C GLY D 92 44.61 6.55 0.80
N ILE D 93 44.20 5.76 -0.19
CA ILE D 93 43.05 6.10 -1.00
C ILE D 93 41.95 5.06 -0.87
N PRO D 94 40.85 5.42 -0.19
CA PRO D 94 39.72 4.51 0.02
C PRO D 94 38.93 4.34 -1.26
N VAL D 95 38.33 3.16 -1.40
CA VAL D 95 37.51 2.84 -2.55
C VAL D 95 36.12 2.58 -1.99
N PHE D 96 35.14 3.29 -2.54
CA PHE D 96 33.74 3.16 -2.12
C PHE D 96 32.93 2.55 -3.27
N ASN D 97 31.97 1.72 -2.91
CA ASN D 97 31.11 1.10 -3.92
C ASN D 97 29.65 1.37 -3.55
N ALA D 98 28.73 0.63 -4.16
CA ALA D 98 27.31 0.84 -3.89
C ALA D 98 26.71 -0.48 -3.43
N PRO D 99 26.97 -0.84 -2.17
CA PRO D 99 26.48 -2.08 -1.57
C PRO D 99 24.97 -2.26 -1.38
N PHE D 100 24.19 -1.19 -1.31
CA PHE D 100 22.75 -1.37 -1.07
C PHE D 100 21.81 -0.86 -2.14
N SER D 101 22.35 -0.40 -3.27
CA SER D 101 21.52 0.12 -4.35
C SER D 101 20.59 -0.89 -5.02
N ASN D 102 20.91 -2.17 -4.95
CA ASN D 102 20.06 -3.20 -5.56
C ASN D 102 19.02 -3.80 -4.61
N THR D 103 18.89 -3.21 -3.43
CA THR D 103 17.96 -3.70 -2.42
C THR D 103 16.52 -3.91 -2.91
N ARG D 104 15.93 -2.85 -3.45
CA ARG D 104 14.55 -2.91 -3.93
C ARG D 104 14.37 -3.97 -5.02
N SER D 105 15.34 -4.00 -5.91
CA SER D 105 15.34 -4.94 -7.02
C SER D 105 15.27 -6.39 -6.56
N VAL D 106 16.05 -6.74 -5.55
CA VAL D 106 16.05 -8.12 -5.05
C VAL D 106 14.71 -8.45 -4.39
N ALA D 107 14.16 -7.49 -3.65
CA ALA D 107 12.88 -7.69 -2.96
C ALA D 107 11.76 -7.96 -3.98
N GLU D 108 11.72 -7.19 -5.05
CA GLU D 108 10.69 -7.38 -6.08
C GLU D 108 10.80 -8.74 -6.74
N LEU D 109 12.03 -9.15 -7.05
CA LEU D 109 12.26 -10.44 -7.68
C LEU D 109 11.74 -11.59 -6.81
N VAL D 110 12.01 -11.54 -5.51
CA VAL D 110 11.53 -12.57 -4.59
C VAL D 110 10.01 -12.69 -4.66
N ILE D 111 9.34 -11.56 -4.67
CA ILE D 111 7.88 -11.53 -4.74
C ILE D 111 7.43 -12.21 -6.05
N GLY D 112 8.08 -11.84 -7.16
CA GLY D 112 7.70 -12.44 -8.43
C GLY D 112 7.92 -13.95 -8.43
N GLU D 113 9.03 -14.38 -7.84
CA GLU D 113 9.36 -15.80 -7.79
C GLU D 113 8.39 -16.59 -6.92
N LEU D 114 8.08 -16.09 -5.74
CA LEU D 114 7.16 -16.82 -4.85
C LEU D 114 5.75 -16.88 -5.43
N LEU D 115 5.31 -15.81 -6.08
CA LEU D 115 3.97 -15.82 -6.66
C LEU D 115 3.85 -16.90 -7.72
N LEU D 116 4.82 -16.98 -8.62
CA LEU D 116 4.76 -17.99 -9.68
C LEU D 116 5.04 -19.41 -9.17
N LEU D 117 5.99 -19.56 -8.25
CA LEU D 117 6.30 -20.87 -7.71
C LEU D 117 5.09 -21.41 -6.94
N LEU D 118 4.46 -20.55 -6.14
CA LEU D 118 3.28 -20.94 -5.36
C LEU D 118 2.17 -21.50 -6.26
N ARG D 119 2.14 -21.04 -7.51
CA ARG D 119 1.13 -21.49 -8.45
C ARG D 119 1.63 -22.60 -9.37
N GLY D 120 2.88 -23.01 -9.17
CA GLY D 120 3.44 -24.06 -10.02
C GLY D 120 3.56 -23.60 -11.46
N VAL D 121 3.71 -22.30 -11.67
CA VAL D 121 3.82 -21.76 -13.02
C VAL D 121 5.10 -22.14 -13.76
N PRO D 122 6.25 -22.11 -13.07
CA PRO D 122 7.49 -22.48 -13.77
C PRO D 122 7.44 -23.88 -14.36
N GLU D 123 6.92 -24.83 -13.60
CA GLU D 123 6.82 -26.20 -14.12
C GLU D 123 5.82 -26.28 -15.27
N ALA D 124 4.68 -25.63 -15.12
CA ALA D 124 3.66 -25.66 -16.18
C ALA D 124 4.22 -25.02 -17.45
N ASN D 125 4.97 -23.94 -17.28
CA ASN D 125 5.55 -23.23 -18.40
C ASN D 125 6.56 -24.08 -19.19
N ALA D 126 7.46 -24.74 -18.46
CA ALA D 126 8.46 -25.58 -19.11
C ALA D 126 7.80 -26.69 -19.94
N LYS D 127 6.76 -27.29 -19.40
CA LYS D 127 6.05 -28.35 -20.13
C LYS D 127 5.34 -27.81 -21.36
N ALA D 128 4.73 -26.64 -21.23
CA ALA D 128 4.03 -26.02 -22.35
C ALA D 128 4.99 -25.81 -23.51
N HIS D 129 6.21 -25.37 -23.20
CA HIS D 129 7.21 -25.15 -24.25
C HIS D 129 7.73 -26.46 -24.82
N ARG D 130 7.37 -27.58 -24.19
CA ARG D 130 7.81 -28.89 -24.68
C ARG D 130 6.67 -29.64 -25.35
N GLY D 131 5.46 -29.09 -25.24
CA GLY D 131 4.31 -29.74 -25.85
C GLY D 131 3.62 -30.70 -24.90
N VAL D 132 4.12 -30.79 -23.67
CA VAL D 132 3.53 -31.66 -22.66
C VAL D 132 2.38 -30.95 -21.95
N GLY D 133 1.45 -31.72 -21.42
CA GLY D 133 0.31 -31.13 -20.74
C GLY D 133 -0.03 -31.89 -19.47
N SER D 140 -0.84 -25.30 -6.30
CA SER D 140 -1.30 -24.01 -6.78
C SER D 140 -2.10 -23.30 -5.68
N PHE D 141 -1.59 -22.17 -5.21
CA PHE D 141 -2.27 -21.44 -4.14
C PHE D 141 -2.15 -19.93 -4.26
N GLU D 142 -3.09 -19.22 -3.63
CA GLU D 142 -3.07 -17.77 -3.61
C GLU D 142 -1.99 -17.40 -2.60
N ALA D 143 -1.35 -16.25 -2.79
CA ALA D 143 -0.33 -15.83 -1.85
C ALA D 143 -0.98 -15.18 -0.62
N ARG D 144 -2.12 -14.52 -0.80
CA ARG D 144 -2.75 -13.87 0.34
C ARG D 144 -3.09 -14.91 1.40
N GLY D 145 -2.84 -14.57 2.66
CA GLY D 145 -3.13 -15.50 3.72
C GLY D 145 -2.00 -16.47 4.01
N LYS D 146 -0.96 -16.47 3.17
CA LYS D 146 0.17 -17.38 3.40
C LYS D 146 1.24 -16.72 4.27
N LYS D 147 2.07 -17.56 4.89
CA LYS D 147 3.14 -17.05 5.75
C LYS D 147 4.52 -17.03 5.07
N LEU D 148 5.15 -15.87 5.10
CA LEU D 148 6.48 -15.71 4.53
C LEU D 148 7.46 -15.65 5.67
N GLY D 149 8.48 -16.50 5.60
CA GLY D 149 9.50 -16.54 6.62
C GLY D 149 10.76 -15.92 6.05
N ILE D 150 11.15 -14.78 6.61
CA ILE D 150 12.35 -14.08 6.15
C ILE D 150 13.52 -14.34 7.08
N ILE D 151 14.63 -14.86 6.53
CA ILE D 151 15.82 -15.11 7.33
C ILE D 151 16.80 -13.98 6.98
N GLY D 152 17.06 -13.09 7.94
CA GLY D 152 17.92 -11.95 7.68
C GLY D 152 17.02 -10.76 7.39
N TYR D 153 16.68 -10.02 8.43
CA TYR D 153 15.78 -8.88 8.31
C TYR D 153 16.54 -7.56 8.24
N GLY D 154 17.27 -7.36 7.16
CA GLY D 154 18.04 -6.13 6.98
C GLY D 154 17.47 -5.28 5.85
N HIS D 155 18.35 -4.73 5.03
CA HIS D 155 17.92 -3.89 3.90
C HIS D 155 16.89 -4.60 3.02
N ILE D 156 17.25 -5.74 2.47
CA ILE D 156 16.34 -6.48 1.60
C ILE D 156 15.17 -7.12 2.37
N GLY D 157 15.50 -7.80 3.46
CA GLY D 157 14.47 -8.45 4.27
C GLY D 157 13.32 -7.51 4.64
N THR D 158 13.65 -6.30 5.10
CA THR D 158 12.60 -5.37 5.47
C THR D 158 11.75 -4.90 4.28
N GLN D 159 12.38 -4.54 3.16
N GLN D 159 12.38 -4.54 3.16
CA GLN D 159 11.60 -4.11 2.00
CA GLN D 159 11.60 -4.11 2.00
C GLN D 159 10.73 -5.24 1.45
C GLN D 159 10.73 -5.24 1.45
N LEU D 160 11.24 -6.46 1.52
CA LEU D 160 10.48 -7.63 1.05
C LEU D 160 9.25 -7.80 1.95
N GLY D 161 9.45 -7.71 3.26
CA GLY D 161 8.33 -7.86 4.18
C GLY D 161 7.21 -6.86 3.89
N ILE D 162 7.59 -5.62 3.57
CA ILE D 162 6.61 -4.59 3.25
C ILE D 162 5.79 -4.98 2.01
N LEU D 163 6.48 -5.45 0.97
CA LEU D 163 5.80 -5.87 -0.26
C LEU D 163 4.93 -7.11 -0.04
N ALA D 164 5.43 -8.03 0.78
CA ALA D 164 4.69 -9.26 1.08
C ALA D 164 3.39 -8.94 1.80
N GLU D 165 3.46 -8.03 2.76
CA GLU D 165 2.26 -7.65 3.49
C GLU D 165 1.26 -7.01 2.54
N SER D 166 1.74 -6.24 1.58
CA SER D 166 0.85 -5.59 0.62
C SER D 166 0.13 -6.62 -0.21
N LEU D 167 0.77 -7.77 -0.38
CA LEU D 167 0.15 -8.86 -1.15
C LEU D 167 -0.78 -9.69 -0.25
N GLY D 168 -0.95 -9.24 0.99
CA GLY D 168 -1.82 -9.96 1.92
C GLY D 168 -1.19 -11.14 2.65
N MSE D 169 0.14 -11.25 2.60
CA MSE D 169 0.83 -12.35 3.28
C MSE D 169 1.11 -11.98 4.74
O MSE D 169 1.09 -10.80 5.08
CB MSE D 169 2.17 -12.69 2.60
CG MSE D 169 2.09 -13.08 1.12
SE MSE D 169 3.81 -13.68 0.41
CE MSE D 169 3.76 -15.52 1.06
N TYR D 170 1.36 -12.97 5.57
CA TYR D 170 1.69 -12.77 6.98
C TYR D 170 3.21 -12.92 7.05
N VAL D 171 3.87 -11.91 7.58
CA VAL D 171 5.33 -11.91 7.62
C VAL D 171 5.99 -12.18 8.96
N TYR D 172 6.92 -13.12 8.95
CA TYR D 172 7.68 -13.49 10.14
C TYR D 172 9.14 -13.49 9.74
N PHE D 173 10.02 -13.18 10.69
CA PHE D 173 11.44 -13.15 10.36
C PHE D 173 12.32 -13.61 11.50
N TYR D 174 13.46 -14.18 11.13
CA TYR D 174 14.44 -14.64 12.07
C TYR D 174 15.70 -13.87 11.76
N ASP D 175 16.35 -13.36 12.79
CA ASP D 175 17.59 -12.60 12.63
C ASP D 175 18.39 -12.79 13.92
N ILE D 176 19.71 -12.91 13.80
CA ILE D 176 20.54 -13.10 14.98
C ILE D 176 20.54 -11.89 15.89
N GLU D 177 20.03 -10.78 15.39
CA GLU D 177 19.93 -9.55 16.17
C GLU D 177 18.47 -9.15 16.29
N ASN D 178 18.14 -8.49 17.39
CA ASN D 178 16.79 -8.02 17.62
C ASN D 178 16.56 -6.82 16.72
N LYS D 179 15.46 -6.83 15.97
CA LYS D 179 15.15 -5.72 15.06
C LYS D 179 13.76 -5.17 15.31
N LEU D 180 13.54 -3.92 14.93
CA LEU D 180 12.22 -3.32 15.08
C LEU D 180 11.40 -3.79 13.88
N PRO D 181 10.23 -4.38 14.14
CA PRO D 181 9.45 -4.83 12.98
C PRO D 181 8.78 -3.67 12.25
N LEU D 182 8.71 -3.76 10.93
CA LEU D 182 8.03 -2.75 10.14
C LEU D 182 6.68 -3.38 9.83
N GLY D 183 5.63 -2.55 9.80
CA GLY D 183 4.30 -3.06 9.52
C GLY D 183 3.88 -4.10 10.54
N ASN D 184 3.19 -5.14 10.08
CA ASN D 184 2.73 -6.21 10.97
C ASN D 184 3.71 -7.38 11.05
N ALA D 185 4.97 -7.17 10.67
CA ALA D 185 5.94 -8.27 10.75
C ALA D 185 6.19 -8.72 12.19
N THR D 186 6.57 -9.98 12.34
CA THR D 186 6.82 -10.58 13.65
C THR D 186 8.17 -11.28 13.72
N GLN D 187 9.01 -10.90 14.70
CA GLN D 187 10.30 -11.56 14.85
C GLN D 187 10.07 -12.88 15.60
N VAL D 188 10.64 -13.95 15.06
CA VAL D 188 10.55 -15.27 15.67
C VAL D 188 11.95 -15.57 16.24
N GLN D 189 12.02 -15.86 17.52
CA GLN D 189 13.30 -16.11 18.18
C GLN D 189 14.02 -17.40 17.79
N HIS D 190 13.27 -18.45 17.48
CA HIS D 190 13.90 -19.71 17.11
C HIS D 190 13.70 -20.03 15.63
N LEU D 191 14.81 -20.28 14.95
CA LEU D 191 14.79 -20.59 13.52
C LEU D 191 13.87 -21.77 13.20
N SER D 192 13.93 -22.82 14.02
CA SER D 192 13.10 -24.00 13.77
C SER D 192 11.62 -23.64 13.78
N ASP D 193 11.23 -22.70 14.63
CA ASP D 193 9.83 -22.28 14.68
C ASP D 193 9.47 -21.56 13.38
N LEU D 194 10.39 -20.73 12.89
CA LEU D 194 10.14 -20.02 11.65
C LEU D 194 9.98 -21.02 10.51
N LEU D 195 10.92 -21.97 10.44
CA LEU D 195 10.88 -22.99 9.40
C LEU D 195 9.59 -23.80 9.42
N ASN D 196 9.11 -24.15 10.61
CA ASN D 196 7.88 -24.94 10.73
C ASN D 196 6.64 -24.25 10.16
N MSE D 197 6.42 -22.97 10.52
CA MSE D 197 5.27 -22.23 10.08
C MSE D 197 5.20 -21.77 8.54
O MSE D 197 4.15 -21.37 8.13
CB MSE D 197 5.05 -21.07 11.06
CG MSE D 197 6.14 -20.00 10.97
SE MSE D 197 5.86 -18.42 12.10
CE MSE D 197 6.46 -19.16 13.80
N SER D 198 6.36 -21.71 7.89
CA SER D 198 6.48 -20.87 6.71
C SER D 198 6.04 -21.61 5.45
N ASP D 199 5.25 -20.92 4.63
CA ASP D 199 4.83 -21.43 3.35
C ASP D 199 5.91 -21.11 2.34
N VAL D 200 6.59 -20.00 2.59
CA VAL D 200 7.68 -19.55 1.74
C VAL D 200 8.82 -19.06 2.65
N VAL D 201 10.04 -19.51 2.38
CA VAL D 201 11.19 -19.07 3.19
C VAL D 201 12.18 -18.38 2.25
N SER D 202 12.58 -17.15 2.59
CA SER D 202 13.54 -16.42 1.77
C SER D 202 14.76 -15.99 2.58
N LEU D 203 15.94 -16.27 2.04
CA LEU D 203 17.21 -15.93 2.72
C LEU D 203 17.82 -14.62 2.25
N HIS D 204 18.21 -13.79 3.20
CA HIS D 204 18.81 -12.49 2.90
C HIS D 204 19.85 -12.18 3.96
N VAL D 205 20.82 -13.08 4.08
CA VAL D 205 21.90 -12.94 5.05
C VAL D 205 23.24 -12.85 4.31
N PRO D 206 24.26 -12.31 4.98
CA PRO D 206 25.58 -12.19 4.35
C PRO D 206 26.30 -13.52 4.31
N GLU D 207 27.47 -13.51 3.67
CA GLU D 207 28.28 -14.72 3.56
C GLU D 207 29.36 -14.73 4.64
N ASN D 208 29.18 -15.57 5.66
CA ASN D 208 30.16 -15.68 6.73
C ASN D 208 29.99 -17.03 7.45
N PRO D 209 30.94 -17.39 8.33
CA PRO D 209 30.86 -18.66 9.06
C PRO D 209 29.52 -18.90 9.73
N SER D 210 28.91 -17.82 10.20
CA SER D 210 27.62 -17.89 10.86
C SER D 210 26.52 -18.42 9.95
N THR D 211 26.65 -18.18 8.65
CA THR D 211 25.62 -18.60 7.71
C THR D 211 25.99 -19.73 6.76
N LYS D 212 27.26 -20.14 6.79
CA LYS D 212 27.75 -21.23 5.95
C LYS D 212 26.83 -22.45 6.10
N ASN D 213 26.17 -22.83 5.02
CA ASN D 213 25.24 -23.96 5.02
C ASN D 213 24.24 -23.96 6.18
N MSE D 214 23.74 -22.79 6.58
CA MSE D 214 22.78 -22.77 7.67
C MSE D 214 21.52 -23.52 7.26
O MSE D 214 20.77 -24.01 8.11
CB MSE D 214 22.45 -21.34 8.10
CG MSE D 214 21.73 -20.50 7.05
SE MSE D 214 21.31 -18.75 7.77
CE MSE D 214 19.97 -19.29 9.04
N MSE D 215 21.28 -23.62 5.96
CA MSE D 215 20.11 -24.33 5.46
C MSE D 215 20.53 -25.68 4.89
O MSE D 215 20.70 -25.84 3.68
CB MSE D 215 19.40 -23.51 4.36
CG MSE D 215 18.67 -22.26 4.89
SE MSE D 215 17.30 -22.65 6.23
CE MSE D 215 16.47 -23.97 4.98
N GLY D 216 20.69 -26.64 5.79
CA GLY D 216 21.09 -27.98 5.40
C GLY D 216 19.93 -28.96 5.39
N ALA D 217 20.23 -30.25 5.27
CA ALA D 217 19.21 -31.27 5.23
C ALA D 217 18.25 -31.17 6.41
N LYS D 218 18.79 -30.96 7.61
CA LYS D 218 17.95 -30.85 8.80
C LYS D 218 16.99 -29.66 8.74
N GLU D 219 17.52 -28.46 8.46
CA GLU D 219 16.68 -27.28 8.38
C GLU D 219 15.60 -27.45 7.32
N ILE D 220 16.00 -27.90 6.14
CA ILE D 220 15.04 -28.12 5.05
C ILE D 220 14.00 -29.12 5.53
N SER D 221 14.43 -30.07 6.34
CA SER D 221 13.53 -31.07 6.88
C SER D 221 12.51 -30.40 7.81
N LEU D 222 12.97 -29.34 8.48
CA LEU D 222 12.12 -28.58 9.41
C LEU D 222 11.07 -27.72 8.71
N MSE D 223 11.28 -27.44 7.43
CA MSE D 223 10.33 -26.63 6.67
C MSE D 223 9.04 -27.39 6.45
O MSE D 223 9.02 -28.62 6.43
CB MSE D 223 10.94 -26.20 5.32
CG MSE D 223 12.05 -25.16 5.46
SE MSE D 223 12.89 -24.66 3.80
CE MSE D 223 11.31 -24.02 2.88
N LYS D 224 7.95 -26.64 6.31
CA LYS D 224 6.63 -27.21 6.11
C LYS D 224 6.50 -28.02 4.81
N PRO D 225 5.73 -29.11 4.83
CA PRO D 225 5.55 -29.93 3.63
C PRO D 225 4.91 -29.10 2.51
N GLY D 226 5.51 -29.12 1.32
CA GLY D 226 4.97 -28.37 0.20
C GLY D 226 5.36 -26.90 0.16
N SER D 227 6.35 -26.50 0.97
CA SER D 227 6.79 -25.11 1.01
C SER D 227 7.79 -24.75 -0.08
N LEU D 228 8.18 -23.49 -0.12
CA LEU D 228 9.13 -23.01 -1.14
C LEU D 228 10.35 -22.40 -0.50
N LEU D 229 11.51 -22.64 -1.08
CA LEU D 229 12.75 -22.07 -0.56
C LEU D 229 13.35 -21.12 -1.60
N ILE D 230 13.60 -19.89 -1.18
CA ILE D 230 14.16 -18.87 -2.06
C ILE D 230 15.47 -18.32 -1.52
N ASN D 231 16.46 -18.23 -2.41
CA ASN D 231 17.78 -17.69 -2.08
C ASN D 231 18.07 -16.85 -3.33
N ALA D 232 17.36 -15.71 -3.48
CA ALA D 232 17.40 -14.78 -4.65
C ALA D 232 18.73 -14.09 -4.83
N SER D 233 19.42 -13.90 -3.74
CA SER D 233 20.76 -13.36 -3.87
C SER D 233 21.79 -14.48 -3.60
N ARG D 234 22.64 -14.82 -4.63
CA ARG D 234 23.71 -15.93 -4.65
C ARG D 234 24.76 -15.88 -3.51
N GLY D 235 25.11 -17.04 -2.98
CA GLY D 235 26.10 -17.22 -1.90
C GLY D 235 26.28 -18.71 -1.71
N THR D 236 26.47 -19.12 -0.48
CA THR D 236 26.68 -20.52 -0.02
C THR D 236 25.88 -20.89 1.26
N VAL D 237 24.73 -20.23 1.41
CA VAL D 237 23.87 -20.42 2.57
C VAL D 237 23.02 -21.69 2.50
N VAL D 238 22.81 -22.20 1.29
CA VAL D 238 22.01 -23.40 1.09
C VAL D 238 22.80 -24.60 0.59
N ASP D 239 22.63 -25.74 1.25
CA ASP D 239 23.30 -26.98 0.84
C ASP D 239 22.56 -27.49 -0.39
N ILE D 240 23.10 -27.19 -1.57
CA ILE D 240 22.44 -27.55 -2.82
C ILE D 240 22.04 -29.02 -2.94
N PRO D 241 22.94 -29.94 -2.56
CA PRO D 241 22.61 -31.37 -2.64
C PRO D 241 21.38 -31.70 -1.78
N ALA D 242 21.32 -31.10 -0.60
CA ALA D 242 20.21 -31.31 0.30
C ALA D 242 18.95 -30.73 -0.31
N LEU D 243 19.08 -29.57 -0.96
CA LEU D 243 17.94 -28.93 -1.58
C LEU D 243 17.41 -29.83 -2.68
N ALA D 244 18.32 -30.43 -3.45
CA ALA D 244 17.91 -31.32 -4.54
C ALA D 244 17.15 -32.54 -4.01
N ASP D 245 17.60 -33.11 -2.89
CA ASP D 245 16.90 -34.27 -2.34
C ASP D 245 15.47 -33.91 -1.92
N ALA D 246 15.30 -32.74 -1.30
CA ALA D 246 13.98 -32.30 -0.84
C ALA D 246 13.03 -32.00 -1.99
N LEU D 247 13.60 -31.65 -3.14
CA LEU D 247 12.79 -31.36 -4.31
C LEU D 247 12.41 -32.68 -4.98
N ALA D 248 13.36 -33.60 -5.04
CA ALA D 248 13.12 -34.91 -5.63
C ALA D 248 12.07 -35.66 -4.82
N SER D 249 12.13 -35.50 -3.49
CA SER D 249 11.17 -36.16 -2.60
C SER D 249 9.85 -35.42 -2.56
N LYS D 250 9.83 -34.21 -3.10
CA LYS D 250 8.63 -33.38 -3.14
C LYS D 250 8.25 -32.71 -1.83
N HIS D 251 9.11 -32.81 -0.82
CA HIS D 251 8.88 -32.16 0.46
C HIS D 251 8.76 -30.65 0.15
N LEU D 252 9.61 -30.17 -0.76
CA LEU D 252 9.57 -28.77 -1.18
C LEU D 252 8.86 -28.75 -2.53
N ALA D 253 7.92 -27.83 -2.69
CA ALA D 253 7.17 -27.74 -3.93
C ALA D 253 7.86 -26.93 -5.01
N GLY D 254 9.00 -26.32 -4.67
CA GLY D 254 9.73 -25.52 -5.64
C GLY D 254 10.78 -24.68 -4.95
N ALA D 255 11.55 -23.94 -5.74
CA ALA D 255 12.61 -23.09 -5.20
C ALA D 255 13.09 -22.12 -6.26
N ALA D 256 13.83 -21.11 -5.83
CA ALA D 256 14.41 -20.12 -6.72
C ALA D 256 15.81 -19.90 -6.18
N ILE D 257 16.81 -20.11 -7.03
CA ILE D 257 18.21 -19.98 -6.61
C ILE D 257 18.99 -19.10 -7.57
N ASP D 258 19.75 -18.15 -7.03
CA ASP D 258 20.56 -17.25 -7.85
C ASP D 258 21.77 -18.01 -8.39
N VAL D 259 22.01 -17.89 -9.69
CA VAL D 259 23.14 -18.55 -10.33
C VAL D 259 24.16 -17.54 -10.83
N PRO D 270 28.64 -24.24 -13.39
CA PRO D 270 27.86 -25.10 -12.52
C PRO D 270 28.31 -25.23 -11.05
N PHE D 271 27.20 -25.45 -10.36
CA PHE D 271 27.10 -25.48 -8.91
C PHE D 271 25.62 -25.66 -8.47
N THR D 272 24.76 -25.26 -9.38
CA THR D 272 23.34 -25.33 -9.27
C THR D 272 22.89 -26.41 -10.24
N SER D 273 23.86 -27.03 -10.90
CA SER D 273 23.60 -28.09 -11.87
C SER D 273 22.67 -29.17 -11.33
N PRO D 274 22.81 -29.53 -10.04
CA PRO D 274 21.92 -30.56 -9.51
C PRO D 274 20.46 -30.13 -9.62
N LEU D 275 20.22 -28.83 -9.80
CA LEU D 275 18.85 -28.31 -9.90
C LEU D 275 18.34 -28.17 -11.32
N ALA D 276 19.24 -28.29 -12.29
CA ALA D 276 18.86 -28.15 -13.70
C ALA D 276 17.72 -29.06 -14.14
N GLU D 277 17.65 -30.27 -13.57
CA GLU D 277 16.62 -31.22 -13.96
C GLU D 277 15.22 -30.88 -13.43
N PHE D 278 15.13 -29.99 -12.45
CA PHE D 278 13.84 -29.64 -11.87
C PHE D 278 13.13 -28.48 -12.53
N ASP D 279 12.00 -28.77 -13.14
CA ASP D 279 11.19 -27.76 -13.81
C ASP D 279 10.58 -26.79 -12.80
N ASN D 280 10.45 -27.22 -11.54
CA ASN D 280 9.86 -26.36 -10.53
C ASN D 280 10.87 -25.51 -9.77
N VAL D 281 12.05 -25.34 -10.34
CA VAL D 281 13.07 -24.49 -9.72
C VAL D 281 13.41 -23.36 -10.69
N LEU D 282 13.43 -22.14 -10.17
CA LEU D 282 13.78 -20.99 -11.00
C LEU D 282 15.26 -20.69 -10.80
N LEU D 283 16.00 -20.63 -11.90
CA LEU D 283 17.43 -20.35 -11.88
C LEU D 283 17.59 -18.99 -12.55
N THR D 284 18.08 -18.00 -11.80
CA THR D 284 18.25 -16.64 -12.31
C THR D 284 19.69 -16.16 -12.25
N PRO D 285 20.14 -15.41 -13.28
CA PRO D 285 21.51 -14.89 -13.32
C PRO D 285 21.76 -13.94 -12.16
N SER D 290 23.10 -3.22 -12.55
CA SER D 290 24.14 -2.27 -12.91
C SER D 290 23.98 -1.83 -14.37
N THR D 291 22.74 -1.78 -14.84
CA THR D 291 22.44 -1.38 -16.21
C THR D 291 20.97 -0.96 -16.32
N GLN D 292 20.33 -0.72 -15.18
CA GLN D 292 18.92 -0.33 -15.15
C GLN D 292 18.67 0.83 -14.20
N GLU D 293 17.54 0.77 -13.48
CA GLU D 293 17.17 1.81 -12.51
C GLU D 293 18.19 1.88 -11.38
N ALA D 294 19.11 0.92 -11.38
CA ALA D 294 20.13 0.85 -10.34
C ALA D 294 21.10 2.04 -10.44
N GLN D 295 21.33 2.50 -11.65
CA GLN D 295 22.23 3.62 -11.89
C GLN D 295 21.93 4.87 -11.07
N GLU D 296 20.65 5.21 -10.93
CA GLU D 296 20.28 6.38 -10.16
C GLU D 296 20.67 6.19 -8.69
N ASN D 297 20.24 5.07 -8.13
CA ASN D 297 20.53 4.73 -6.74
C ASN D 297 22.04 4.68 -6.54
N ILE D 298 22.73 4.03 -7.48
CA ILE D 298 24.19 3.92 -7.40
C ILE D 298 24.82 5.31 -7.45
N GLY D 299 24.39 6.13 -8.40
CA GLY D 299 24.93 7.48 -8.53
C GLY D 299 24.79 8.26 -7.24
N LEU D 300 23.60 8.21 -6.65
CA LEU D 300 23.32 8.91 -5.39
C LEU D 300 24.14 8.33 -4.25
N GLU D 301 24.18 7.01 -4.16
CA GLU D 301 24.90 6.33 -3.08
C GLU D 301 26.40 6.59 -3.11
N VAL D 302 27.04 6.37 -4.25
CA VAL D 302 28.49 6.55 -4.33
C VAL D 302 28.93 8.00 -4.30
N ALA D 303 28.18 8.89 -4.95
CA ALA D 303 28.56 10.30 -4.89
C ALA D 303 28.46 10.74 -3.43
N GLY D 304 27.46 10.23 -2.73
CA GLY D 304 27.30 10.58 -1.33
C GLY D 304 28.52 10.17 -0.52
N LYS D 305 29.06 8.98 -0.77
CA LYS D 305 30.24 8.50 -0.04
C LYS D 305 31.45 9.40 -0.33
N LEU D 306 31.59 9.80 -1.59
CA LEU D 306 32.71 10.65 -1.95
C LEU D 306 32.58 12.02 -1.27
N ILE D 307 31.37 12.57 -1.28
CA ILE D 307 31.10 13.86 -0.66
C ILE D 307 31.38 13.86 0.84
N LYS D 308 30.88 12.84 1.54
CA LYS D 308 31.09 12.76 2.98
C LYS D 308 32.56 12.53 3.34
N TYR D 309 33.27 11.72 2.54
CA TYR D 309 34.67 11.49 2.84
C TYR D 309 35.42 12.81 2.68
N SER D 310 35.08 13.55 1.64
CA SER D 310 35.70 14.84 1.36
C SER D 310 35.39 15.84 2.47
N ASP D 311 34.12 15.97 2.83
CA ASP D 311 33.69 16.92 3.85
C ASP D 311 33.95 16.52 5.31
N ASN D 312 33.73 15.27 5.68
CA ASN D 312 33.94 14.90 7.07
C ASN D 312 34.84 13.68 7.34
N GLY D 313 35.43 13.14 6.28
CA GLY D 313 36.35 12.03 6.44
C GLY D 313 35.79 10.65 6.70
N SER D 314 34.49 10.46 6.53
CA SER D 314 33.89 9.14 6.73
C SER D 314 34.38 8.09 5.74
N THR D 315 34.77 6.93 6.23
CA THR D 315 35.23 5.84 5.39
C THR D 315 34.33 4.64 5.63
N LEU D 316 33.17 4.91 6.24
CA LEU D 316 32.19 3.87 6.51
C LEU D 316 31.86 3.20 5.18
N SER D 317 31.91 1.87 5.16
CA SER D 317 31.62 1.07 3.97
C SER D 317 32.73 1.05 2.90
N ALA D 318 33.88 1.66 3.17
CA ALA D 318 34.98 1.62 2.21
C ALA D 318 35.34 0.14 2.10
N VAL D 319 35.78 -0.32 0.92
CA VAL D 319 36.11 -1.73 0.77
C VAL D 319 37.58 -2.13 0.97
N ASN D 320 38.47 -1.16 1.11
CA ASN D 320 39.90 -1.44 1.26
C ASN D 320 40.48 -0.53 2.32
N PHE D 321 39.68 -0.17 3.32
CA PHE D 321 40.14 0.83 4.28
C PHE D 321 39.55 0.66 5.67
N PRO D 322 40.28 1.10 6.71
CA PRO D 322 39.72 0.96 8.05
C PRO D 322 38.52 1.89 8.06
N GLU D 323 37.40 1.43 8.61
CA GLU D 323 36.17 2.19 8.65
C GLU D 323 35.97 3.08 9.86
N VAL D 324 35.78 4.37 9.63
CA VAL D 324 35.52 5.29 10.73
C VAL D 324 34.68 6.49 10.29
N SER D 325 33.94 7.04 11.25
CA SER D 325 33.13 8.23 11.01
C SER D 325 32.74 8.80 12.36
N LEU D 326 32.60 10.12 12.40
CA LEU D 326 32.27 10.82 13.62
C LEU D 326 31.22 11.87 13.31
N PRO D 327 30.26 12.07 14.24
CA PRO D 327 29.19 13.05 14.05
C PRO D 327 29.77 14.47 13.99
N LEU D 328 29.07 15.37 13.31
CA LEU D 328 29.52 16.75 13.17
C LEU D 328 29.15 17.54 14.42
N HIS D 329 30.15 17.82 15.26
CA HIS D 329 29.90 18.58 16.50
C HIS D 329 30.70 19.89 16.56
N GLY D 330 30.91 20.53 15.41
CA GLY D 330 31.65 21.77 15.39
C GLY D 330 33.15 21.64 15.59
N GLY D 331 33.81 22.75 15.91
CA GLY D 331 35.24 22.73 16.12
C GLY D 331 35.98 22.45 14.83
N ARG D 332 37.24 22.03 14.95
CA ARG D 332 38.07 21.73 13.79
C ARG D 332 38.24 20.21 13.71
N ARG D 333 38.34 19.68 12.50
CA ARG D 333 38.51 18.25 12.32
C ARG D 333 39.68 17.90 11.41
N LEU D 334 40.54 17.00 11.90
CA LEU D 334 41.69 16.56 11.15
C LEU D 334 41.65 15.05 10.99
N MSE D 335 42.36 14.55 9.99
CA MSE D 335 42.39 13.12 9.73
C MSE D 335 43.82 12.72 9.39
O MSE D 335 44.55 13.46 8.73
CB MSE D 335 41.42 12.78 8.60
CG MSE D 335 41.78 13.40 7.28
SE MSE D 335 42.91 12.23 6.29
CE MSE D 335 41.67 11.82 4.85
N HIS D 336 44.21 11.52 9.85
CA HIS D 336 45.55 11.02 9.65
C HIS D 336 45.52 9.57 9.17
N ILE D 337 46.24 9.30 8.08
CA ILE D 337 46.32 7.95 7.53
C ILE D 337 47.79 7.58 7.67
N HIS D 338 48.06 6.38 8.18
CA HIS D 338 49.44 5.97 8.40
C HIS D 338 49.66 4.47 8.35
N GLU D 339 50.92 4.11 8.10
CA GLU D 339 51.32 2.74 8.18
C GLU D 339 51.10 2.35 9.65
N ASN D 340 50.55 1.18 9.94
CA ASN D 340 50.29 0.82 11.32
C ASN D 340 51.55 0.41 12.09
N ARG D 341 52.33 1.40 12.51
CA ARG D 341 53.55 1.16 13.27
C ARG D 341 53.42 1.82 14.64
N PRO D 342 53.85 1.11 15.70
CA PRO D 342 53.78 1.63 17.08
C PRO D 342 54.38 3.02 17.22
N GLY D 343 53.75 3.86 18.03
CA GLY D 343 54.26 5.20 18.25
C GLY D 343 53.59 6.33 17.49
N VAL D 344 52.90 5.99 16.41
CA VAL D 344 52.24 7.01 15.60
C VAL D 344 51.16 7.77 16.37
N LEU D 345 50.25 7.04 17.00
CA LEU D 345 49.18 7.68 17.75
C LEU D 345 49.72 8.51 18.91
N THR D 346 50.75 7.99 19.57
CA THR D 346 51.36 8.72 20.68
C THR D 346 51.85 10.06 20.15
N ALA D 347 52.51 10.02 19.00
CA ALA D 347 53.02 11.25 18.39
C ALA D 347 51.85 12.17 18.06
N LEU D 348 50.76 11.62 17.52
CA LEU D 348 49.59 12.43 17.17
C LEU D 348 49.00 13.18 18.35
N ASN D 349 48.59 12.43 19.38
CA ASN D 349 47.98 13.04 20.55
C ASN D 349 48.93 14.00 21.25
N LYS D 350 50.22 13.69 21.22
CA LYS D 350 51.22 14.57 21.84
C LYS D 350 51.09 15.99 21.25
N ILE D 351 50.99 16.07 19.93
CA ILE D 351 50.87 17.38 19.26
C ILE D 351 49.85 18.29 19.92
N PHE D 352 48.75 17.73 20.41
CA PHE D 352 47.70 18.53 21.03
C PHE D 352 47.86 18.63 22.55
N ALA D 353 48.35 17.56 23.16
CA ALA D 353 48.55 17.53 24.60
C ALA D 353 49.58 18.57 25.04
N GLU D 354 50.80 18.44 24.51
CA GLU D 354 51.90 19.35 24.86
C GLU D 354 51.55 20.81 24.54
N GLN D 355 50.36 21.03 23.99
CA GLN D 355 49.91 22.36 23.61
C GLN D 355 48.66 22.76 24.40
N GLY D 356 48.16 21.85 25.22
CA GLY D 356 46.96 22.14 26.00
C GLY D 356 45.69 22.21 25.18
N VAL D 357 45.74 21.73 23.93
CA VAL D 357 44.56 21.76 23.08
C VAL D 357 43.70 20.53 23.38
N ASN D 358 42.41 20.73 23.53
CA ASN D 358 41.52 19.63 23.85
C ASN D 358 40.99 18.88 22.62
N ILE D 359 40.87 17.56 22.77
CA ILE D 359 40.36 16.70 21.72
C ILE D 359 38.92 16.37 22.13
N ALA D 360 37.96 16.81 21.32
CA ALA D 360 36.55 16.57 21.60
C ALA D 360 36.08 15.17 21.20
N ALA D 361 36.78 14.56 20.25
CA ALA D 361 36.44 13.22 19.79
C ALA D 361 37.60 12.68 18.97
N GLN D 362 37.79 11.37 19.04
CA GLN D 362 38.85 10.72 18.30
C GLN D 362 38.41 9.30 17.98
N TYR D 363 38.56 8.93 16.71
CA TYR D 363 38.16 7.60 16.27
C TYR D 363 39.26 7.01 15.37
N LEU D 364 39.90 5.97 15.89
CA LEU D 364 40.96 5.27 15.19
C LEU D 364 40.55 3.84 14.90
N GLN D 365 40.82 3.38 13.68
CA GLN D 365 40.53 1.99 13.33
C GLN D 365 41.76 1.55 12.54
N THR D 366 42.10 0.27 12.61
CA THR D 366 43.27 -0.22 11.91
C THR D 366 43.05 -1.55 11.22
N SER D 367 44.04 -1.87 10.43
CA SER D 367 44.12 -3.12 9.71
C SER D 367 45.52 -3.61 10.00
N ALA D 368 45.99 -4.67 9.35
CA ALA D 368 47.34 -5.12 9.60
C ALA D 368 48.33 -4.08 9.06
N GLN D 369 48.03 -3.57 7.87
CA GLN D 369 48.89 -2.58 7.22
C GLN D 369 48.73 -1.12 7.66
N MSE D 370 47.48 -0.66 7.72
CA MSE D 370 47.21 0.75 8.05
C MSE D 370 46.38 1.09 9.28
O MSE D 370 45.72 0.26 9.88
CB MSE D 370 46.50 1.44 6.90
CG MSE D 370 47.28 1.63 5.64
SE MSE D 370 46.11 2.62 4.46
CE MSE D 370 44.70 1.30 4.37
N GLY D 371 46.41 2.38 9.57
CA GLY D 371 45.66 2.94 10.68
C GLY D 371 45.07 4.22 10.13
N TYR D 372 43.82 4.50 10.50
CA TYR D 372 43.15 5.71 10.07
C TYR D 372 42.48 6.32 11.28
N VAL D 373 42.72 7.62 11.50
CA VAL D 373 42.13 8.26 12.65
C VAL D 373 41.60 9.64 12.34
N VAL D 374 40.42 9.94 12.87
CA VAL D 374 39.81 11.24 12.69
C VAL D 374 39.77 11.89 14.08
N ILE D 375 40.12 13.16 14.14
CA ILE D 375 40.18 13.87 15.40
C ILE D 375 39.48 15.24 15.36
N ASP D 376 38.62 15.47 16.34
CA ASP D 376 37.91 16.74 16.46
C ASP D 376 38.61 17.51 17.56
N ILE D 377 39.04 18.73 17.26
CA ILE D 377 39.72 19.55 18.25
C ILE D 377 39.01 20.87 18.47
N GLU D 378 39.25 21.46 19.63
CA GLU D 378 38.66 22.73 19.96
C GLU D 378 39.82 23.72 19.87
N ALA D 379 39.90 24.40 18.72
CA ALA D 379 40.96 25.35 18.46
C ALA D 379 40.65 26.18 17.23
N ASP D 380 41.50 27.16 16.95
CA ASP D 380 41.32 28.03 15.79
C ASP D 380 42.09 27.49 14.58
N GLU D 381 41.89 28.12 13.44
CA GLU D 381 42.55 27.70 12.19
C GLU D 381 44.06 27.66 12.33
N ASP D 382 44.64 28.76 12.80
CA ASP D 382 46.08 28.87 12.98
C ASP D 382 46.62 27.60 13.61
N VAL D 383 46.11 27.27 14.80
CA VAL D 383 46.53 26.09 15.52
C VAL D 383 46.25 24.82 14.72
N ALA D 384 45.07 24.75 14.12
CA ALA D 384 44.69 23.60 13.31
C ALA D 384 45.66 23.39 12.17
N GLU D 385 45.93 24.45 11.42
CA GLU D 385 46.86 24.39 10.30
C GLU D 385 48.23 23.98 10.80
N LYS D 386 48.67 24.59 11.90
CA LYS D 386 49.98 24.26 12.47
C LYS D 386 50.01 22.78 12.84
N ALA D 387 48.93 22.32 13.49
CA ALA D 387 48.84 20.92 13.89
C ALA D 387 48.97 20.00 12.69
N LEU D 388 48.32 20.38 11.59
CA LEU D 388 48.36 19.57 10.37
C LEU D 388 49.79 19.40 9.87
N GLN D 389 50.56 20.47 9.89
CA GLN D 389 51.95 20.38 9.44
C GLN D 389 52.73 19.40 10.28
N ALA D 390 52.62 19.54 11.60
CA ALA D 390 53.32 18.63 12.49
C ALA D 390 52.90 17.19 12.21
N MSE D 391 51.60 16.98 12.04
CA MSE D 391 51.05 15.65 11.78
C MSE D 391 51.66 15.00 10.53
O MSE D 391 52.05 13.84 10.57
CB MSE D 391 49.54 15.73 11.60
CG MSE D 391 48.77 15.99 12.90
SE MSE D 391 46.85 16.13 12.58
CE MSE D 391 46.66 14.62 11.38
N LYS D 392 51.74 15.76 9.45
CA LYS D 392 52.30 15.23 8.21
C LYS D 392 53.74 14.78 8.43
N ALA D 393 54.42 15.45 9.36
CA ALA D 393 55.81 15.13 9.66
C ALA D 393 56.02 13.80 10.39
N ILE D 394 55.05 13.41 11.21
CA ILE D 394 55.16 12.17 11.97
C ILE D 394 55.59 10.99 11.09
N PRO D 395 56.64 10.26 11.50
CA PRO D 395 57.12 9.11 10.73
C PRO D 395 56.07 8.02 10.56
N GLY D 396 55.93 7.52 9.34
CA GLY D 396 54.95 6.48 9.06
C GLY D 396 53.72 7.05 8.37
N THR D 397 53.58 8.36 8.42
CA THR D 397 52.47 9.06 7.81
C THR D 397 52.37 8.79 6.31
N ILE D 398 51.15 8.53 5.85
CA ILE D 398 50.91 8.32 4.44
C ILE D 398 50.29 9.60 3.93
N ARG D 399 49.29 10.10 4.66
CA ARG D 399 48.60 11.33 4.29
C ARG D 399 47.96 11.94 5.53
N ALA D 400 47.72 13.25 5.47
CA ALA D 400 47.08 13.98 6.57
C ALA D 400 46.27 15.09 5.92
N ARG D 401 45.13 15.43 6.51
CA ARG D 401 44.27 16.45 5.91
C ARG D 401 43.43 17.17 6.95
N LEU D 402 43.20 18.47 6.74
CA LEU D 402 42.36 19.27 7.63
C LEU D 402 41.02 19.32 6.93
N LEU D 403 40.00 18.74 7.56
CA LEU D 403 38.66 18.67 6.98
C LEU D 403 37.83 19.95 7.12
N TYR D 404 37.94 20.60 8.27
CA TYR D 404 37.22 21.87 8.50
C TYR D 404 37.58 22.50 9.84
PA NAD E . -23.17 1.56 -1.78
O1A NAD E . -24.51 1.45 -2.38
O2A NAD E . -22.06 1.27 -2.74
O5B NAD E . -23.02 0.47 -0.63
C5B NAD E . -23.92 0.42 0.48
C4B NAD E . -23.72 -0.99 0.97
O4B NAD E . -24.58 -1.23 2.13
C3B NAD E . -24.12 -2.07 -0.06
O3B NAD E . -23.03 -3.03 -0.25
C2B NAD E . -25.36 -2.65 0.57
O2B NAD E . -25.52 -4.02 0.18
C1B NAD E . -25.09 -2.50 2.07
N9A NAD E . -26.31 -2.48 2.86
C8A NAD E . -27.53 -1.99 2.49
N7A NAD E . -28.47 -2.11 3.44
C5A NAD E . -27.77 -2.73 4.47
C6A NAD E . -28.18 -3.15 5.77
N6A NAD E . -29.41 -3.01 6.26
N1A NAD E . -27.24 -3.74 6.58
C2A NAD E . -25.95 -3.90 6.10
N3A NAD E . -25.50 -3.53 4.90
C4A NAD E . -26.45 -2.96 4.13
O3 NAD E . -23.05 3.01 -1.13
PN NAD E . -21.70 3.87 -0.90
O1N NAD E . -21.25 4.64 -2.09
O2N NAD E . -20.63 2.96 -0.37
O5D NAD E . -22.34 4.92 0.12
C5D NAD E . -22.80 4.48 1.44
C4D NAD E . -23.40 5.69 2.12
O4D NAD E . -22.59 6.87 1.87
C3D NAD E . -24.83 6.06 1.67
O3D NAD E . -25.62 6.50 2.79
C2D NAD E . -24.59 7.20 0.70
O2D NAD E . -25.74 8.05 0.57
C1D NAD E . -23.42 7.91 1.33
N1N NAD E . -22.67 8.75 0.38
C2N NAD E . -21.76 8.19 -0.55
C3N NAD E . -21.01 9.03 -1.50
C7N NAD E . -20.07 8.33 -2.43
O7N NAD E . -19.46 9.10 -3.19
N7N NAD E . -19.87 6.97 -2.46
C4N NAD E . -21.21 10.50 -1.47
C5N NAD E . -22.20 11.02 -0.44
C6N NAD E . -22.84 10.18 0.38
PA NAD F . 16.31 8.84 13.40
O1A NAD F . 17.63 8.97 14.01
O2A NAD F . 16.03 7.46 12.91
O5B NAD F . 16.21 9.78 12.11
C5B NAD F . 16.44 11.20 12.20
C4B NAD F . 16.84 11.58 10.80
O4B NAD F . 17.10 13.02 10.73
C3B NAD F . 18.15 10.92 10.29
O3B NAD F . 17.95 10.26 9.01
C2B NAD F . 19.09 12.12 10.25
O2B NAD F . 20.12 11.95 9.27
C1B NAD F . 18.15 13.26 9.90
N9A NAD F . 18.69 14.56 10.26
C8A NAD F . 19.52 14.86 11.30
N7A NAD F . 19.83 16.16 11.39
C5A NAD F . 19.14 16.70 10.31
C6A NAD F . 19.03 18.04 9.83
N6A NAD F . 19.63 19.09 10.38
N1A NAD F . 18.26 18.25 8.72
C2A NAD F . 17.62 17.18 8.14
N3A NAD F . 17.67 15.90 8.53
C4A NAD F . 18.43 15.72 9.62
O3 NAD F . 15.23 9.36 14.46
PN NAD F . 13.66 9.02 14.51
O1N NAD F . 13.33 7.79 15.25
O2N NAD F . 13.12 9.00 13.10
O5D NAD F . 13.18 10.26 15.41
C5D NAD F . 13.27 11.62 14.92
C4D NAD F . 12.74 12.54 16.04
O4D NAD F . 11.50 12.03 16.58
C3D NAD F . 13.68 12.76 17.24
O3D NAD F . 13.63 14.14 17.66
C2D NAD F . 13.09 11.86 18.30
O2D NAD F . 13.41 12.29 19.64
C1D NAD F . 11.61 11.96 18.00
N1N NAD F . 10.86 10.82 18.58
C2N NAD F . 10.95 9.51 18.04
C3N NAD F . 10.19 8.38 18.62
C7N NAD F . 10.35 7.03 17.96
O7N NAD F . 9.68 6.15 18.52
N7N NAD F . 11.16 6.78 16.88
C4N NAD F . 9.31 8.63 19.79
C5N NAD F . 9.27 10.06 20.31
C6N NAD F . 10.00 11.02 19.72
PA NAD G . -15.60 -8.03 -15.53
O1A NAD G . -16.90 -8.22 -16.18
O2A NAD G . -15.67 -7.66 -14.10
O5B NAD G . -14.84 -6.82 -16.22
C5B NAD G . -14.58 -6.82 -17.65
C4B NAD G . -14.36 -5.35 -17.94
O4B NAD G . -14.09 -5.18 -19.36
C3B NAD G . -15.57 -4.44 -17.66
O3B NAD G . -15.17 -3.30 -16.85
C2B NAD G . -16.02 -4.09 -19.08
O2B NAD G . -16.71 -2.83 -19.07
C1B NAD G . -14.69 -4.03 -19.82
N9A NAD G . -14.81 -4.21 -21.25
C8A NAD G . -15.76 -4.92 -21.94
N7A NAD G . -15.57 -4.91 -23.26
C5A NAD G . -14.43 -4.15 -23.41
C6A NAD G . -13.69 -3.75 -24.57
N6A NAD G . -14.01 -4.08 -25.82
N1A NAD G . -12.56 -2.98 -24.38
C2A NAD G . -12.22 -2.63 -23.09
N3A NAD G . -12.85 -2.95 -21.96
C4A NAD G . -13.95 -3.71 -22.19
O3 NAD G . -14.77 -9.35 -15.78
PN NAD G . -13.56 -9.95 -14.88
O1N NAD G . -14.02 -10.76 -13.73
O2N NAD G . -12.67 -8.81 -14.45
O5D NAD G . -13.00 -10.94 -16.00
C5D NAD G . -12.52 -10.41 -17.28
C4D NAD G . -12.12 -11.59 -18.14
O4D NAD G . -11.45 -12.59 -17.32
C3D NAD G . -13.28 -12.32 -18.83
O3D NAD G . -12.89 -12.81 -20.14
C2D NAD G . -13.53 -13.48 -17.92
O2D NAD G . -14.22 -14.56 -18.58
C1D NAD G . -12.13 -13.84 -17.50
N1N NAD G . -12.07 -14.67 -16.29
C2N NAD G . -12.32 -14.11 -15.00
C3N NAD G . -12.27 -14.94 -13.78
C7N NAD G . -12.55 -14.25 -12.47
O7N NAD G . -12.48 -15.02 -11.49
N7N NAD G . -12.85 -12.91 -12.34
C4N NAD G . -11.95 -16.38 -13.92
C5N NAD G . -11.70 -16.89 -15.32
C6N NAD G . -11.76 -16.06 -16.37
PA NAD H . 21.93 -6.48 5.46
O1A NAD H . 23.27 -6.33 6.01
O2A NAD H . 21.14 -5.24 5.50
O5B NAD H . 21.08 -7.53 6.34
C5B NAD H . 21.54 -8.88 6.55
C4B NAD H . 20.78 -9.33 7.78
O4B NAD H . 21.16 -10.72 8.13
C3B NAD H . 21.08 -8.52 9.05
O3B NAD H . 19.85 -8.02 9.64
C2B NAD H . 21.83 -9.55 9.91
O2B NAD H . 21.64 -9.27 11.30
C1B NAD H . 21.17 -10.87 9.50
N9A NAD H . 21.98 -12.04 9.77
C8A NAD H . 23.35 -12.13 9.69
N7A NAD H . 23.81 -13.36 9.99
C5A NAD H . 22.65 -14.06 10.26
C6A NAD H . 22.43 -15.42 10.65
N6A NAD H . 23.38 -16.33 10.81
N1A NAD H . 21.13 -15.83 10.86
C2A NAD H . 20.12 -14.91 10.68
N3A NAD H . 20.24 -13.63 10.33
C4A NAD H . 21.52 -13.27 10.14
O3 NAD H . 22.09 -7.11 4.02
PN NAD H . 21.19 -6.88 2.69
O1N NAD H . 21.50 -5.62 1.98
O2N NAD H . 19.74 -7.02 3.06
O5D NAD H . 21.84 -8.08 1.89
C5D NAD H . 21.59 -9.47 2.28
C4D NAD H . 22.40 -10.34 1.33
O4D NAD H . 22.21 -9.89 -0.03
C3D NAD H . 23.91 -10.32 1.57
O3D NAD H . 24.49 -11.63 1.31
C2D NAD H . 24.40 -9.32 0.56
O2D NAD H . 25.79 -9.48 0.26
C1D NAD H . 23.50 -9.62 -0.61
N1N NAD H . 23.42 -8.51 -1.57
C2N NAD H . 22.68 -7.32 -1.30
C3N NAD H . 22.60 -6.22 -2.27
C7N NAD H . 21.79 -5.02 -1.87
O7N NAD H . 21.78 -4.14 -2.73
N7N NAD H . 21.13 -4.87 -0.67
C4N NAD H . 23.31 -6.35 -3.56
C5N NAD H . 24.09 -7.64 -3.78
C6N NAD H . 24.10 -8.60 -2.84
#